data_9HMF
#
_entry.id   9HMF
#
loop_
_entity.id
_entity.type
_entity.pdbx_description
1 polymer 'Flagellar protein FliL'
2 polymer 'Paralyzed flagella protein PflA'
3 polymer 'TPR domain protein'
4 polymer 'PDZ domain-containing protein'
5 polymer 'Lipoprotein, putative'
6 polymer 'Chemotaxis protein MotB, putative'
#
loop_
_entity_poly.entity_id
_entity_poly.type
_entity_poly.pdbx_seq_one_letter_code
_entity_poly.pdbx_strand_id
1 'polypeptide(L)'
;MDEELENEETKKKKGGSLVIIIVILLFVLLLSIMGVIAWLISSSSSDESEVKEAPKEEAKADKPKVSAPTQRGSDFANIG
PMYPLDPFTLNLLSDSGSRYVKCTIELEQNSELLKPELDKKVPVIRDIIIRTLTAKTFEEVSTQKGKERLKDELVGKINE
ILTDGFIKNVYFTDFVVS
;
O,P,Q,R
2 'polypeptide(L)'
;MRILFLILLSFLNAFAFELVLNTGRENNQAFAVLHASNDLEFTCQKFITEAKVHFECDIVGMVDNKLKDQSFSAFDLKFI
QEAQKIKMIILPKIQARMFDTSQNIYIDKELSSSSSHKSKAFTFIFTPELAPIKDYDGLDFNINFPHESLPYVGALDLNS
DPVVIPQSADINTYLRIKKEYDKANYNQVVIDAQNAINRYRGSIFTSEFILYKLRAQNKLYTQDPSMRDQQILEKMIDDA
KNWTRTFTSDKNFSEVLHIMLRTYIALAQRADVEYTMSILDNEQPNNYFTQLSKLDYADYIYNLNEKEKAVNIYENTYFN
TKNLDLAARAAMSLAKNLLSNEQVNKAIEYINTILKANPEYFGKDIPRSLELAKLFNQKGQFDISASIYEDAFAKMSKLD
PSYEETLKDLALVLSHANRSSDAKKYLDLYMDDYLDGKYLDEIKKASDEVFFALGDNNASFLHQRYTDLMKQYANKDENI
ANKALDEDVALYYKEGNFSAILAYKDLIESKKIPNATQFLEKAAINDLKNAIKADNCINAANIFMRFSAYDIGQKIENKK
QMLACLIRTSNVEQALDYIDKNYNEDSIFYGLQKASILFDNKQYPQVIKISKDIANSRILKSDDENFKAYYLQFLSLLRL
NDYNQAIKILQILESFPMNFSMVEAYDALLSYANDHNMQTTILTYAPKAIDYQNFKGINLFSPNLEFIYLDALTKINKNE
ESLAVLTDLLKLKLSDEDRARALYIQALTYERMQNIQAEKESLKQCLEIKSASNWQNLCKSKNQILNQ
;
K
3 'polypeptide(L)'
;MAEQEDIILEKPEDGLNQPRLDESLEGFKGQEGQAPEDEEFASLPEELPQENSESGFKFTRESAPEDVSTFEEVESQEPT
PWYKDRKFMSLVGLSLGIICILVFTLFYLTFSEGKIKPDIIASKPLEQPVVMPDESYKYNDMQRIDGMIQKANALYLKGE
VEQALKVYEQVAVYNESLSNYNLGVSQMNENKFQEAFESFKKAIANGENQSVAAINAAVCALKLNDKEKFRYYIDLAQVY
LPKEGKSKLYDYYLSLINYYKGYYPEALQMLQRTDMEPYSDVAKYLSAKIYAKMDFDSKAIQQLNSQGNFESSLSLGLLY
ARIGEYAKAKVALSTAMKIERDFNQSLAALTLVDIKTGNYQDMLARLQNSYDNDKDRYKILDAYKIQVRLNKDLFNIAVA
QNSFSKDLLKKQKDQFDLLFYFAPYQVFDSKQAALYIKKANVTDFVDDSADAGVYLNTSKALSSTNVKIANIINYALNQK
LRLANQEFQKLIKDYPEHSILHYNLALTYAQMQNYELAYKHFSSSYHLNPKNYLAGAFAMFCAKLIDIDTTKLYNEILDN
IAADSNFKANMQKSMLFLVNNNYISMLPYLDETKKDTPLSLIFEAIVAKNNNLNNQVDVKIAKLRSELPEDILANILYFN
SLNSNLNIKEYAQNAQIHFKNLKLDYRSVFGGPNIAREFYVNLMHIAGLLNLERQKIKELINVSGAKDEGILQTLAYLDI
FAQQYEEAYALYNSLIDDYGAKDTKTLFLAAVAAIGANNPNSAIALLQLSKLTDKNNKESKAALGMLYQEVKNYEAAISQ
YKTLPNNFKSEFFTFDINNN
;
L
4 'polypeptide(L)'
;MKKILIICMLFTLSFGIERPKFEDFLAGYERNKASMLNYEGMPAFALSENLLAVLKQPNTKLNKYVKYDPFLNLYLVRTD
FSLIPTPMGDEEKLTRNDWVGIWDPNKPYIGHIKYLAQNIDEKDQLDFNSKIGLLGTPCCEMMGIALNNSSFIGNRYLKH
FMKYNDVYWGDIGVDFVVRENKIYVNNVRKNPQFLINDQVISVDGLPANDLRKLNEKILFADRGSTLYFQVLRDNMDLNI
STEVFAKDLSKFNLPDSKPKPKITNFTSNLGLTVNTSLVVTKIDPKSKASNAGFMVGDKILRVNNIILNNFKELQNILSA
GNDFSILIERKSTKLPLSNFNNELGGNANSGGDGKFQFFIRLTK
;
D,E,F,G,H,I,J
5 'polypeptide(L)'
;MKKIYFMLAIAGIFAGCVPSANSATKNSSANSTAPSQDVIVQKVDKDDVRDIIREEKMLAPDASETELSFTAVGEGIAPM
NTVSTAQALALAKRAAITDAYRQLASKLYGVKVNGKDTVKDAMLRSSTITAQVNGLIKNASIIDENFNQGLYRVNLELKI
DADKWKELFAY
;
C,B,A
6 'polypeptide(L)'
;MAKKHKCPECPAGEKWAVPYADFLSLLLALFIALWAISKTNPAKVEALKTEFVKIFDYTSTQTVKEESKTQEKYKGAAKE
ESDELKSLKQMTMTQQETIKRLQAALDQSDNQVALNLPSKVEFERGSAQIVSADIQDYLKRMAELTTYLPPQAKIEIRGY
TDNSDSIIRSYELAYQRAENVLKYFIEGGANLKNISIKSYGLNNPINGNPQALENNRVEIYFKVDTADTSTQKSVLELIN
KIGTKAP
;
M,N
#
# COMPACT_ATOMS: atom_id res chain seq x y z
CA PRO A 81 24.31 73.78 -62.40
CA MET A 82 25.14 73.30 -58.70
CA TYR A 83 22.25 72.61 -56.33
CA PRO A 84 22.92 72.93 -52.57
CA LEU A 85 20.86 70.91 -50.09
CA ASP A 86 20.69 71.72 -46.31
CA PRO A 87 22.82 69.85 -43.72
CA PHE A 88 22.15 66.22 -42.88
CA THR A 89 22.66 65.11 -39.29
CA LEU A 90 22.40 61.40 -38.69
CA ASN A 91 23.44 58.48 -36.52
CA LEU A 92 26.16 56.22 -37.91
CA LEU A 93 26.20 52.47 -37.17
CA SER A 94 28.81 51.92 -34.41
CA ASP A 95 29.81 49.31 -31.82
CA SER A 96 31.39 52.11 -29.72
CA GLY A 97 28.29 53.82 -28.28
CA SER A 98 26.59 56.47 -30.41
CA ARG A 99 28.35 58.30 -33.27
CA TYR A 100 27.01 60.93 -35.61
CA VAL A 101 27.60 62.38 -39.06
CA LYS A 102 27.03 66.04 -39.82
CA CYS A 103 27.32 66.75 -43.50
CA THR A 104 26.37 69.44 -46.07
CA ILE A 105 25.81 68.13 -49.61
CA GLU A 106 25.81 69.78 -53.03
CA LEU A 107 24.97 68.06 -56.32
CA GLU A 108 26.31 68.84 -59.82
CA GLN A 109 23.45 68.52 -62.31
CA ASN A 110 23.99 67.34 -65.93
CA SER A 111 21.77 70.08 -67.45
CA GLU A 112 19.66 73.08 -66.36
CA LEU A 113 16.29 71.23 -66.74
CA LEU A 114 17.26 68.80 -64.00
CA LYS A 115 17.15 71.87 -61.65
CA PRO A 116 13.28 72.04 -61.44
CA GLU A 117 13.06 68.22 -61.05
CA LEU A 118 15.58 68.04 -58.12
CA ASP A 119 13.64 70.83 -56.31
CA LYS A 120 10.27 69.05 -56.91
CA LYS A 121 11.84 65.79 -55.68
CA VAL A 122 13.71 67.55 -52.77
CA PRO A 123 11.98 65.30 -50.03
CA VAL A 124 12.87 62.02 -51.85
CA ILE A 125 16.51 63.09 -52.26
CA ARG A 126 16.72 63.90 -48.55
CA ASP A 127 15.11 60.48 -47.60
CA ILE A 128 17.46 58.55 -50.00
CA ILE A 129 20.53 60.38 -48.65
CA ILE A 130 19.39 59.84 -45.02
CA ARG A 131 18.93 56.09 -45.62
CA THR A 132 22.37 55.78 -47.33
CA LEU A 133 24.37 57.84 -44.79
CA THR A 134 22.77 56.17 -41.64
CA ALA A 135 23.73 52.73 -42.89
CA LYS A 136 27.47 53.51 -42.59
CA THR A 137 29.94 52.93 -39.79
CA PHE A 138 32.59 55.46 -38.71
CA GLU A 139 35.32 53.36 -40.44
CA GLU A 140 33.37 53.29 -43.73
CA VAL A 141 33.30 57.15 -43.96
CA SER A 142 36.54 58.33 -42.20
CA THR A 143 38.87 57.56 -45.18
CA GLN A 144 38.81 59.36 -48.54
CA LYS A 145 38.08 56.02 -50.27
CA GLY A 146 35.04 55.63 -47.94
CA LYS A 147 33.76 59.15 -48.76
CA GLU A 148 34.18 58.59 -52.55
CA ARG A 149 32.32 55.23 -52.38
CA LEU A 150 29.67 57.10 -50.36
CA LYS A 151 29.38 59.89 -53.00
CA ASP A 152 29.02 57.18 -55.71
CA GLU A 153 26.32 55.32 -53.71
CA LEU A 154 24.42 58.61 -53.15
CA VAL A 155 24.74 59.72 -56.81
CA GLY A 156 23.74 56.36 -58.31
CA LYS A 157 20.64 55.83 -56.13
CA ILE A 158 19.51 59.44 -56.65
CA ASN A 159 19.95 58.97 -60.46
CA GLU A 160 17.61 55.92 -60.48
CA ILE A 161 14.45 58.11 -59.97
CA LEU A 162 15.51 61.21 -61.98
CA THR A 163 14.34 61.45 -65.57
CA ASP A 164 15.21 64.96 -66.93
CA GLY A 165 18.89 64.26 -66.28
CA PHE A 166 21.42 62.85 -63.86
CA ILE A 167 23.62 63.95 -60.97
CA LYS A 168 27.22 64.09 -62.29
CA ASN A 169 28.95 64.62 -58.94
CA VAL A 170 28.41 64.89 -55.19
CA TYR A 171 30.41 67.40 -53.14
CA PHE A 172 30.62 67.83 -49.38
CA THR A 173 31.01 71.47 -48.27
CA ASP A 174 31.13 70.40 -44.59
CA PHE A 175 31.65 66.90 -43.14
CA VAL A 176 32.30 66.09 -39.46
CA VAL A 177 31.92 63.00 -37.29
CA SER A 178 30.88 63.70 -33.70
CA PRO B 81 0.83 65.97 -53.64
CA MET B 82 3.45 66.11 -50.85
CA TYR B 83 2.31 67.31 -47.43
CA PRO B 84 5.01 68.23 -44.87
CA LEU B 85 4.30 67.97 -41.15
CA ASP B 86 6.46 69.69 -38.44
CA PRO B 87 9.17 67.77 -36.49
CA PHE B 88 8.26 65.11 -33.95
CA THR B 89 10.42 64.81 -30.85
CA LEU B 90 9.68 61.83 -28.65
CA ASN B 91 11.04 59.38 -26.11
CA LEU B 92 11.90 55.92 -27.39
CA LEU B 93 11.48 52.81 -25.20
CA SER B 94 14.96 51.91 -23.90
CA ASP B 95 16.61 49.84 -21.15
CA SER B 96 19.70 52.12 -21.38
CA GLY B 97 18.42 55.29 -19.64
CA SER B 98 16.50 57.79 -21.76
CA ARG B 99 16.72 57.94 -25.57
CA TYR B 100 14.96 60.22 -28.00
CA VAL B 101 13.85 60.38 -31.60
CA LYS B 102 13.81 63.62 -33.54
CA CYS B 103 12.15 63.21 -36.90
CA THR B 104 10.59 65.33 -39.69
CA ILE B 105 7.86 63.56 -41.69
CA GLU B 106 6.33 64.14 -45.12
CA LEU B 107 3.42 62.20 -46.61
CA GLU B 108 2.73 61.45 -50.30
CA GLN B 109 -1.03 61.79 -50.91
CA ASN B 110 -2.88 59.64 -53.49
CA SER B 111 -4.87 62.59 -54.94
CA GLU B 112 -5.24 66.37 -54.47
CA LEU B 113 -8.57 66.11 -52.52
CA LEU B 114 -6.82 64.25 -49.72
CA LYS B 115 -4.90 67.55 -49.14
CA PRO B 116 -7.81 69.40 -47.39
CA GLU B 117 -8.65 66.26 -45.33
CA LEU B 118 -5.06 65.76 -44.00
CA ASP B 119 -4.93 69.46 -42.95
CA LYS B 120 -8.38 69.19 -41.21
CA LYS B 121 -7.20 65.99 -39.50
CA VAL B 122 -3.67 67.43 -38.76
CA PRO B 123 -4.05 66.88 -34.87
CA VAL B 124 -5.12 63.21 -35.25
CA ILE B 125 -2.20 62.49 -37.61
CA ARG B 126 0.23 64.00 -35.11
CA ASP B 127 -1.32 61.96 -32.19
CA ILE B 128 -1.23 58.68 -34.25
CA ILE B 129 2.38 59.30 -35.29
CA ILE B 130 3.39 60.21 -31.70
CA ARG B 131 1.82 56.99 -30.35
CA THR B 132 3.52 54.84 -33.04
CA LEU B 133 7.02 56.40 -32.79
CA THR B 134 7.12 56.40 -28.87
CA ALA B 135 6.39 52.69 -28.79
CA LYS B 136 9.70 51.85 -30.50
CA THR B 137 13.10 50.97 -29.08
CA PHE B 138 16.40 52.32 -30.47
CA GLU B 139 17.13 48.89 -32.09
CA GLU B 140 13.72 48.86 -33.84
CA VAL B 141 14.42 52.19 -35.66
CA SER B 142 18.26 52.27 -36.17
CA THR B 143 18.27 49.88 -39.19
CA GLN B 144 16.77 50.64 -42.62
CA LYS B 145 14.45 47.61 -42.22
CA GLY B 146 13.23 49.15 -38.90
CA LYS B 147 12.57 52.55 -40.53
CA GLU B 148 10.67 50.96 -43.47
CA ARG B 149 8.50 48.86 -41.07
CA LEU B 150 7.96 52.12 -39.14
CA LYS B 151 6.90 54.03 -42.33
CA ASP B 152 4.47 51.15 -43.15
CA GLU B 153 3.00 51.18 -39.60
CA LEU B 154 2.57 54.99 -39.77
CA VAL B 155 1.04 54.92 -43.29
CA GLY B 156 -1.38 52.05 -42.59
CA LYS B 157 -2.76 53.45 -39.29
CA ILE B 158 -3.11 56.95 -40.80
CA ASN B 159 -4.99 55.42 -43.80
CA GLU B 160 -7.58 53.76 -41.49
CA ILE B 161 -9.29 57.13 -40.67
CA LEU B 162 -8.85 58.88 -44.07
CA THR B 163 -11.75 58.72 -46.52
CA ASP B 164 -10.99 61.06 -49.49
CA GLY B 165 -7.86 59.03 -50.25
CA PHE B 166 -4.82 57.33 -48.80
CA ILE B 167 -1.19 58.05 -47.94
CA LYS B 168 0.96 56.31 -50.58
CA ASN B 169 4.34 56.87 -48.91
CA VAL B 170 6.05 58.25 -45.81
CA TYR B 171 9.39 60.09 -46.15
CA PHE B 172 11.75 61.29 -43.44
CA THR B 173 13.53 64.58 -44.31
CA ASP B 174 15.42 64.49 -40.98
CA PHE B 175 15.83 61.59 -38.54
CA VAL B 176 18.22 61.52 -35.55
CA VAL B 177 18.41 59.52 -32.32
CA SER B 178 19.75 61.44 -29.34
CA PRO C 81 -14.95 70.91 -33.39
CA MET C 82 -11.30 70.65 -32.28
CA TYR C 83 -10.15 72.91 -29.44
CA PRO C 84 -6.38 73.28 -28.86
CA LEU C 85 -5.06 74.13 -25.40
CA ASP C 86 -1.48 75.45 -24.76
CA PRO C 87 1.36 73.13 -23.59
CA PHE C 88 1.37 71.63 -20.11
CA THR C 89 4.73 71.23 -18.37
CA LEU C 90 4.63 69.32 -15.11
CA ASN C 91 6.55 67.17 -12.67
CA LEU C 92 5.83 63.44 -12.77
CA LEU C 93 5.97 61.30 -9.61
CA SER C 94 9.32 59.44 -9.68
CA ASP C 95 11.67 57.58 -7.35
CA SER C 96 14.56 58.39 -9.72
CA GLY C 97 15.13 62.10 -8.97
CA SER C 98 12.98 64.61 -10.83
CA ARG C 99 11.18 63.82 -14.11
CA TYR C 100 8.95 66.01 -16.21
CA VAL C 101 6.16 65.78 -18.75
CA LYS C 102 5.82 68.28 -21.57
CA CYS C 103 2.60 67.81 -23.45
CA THR C 104 0.29 69.68 -25.88
CA ILE C 105 -3.40 68.70 -25.68
CA GLU C 106 -6.33 69.05 -28.06
CA LEU C 107 -9.93 68.08 -27.29
CA GLU C 108 -12.61 66.86 -29.73
CA GLN C 109 -15.95 68.46 -28.75
CA ASN C 110 -19.30 66.66 -29.26
CA SER C 111 -21.05 69.75 -30.73
CA GLU C 112 -20.28 73.40 -31.63
CA LEU C 113 -22.04 74.86 -28.51
CA LEU C 114 -19.52 73.14 -26.25
CA LYS C 115 -16.92 75.50 -27.86
CA PRO C 116 -17.98 78.66 -25.89
CA GLU C 117 -18.27 76.61 -22.63
CA LEU C 118 -14.73 75.09 -22.89
CA ASP C 119 -13.27 78.59 -23.50
CA LYS C 120 -15.21 80.05 -20.50
CA LYS C 121 -14.05 77.10 -18.38
CA VAL C 122 -10.45 77.21 -19.83
CA PRO C 123 -8.81 77.72 -16.28
CA VAL C 124 -10.70 74.75 -14.73
CA ILE C 125 -9.71 72.46 -17.63
CA ARG C 126 -6.07 73.45 -17.20
CA ASP C 127 -6.23 72.85 -13.36
CA ILE C 128 -7.97 69.42 -13.84
CA ILE C 129 -5.42 68.37 -16.47
CA ILE C 130 -2.50 69.60 -14.30
CA ARG C 131 -3.77 67.60 -11.29
CA THR C 132 -4.28 64.42 -13.41
CA LEU C 133 -0.93 64.56 -15.28
CA THR C 134 1.23 65.38 -12.12
CA ALA C 135 -0.15 62.35 -10.32
CA LYS C 136 1.49 59.94 -12.82
CA THR C 137 4.83 58.17 -12.78
CA PHE C 138 7.10 57.82 -15.84
CA GLU C 139 6.09 54.11 -16.17
CA GLU C 140 2.36 54.99 -16.12
CA VAL C 141 2.70 57.32 -19.19
CA SER C 142 5.60 55.82 -21.29
CA THR C 143 3.48 52.99 -22.85
CA GLN C 144 0.60 53.49 -25.30
CA LYS C 145 -1.75 51.75 -22.82
CA GLY C 146 -0.65 54.32 -20.18
CA LYS C 147 -1.32 57.26 -22.53
CA GLU C 148 -4.77 55.92 -23.51
CA ARG C 149 -5.75 55.39 -19.82
CA LEU C 150 -4.45 58.95 -19.26
CA LYS C 151 -6.61 60.36 -22.14
CA ASP C 152 -9.65 58.53 -20.68
CA GLU C 153 -8.97 59.89 -17.16
CA LEU C 154 -8.58 63.45 -18.56
CA VAL C 155 -11.71 63.19 -20.76
CA GLY C 156 -13.96 61.69 -18.07
CA LYS C 157 -13.03 64.20 -15.31
CA ILE C 158 -13.35 67.14 -17.73
CA ASN C 159 -16.82 65.83 -18.80
CA GLU C 160 -18.08 65.83 -15.16
CA ILE C 161 -18.31 69.69 -15.05
CA LEU C 162 -19.37 70.35 -18.70
CA THR C 163 -23.08 70.75 -19.40
CA ASP C 164 -23.52 71.92 -23.06
CA GLY C 165 -21.80 68.74 -24.24
CA PHE C 166 -18.91 66.37 -23.70
CA ILE C 167 -15.32 65.83 -24.82
CA LYS C 168 -15.33 62.86 -27.24
CA ASN C 169 -11.56 62.44 -27.53
CA VAL C 170 -8.21 63.71 -26.26
CA TYR C 171 -5.26 64.02 -28.65
CA PHE C 172 -1.62 64.80 -27.91
CA THR C 173 0.08 66.87 -30.63
CA ASP C 174 3.39 66.81 -28.68
CA PHE C 175 4.38 64.58 -25.74
CA VAL C 176 7.90 64.26 -24.29
CA VAL C 177 9.34 63.11 -20.96
CA SER C 178 12.44 64.99 -19.84
CA PRO D 81 -16.35 85.47 -12.00
CA MET D 82 -12.78 84.18 -12.47
CA TYR D 83 -9.93 86.39 -11.23
CA PRO D 84 -6.38 85.54 -12.40
CA LEU D 85 -3.39 86.49 -10.25
CA ASP D 86 0.23 86.60 -11.58
CA PRO D 87 2.70 83.69 -11.04
CA PHE D 88 4.07 82.91 -7.60
CA THR D 89 7.66 81.70 -7.37
CA LEU D 90 8.76 80.53 -3.94
CA ASN D 91 11.11 78.30 -1.99
CA LEU D 92 9.63 75.09 -0.62
CA LEU D 93 10.82 73.60 2.70
CA SER D 94 13.22 70.75 1.83
CA ASP D 95 15.93 68.62 3.43
CA SER D 96 17.40 67.99 -0.05
CA GLY D 97 19.06 71.36 -0.79
CA SER D 98 16.89 74.08 -2.28
CA ARG D 99 13.60 73.39 -4.09
CA TYR D 100 11.16 75.81 -5.65
CA VAL D 101 7.51 76.10 -6.60
CA LYS D 102 6.39 78.05 -9.65
CA CYS D 103 2.65 78.38 -9.77
CA THR D 104 -0.07 80.47 -11.49
CA ILE D 105 -3.31 80.84 -9.49
CA GLU D 106 -6.87 81.75 -10.42
CA LEU D 107 -9.75 82.20 -7.98
CA GLU D 108 -13.48 81.56 -8.57
CA GLN D 109 -15.47 84.34 -6.86
CA ASN D 110 -18.94 83.72 -5.34
CA SER D 111 -20.46 86.92 -6.83
CA GLU D 112 -19.47 89.88 -9.06
CA LEU D 113 -19.10 92.36 -6.12
CA LEU D 114 -16.25 90.31 -4.68
CA LYS D 115 -14.32 91.33 -7.87
CA PRO D 116 -13.57 94.96 -6.72
CA GLU D 117 -12.67 93.72 -3.19
CA LEU D 118 -10.13 91.07 -4.40
CA ASP D 119 -8.43 93.71 -6.61
CA LYS D 120 -8.30 96.23 -3.69
CA LYS D 121 -6.92 93.47 -1.44
CA VAL D 122 -4.56 92.12 -4.21
CA PRO D 123 -1.33 92.64 -2.00
CA VAL D 124 -2.82 90.79 1.03
CA ILE D 125 -3.91 87.84 -1.15
CA ARG D 126 -0.40 87.61 -2.60
CA ASP D 127 1.20 87.76 0.95
CA ILE D 128 -1.24 85.10 2.32
CA ILE D 129 -0.61 82.81 -0.66
CA ILE D 130 3.20 83.33 -0.39
CA ARG D 131 3.14 82.44 3.33
CA THR D 132 1.00 79.29 2.71
CA LEU D 133 2.94 77.96 -0.32
CA THR D 134 6.48 78.54 1.24
CA ALA D 135 5.54 76.51 4.29
CA LYS D 136 5.18 73.31 2.23
CA THR D 137 7.65 70.54 1.42
CA PHE D 138 7.99 68.92 -2.02
CA GLU D 139 6.16 65.78 -0.72
CA GLU D 140 3.22 67.87 0.57
CA VAL D 141 2.53 69.37 -2.92
CA SER D 142 3.62 66.64 -5.45
CA THR D 143 0.46 64.47 -5.03
CA GLN D 144 -3.06 65.49 -6.10
CA LYS D 145 -4.23 65.10 -2.46
CA GLY D 146 -1.45 67.56 -1.44
CA LYS D 147 -2.51 70.11 -4.10
CA GLU D 148 -6.21 69.86 -3.09
CA ARG D 149 -5.34 70.34 0.63
CA LEU D 150 -3.21 73.29 -0.52
CA LYS D 151 -6.11 74.83 -2.54
CA ASP D 152 -8.38 74.41 0.54
CA GLU D 153 -5.79 76.05 2.85
CA LEU D 154 -5.38 78.96 0.38
CA VAL D 155 -9.15 79.41 -0.13
CA GLY D 156 -10.05 79.24 3.57
CA LYS D 157 -7.38 81.73 4.77
CA ILE D 158 -8.20 84.14 1.93
CA ASN D 159 -11.93 83.91 2.84
CA GLU D 160 -11.23 84.96 6.47
CA ILE D 161 -10.52 88.64 5.48
CA LEU D 162 -13.05 88.97 2.59
CA THR D 163 -16.44 90.48 3.38
CA ASP D 164 -18.34 91.08 0.08
CA GLY D 165 -18.16 87.35 -0.66
CA PHE D 166 -15.97 84.28 -0.66
CA ILE D 167 -13.60 82.37 -2.94
CA LYS D 168 -15.44 79.21 -4.08
CA ASN D 169 -12.48 77.50 -5.75
CA VAL D 170 -8.75 77.75 -6.44
CA TYR D 171 -7.35 76.64 -9.81
CA PHE D 172 -3.75 76.25 -10.91
CA THR D 173 -3.18 77.12 -14.61
CA ASP D 174 0.55 76.28 -14.27
CA PHE D 175 2.33 74.39 -11.48
CA VAL D 176 5.95 73.16 -11.59
CA VAL D 177 8.54 72.18 -8.98
CA SER D 178 12.12 73.06 -9.87
CA ALA E 16 62.09 15.10 -41.55
CA PHE E 17 64.08 18.30 -42.27
CA GLU E 18 63.43 20.35 -45.44
CA LEU E 19 65.37 23.11 -47.25
CA VAL E 20 63.86 25.30 -50.05
CA LEU E 21 66.04 27.88 -51.96
CA ASN E 22 64.55 30.63 -54.20
CA THR E 23 66.54 33.26 -56.21
CA GLY E 24 65.42 36.26 -58.27
CA ARG E 25 65.84 39.92 -59.31
CA GLU E 26 64.06 43.01 -57.94
CA ASN E 27 64.70 46.38 -59.73
CA ASN E 28 67.74 44.70 -61.44
CA GLN E 29 69.33 43.74 -58.02
CA ALA E 30 69.83 40.00 -57.26
CA PHE E 31 68.33 38.38 -54.11
CA ALA E 32 68.15 34.91 -52.52
CA VAL E 33 65.66 33.41 -49.95
CA LEU E 34 66.30 30.19 -47.97
CA HIS E 35 63.44 28.37 -46.09
CA ALA E 36 64.21 25.74 -43.38
CA SER E 37 61.46 23.60 -41.79
CA ASN E 38 61.29 20.55 -39.47
CA ASP E 39 58.65 18.26 -37.85
CA LEU E 40 60.25 19.01 -34.42
CA GLU E 41 61.36 22.47 -33.20
CA PHE E 42 64.97 23.35 -34.07
CA THR E 43 67.16 26.33 -33.17
CA CYS E 44 68.57 29.04 -35.46
CA GLN E 45 70.87 31.81 -34.16
CA LYS E 46 72.68 34.89 -35.55
CA PHE E 47 76.36 35.61 -34.79
CA ILE E 48 78.62 38.61 -35.53
CA THR E 49 82.43 38.17 -35.97
CA GLU E 50 84.92 40.73 -37.40
CA ALA E 51 81.94 42.92 -38.55
CA LYS E 52 80.54 40.00 -40.67
CA VAL E 53 77.30 38.12 -39.83
CA HIS E 54 76.79 34.31 -39.84
CA PHE E 55 73.98 31.96 -38.77
CA GLU E 56 74.09 28.52 -37.05
CA CYS E 57 71.18 26.05 -36.72
CA ASP E 58 70.82 22.83 -34.60
CA ILE E 59 68.39 20.11 -35.85
CA VAL E 60 67.38 16.80 -34.13
CA GLY E 61 67.95 13.64 -36.26
CA MET E 62 70.41 11.29 -38.09
CA VAL E 63 71.32 11.31 -41.86
CA ASP E 64 72.85 8.06 -43.30
CA ASN E 65 75.19 10.02 -45.68
CA LYS E 66 77.69 12.82 -44.75
CA LEU E 67 76.16 16.19 -45.82
CA LYS E 68 78.34 18.06 -48.38
CA ASP E 69 78.95 21.83 -48.13
CA GLN E 70 77.22 24.03 -50.79
CA SER E 71 78.24 27.44 -52.23
CA PHE E 72 75.77 30.03 -53.67
CA SER E 73 76.18 33.58 -55.12
CA ALA E 74 74.62 35.18 -51.98
CA PHE E 75 75.97 32.78 -49.23
CA ASP E 76 77.84 29.53 -48.33
CA LEU E 77 76.17 26.55 -46.54
CA LYS E 78 78.16 24.16 -44.26
CA PHE E 79 77.08 21.02 -42.33
CA ILE E 80 78.45 19.31 -39.17
CA GLN E 81 77.03 15.87 -38.14
CA GLU E 82 76.79 14.68 -34.50
CA ALA E 83 75.51 11.40 -32.90
CA GLN E 84 71.86 12.67 -32.42
CA LYS E 85 71.84 16.16 -34.11
CA ILE E 86 72.83 17.97 -37.32
CA LYS E 87 74.40 21.49 -37.26
CA MET E 88 73.97 23.80 -40.29
CA ILE E 89 75.99 27.05 -40.83
CA ILE E 90 75.18 29.99 -43.19
CA LEU E 91 77.85 32.51 -44.31
CA PRO E 92 76.45 35.60 -46.20
CA LYS E 93 78.31 37.42 -49.00
CA ILE E 94 75.67 40.24 -49.02
CA GLN E 95 73.35 41.67 -46.27
CA ALA E 96 71.19 38.98 -44.57
CA ARG E 97 68.43 38.46 -41.91
CA MET E 98 66.59 35.60 -40.17
CA PHE E 99 62.87 35.43 -39.29
CA ASP E 100 60.73 32.89 -37.42
CA THR E 101 57.96 31.78 -39.82
CA SER E 102 56.18 29.04 -37.80
CA GLN E 103 53.15 31.27 -36.98
CA ASN E 104 50.41 30.99 -39.64
CA ILE E 105 49.57 34.70 -40.28
CA TYR E 106 46.73 33.64 -42.62
CA ILE E 107 44.85 32.04 -39.63
CA ASP E 108 46.10 34.36 -36.84
CA LYS E 109 44.84 37.95 -36.27
CA GLU E 110 47.54 38.80 -33.66
CA LEU E 111 51.25 38.69 -34.66
CA SER E 112 54.03 37.96 -32.11
CA SER E 113 57.61 39.37 -32.42
CA SER E 114 60.02 37.46 -34.81
CA SER E 115 62.78 37.42 -32.12
CA SER E 116 62.53 33.63 -31.36
CA HIS E 117 65.73 31.55 -31.82
CA LYS E 118 63.72 28.25 -31.59
CA SER E 119 61.01 27.27 -34.11
CA LYS E 120 59.63 24.58 -36.51
CA ALA E 121 60.26 26.99 -39.45
CA PHE E 122 62.78 29.78 -40.25
CA THR E 123 63.32 32.04 -43.28
CA PHE E 124 66.67 33.65 -44.27
CA ILE E 125 66.83 36.58 -46.79
CA PHE E 126 69.97 37.70 -48.72
CA THR E 127 69.93 41.05 -50.63
CA PRO E 128 72.27 44.06 -51.33
CA GLU E 129 70.05 46.44 -49.22
CA LEU E 130 68.23 45.53 -45.91
CA ALA E 131 66.25 48.21 -43.97
CA PRO E 132 67.73 48.89 -40.42
CA ILE E 133 65.55 47.90 -37.40
CA LYS E 134 64.98 51.31 -35.66
CA ASP E 135 65.04 50.79 -31.84
CA TYR E 136 62.16 53.08 -30.79
CA ASP E 137 61.37 53.88 -27.10
CA GLY E 138 57.81 52.53 -27.72
CA LEU E 139 55.54 49.87 -26.11
CA ASP E 140 56.43 46.42 -27.68
CA PHE E 141 52.78 45.39 -28.34
CA ASN E 142 51.85 42.36 -30.49
CA ILE E 143 50.14 43.69 -33.70
CA ASN E 144 46.43 42.86 -34.22
CA PHE E 145 44.71 42.71 -37.67
CA PRO E 146 40.95 42.39 -36.85
CA HIS E 147 40.00 41.43 -40.45
CA GLU E 148 41.00 37.70 -40.74
CA SER E 149 42.86 37.47 -44.08
CA LEU E 150 42.17 34.23 -46.01
CA PRO E 151 42.36 35.96 -49.47
CA TYR E 152 40.42 34.40 -52.37
CA VAL E 153 39.45 35.41 -55.96
CA GLY E 154 36.02 36.90 -56.87
CA ALA E 155 33.68 36.24 -59.84
CA LEU E 156 35.25 35.94 -63.35
CA ASP E 157 33.89 36.65 -66.87
CA LEU E 158 34.27 34.72 -70.20
CA ASN E 159 37.85 36.23 -70.49
CA SER E 160 38.86 35.18 -66.88
CA ASP E 161 38.83 38.93 -65.85
CA PRO E 162 37.21 40.16 -62.56
CA VAL E 163 33.42 40.77 -62.80
CA VAL E 164 32.47 44.05 -61.13
CA ILE E 165 28.88 43.22 -60.05
CA PRO E 166 26.53 46.05 -61.28
CA GLN E 167 25.89 48.71 -58.64
CA SER E 168 22.65 49.22 -60.72
CA ALA E 169 19.26 49.45 -58.93
CA ASP E 170 17.67 47.00 -61.47
CA ILE E 171 18.00 43.92 -59.21
CA ASN E 172 16.34 45.74 -56.26
CA THR E 173 13.54 46.99 -58.61
CA TYR E 174 12.99 43.40 -59.86
CA LEU E 175 12.84 42.12 -56.25
CA ARG E 176 10.43 44.96 -55.28
CA ILE E 177 8.22 43.86 -58.23
CA LYS E 178 8.32 40.27 -56.83
CA LYS E 179 7.54 41.54 -53.28
CA GLU E 180 4.48 43.52 -54.54
CA TYR E 181 3.40 40.35 -56.46
CA ASP E 182 3.78 38.33 -53.19
CA LYS E 183 1.59 41.06 -51.51
CA ALA E 184 -0.98 40.53 -54.33
CA ASN E 185 -0.61 44.28 -55.25
CA TYR E 186 -0.94 43.32 -58.96
CA ASN E 187 -1.91 46.88 -60.10
CA GLN E 188 1.40 48.22 -58.67
CA VAL E 189 3.29 45.19 -60.17
CA VAL E 190 2.08 46.06 -63.72
CA ILE E 191 3.05 49.74 -63.22
CA ASP E 192 6.51 48.95 -61.74
CA ALA E 193 7.25 46.26 -64.36
CA GLN E 194 6.41 48.58 -67.29
CA ASN E 195 8.46 51.43 -65.71
CA ALA E 196 11.39 48.94 -65.25
CA ILE E 197 11.21 48.06 -69.02
CA ASN E 198 11.11 51.83 -69.97
CA ARG E 199 13.92 52.68 -67.52
CA TYR E 200 16.68 49.92 -67.66
CA ARG E 201 16.34 49.28 -71.52
CA GLY E 202 19.72 47.43 -71.55
CA SER E 203 19.36 45.54 -68.19
CA ILE E 204 20.10 41.83 -67.56
CA PHE E 205 16.61 41.70 -65.81
CA THR E 206 14.47 42.71 -68.91
CA SER E 207 12.93 39.22 -69.60
CA GLU E 208 11.85 38.94 -65.93
CA PHE E 209 10.25 42.44 -65.89
CA ILE E 210 8.05 41.44 -68.88
CA LEU E 211 7.23 38.04 -67.27
CA TYR E 212 6.07 39.63 -63.95
CA LYS E 213 3.92 42.11 -65.96
CA LEU E 214 2.23 39.12 -67.71
CA ARG E 215 1.81 37.24 -64.36
CA ALA E 216 0.05 40.23 -62.74
CA GLN E 217 -2.16 40.74 -65.84
CA ASN E 218 -3.09 37.00 -65.80
CA LYS E 219 -4.24 37.41 -62.14
CA LEU E 220 -6.18 40.61 -62.94
CA TYR E 221 -7.85 39.64 -66.26
CA THR E 222 -8.16 35.79 -66.84
CA GLN E 223 -9.51 34.70 -63.42
CA ASP E 224 -12.60 36.92 -62.90
CA PRO E 225 -15.14 36.99 -65.84
CA SER E 226 -16.31 40.50 -64.74
CA MET E 227 -12.72 41.82 -65.14
CA ARG E 228 -12.29 40.35 -68.68
CA ASP E 229 -11.47 43.10 -71.18
CA GLN E 230 -11.02 41.90 -74.77
CA GLN E 231 -8.48 44.63 -75.70
CA ILE E 232 -6.37 43.99 -72.55
CA LEU E 233 -6.51 40.18 -73.10
CA GLU E 234 -5.49 40.67 -76.78
CA LYS E 235 -2.64 43.01 -75.63
CA MET E 236 -1.52 40.29 -73.15
CA ILE E 237 -1.37 37.83 -76.10
CA ASP E 238 0.82 40.36 -78.04
CA ASP E 239 3.21 40.86 -75.06
CA ALA E 240 3.38 37.05 -74.47
CA LYS E 241 4.01 36.45 -78.24
CA ASN E 242 6.83 39.04 -78.13
CA TRP E 243 8.28 37.36 -74.99
CA THR E 244 8.12 33.84 -76.54
CA ARG E 245 9.65 35.12 -79.86
CA THR E 246 12.49 36.81 -77.90
CA PHE E 247 13.07 34.13 -75.19
CA THR E 248 12.44 30.87 -77.20
CA SER E 249 14.73 28.77 -74.90
CA ASP E 250 13.99 30.42 -71.48
CA LYS E 251 12.65 27.80 -68.98
CA ASN E 252 9.51 29.90 -68.18
CA PHE E 253 8.17 29.25 -71.78
CA SER E 254 5.49 26.74 -70.52
CA GLU E 255 4.30 29.33 -67.93
CA VAL E 256 3.93 32.02 -70.66
CA LEU E 257 2.12 29.43 -72.86
CA HIS E 258 -0.11 28.57 -69.84
CA ILE E 259 -0.84 32.35 -69.41
CA MET E 260 -1.62 32.52 -73.18
CA LEU E 261 -3.88 29.40 -72.91
CA ARG E 262 -5.86 30.93 -70.00
CA THR E 263 -6.02 34.24 -71.96
CA TYR E 264 -7.41 32.43 -75.07
CA ILE E 265 -9.91 30.57 -72.76
CA ALA E 266 -10.91 34.04 -71.36
CA LEU E 267 -11.29 35.30 -75.00
CA ALA E 268 -13.21 32.05 -75.89
CA GLN E 269 -10.74 31.57 -78.83
CA ARG E 270 -11.07 27.74 -79.00
CA ALA E 271 -8.74 27.20 -82.00
CA ASP E 272 -5.95 29.15 -80.24
CA VAL E 273 -6.69 27.31 -76.92
CA GLU E 274 -6.36 23.90 -78.65
CA TYR E 275 -3.27 25.04 -80.59
CA THR E 276 -1.57 26.40 -77.41
CA MET E 277 -2.37 23.16 -75.54
CA SER E 278 -0.85 21.11 -78.42
CA ILE E 279 2.38 23.19 -78.15
CA LEU E 280 2.61 22.61 -74.37
CA ASP E 281 2.02 18.83 -74.84
CA ASN E 282 4.47 18.42 -77.74
CA GLU E 283 7.34 20.52 -76.28
CA GLN E 284 7.10 19.98 -72.45
CA PRO E 285 4.50 17.21 -71.64
CA ASN E 286 5.93 16.67 -68.11
CA ASN E 287 6.14 20.40 -67.07
CA TYR E 288 3.87 21.47 -64.16
CA PHE E 289 2.37 24.31 -66.28
CA THR E 290 1.68 21.76 -69.05
CA GLN E 291 -0.16 19.38 -66.66
CA LEU E 292 -1.95 22.38 -65.06
CA SER E 293 -2.89 23.54 -68.60
CA LYS E 294 -4.25 20.00 -69.37
CA LEU E 295 -6.61 20.34 -66.37
CA ASP E 296 -7.65 23.93 -67.41
CA TYR E 297 -8.38 22.62 -70.95
CA ALA E 298 -10.27 19.57 -69.54
CA ASP E 299 -12.50 21.90 -67.42
CA TYR E 300 -13.01 24.20 -70.46
CA ILE E 301 -14.12 21.32 -72.76
CA TYR E 302 -16.16 19.75 -69.88
CA ASN E 303 -18.23 22.99 -69.76
CA LEU E 304 -18.47 22.73 -73.61
CA ASN E 305 -20.18 19.32 -72.93
CA GLU E 306 -17.11 17.26 -74.08
CA LYS E 307 -17.30 15.55 -70.67
CA GLU E 308 -15.87 12.22 -71.96
CA LYS E 309 -12.65 13.90 -73.20
CA ALA E 310 -12.36 15.98 -70.00
CA VAL E 311 -12.88 12.82 -67.84
CA ASN E 312 -10.15 10.96 -69.82
CA ILE E 313 -7.74 13.87 -69.03
CA TYR E 314 -8.72 13.83 -65.32
CA GLU E 315 -8.29 10.00 -65.10
CA ASN E 316 -4.95 10.05 -66.97
CA THR E 317 -3.69 12.88 -64.72
CA TYR E 318 -4.95 11.20 -61.49
CA PHE E 319 -3.47 7.74 -62.28
CA ASN E 320 -0.13 9.00 -63.76
CA THR E 321 0.83 12.36 -62.02
CA LYS E 322 3.16 12.40 -58.96
CA ASN E 323 1.99 15.92 -57.89
CA LEU E 324 -0.57 15.69 -55.02
CA ASP E 325 -2.21 19.08 -55.85
CA LEU E 326 -2.75 18.10 -59.54
CA ALA E 327 -3.93 14.61 -58.43
CA ALA E 328 -6.33 16.27 -55.91
CA ARG E 329 -7.76 18.60 -58.66
CA ALA E 330 -8.33 15.61 -60.98
CA ALA E 331 -9.86 13.57 -58.08
CA MET E 332 -12.27 16.45 -57.11
CA SER E 333 -13.35 16.70 -60.79
CA LEU E 334 -13.92 12.91 -60.91
CA ALA E 335 -15.87 13.03 -57.58
CA LYS E 336 -18.11 15.91 -58.90
CA ASN E 337 -18.87 13.92 -62.08
CA LEU E 338 -19.64 10.78 -59.97
CA LEU E 339 -21.97 12.77 -57.60
CA SER E 340 -23.73 14.17 -60.70
CA ASN E 341 -24.17 10.50 -61.85
CA GLU E 342 -25.48 9.35 -58.37
CA GLN E 343 -22.25 7.30 -57.81
CA VAL E 344 -21.87 8.90 -54.34
CA ASN E 345 -19.91 5.92 -52.89
CA LYS E 346 -17.17 6.24 -55.59
CA ALA E 347 -17.04 10.04 -55.11
CA ILE E 348 -16.52 9.46 -51.32
CA GLU E 349 -13.51 7.15 -52.10
CA TYR E 350 -11.74 9.90 -54.14
CA ILE E 351 -12.46 12.60 -51.51
CA ASN E 352 -11.39 10.40 -48.54
CA THR E 353 -8.08 9.84 -50.43
CA ILE E 354 -7.55 13.65 -50.70
CA LEU E 355 -8.43 14.10 -46.98
CA LYS E 356 -5.78 11.45 -46.07
CA ALA E 357 -3.08 12.48 -48.61
CA ASN E 358 -3.54 16.29 -49.13
CA PRO E 359 -6.50 17.88 -47.15
CA GLU E 360 -4.86 21.33 -47.59
CA TYR E 361 -5.90 21.17 -51.28
CA PHE E 362 -9.50 22.13 -50.21
CA GLY E 363 -7.95 25.34 -48.73
CA LYS E 364 -6.17 25.82 -52.06
CA ASP E 365 -9.07 26.02 -54.67
CA ILE E 366 -11.77 27.35 -52.23
CA PRO E 367 -14.54 27.95 -54.91
CA ARG E 368 -14.35 24.28 -56.11
CA SER E 369 -14.34 23.10 -52.46
CA LEU E 370 -17.50 25.12 -51.64
CA GLU E 371 -19.37 23.66 -54.67
CA LEU E 372 -18.23 20.09 -53.82
CA ALA E 373 -19.33 20.49 -50.16
CA LYS E 374 -22.78 21.77 -51.32
CA LEU E 375 -23.15 18.66 -53.56
CA PHE E 376 -22.28 16.35 -50.59
CA ASN E 377 -24.79 18.26 -48.39
CA GLN E 378 -27.45 17.72 -51.11
CA LYS E 379 -26.51 13.95 -51.03
CA GLY E 380 -26.98 13.99 -47.19
CA GLN E 381 -23.19 13.56 -46.59
CA PHE E 382 -23.07 16.26 -43.85
CA ASP E 383 -19.79 14.99 -42.26
CA ILE E 384 -17.74 15.06 -45.54
CA SER E 385 -19.40 18.40 -46.45
CA ALA E 386 -18.38 19.85 -43.06
CA SER E 387 -14.74 18.68 -43.47
CA ILE E 388 -14.52 20.31 -46.93
CA TYR E 389 -16.21 23.52 -45.65
CA GLU E 390 -13.84 23.65 -42.62
CA ASP E 391 -10.65 23.19 -44.72
CA ALA E 392 -11.78 25.81 -47.27
CA PHE E 393 -13.10 28.27 -44.63
CA ALA E 394 -9.87 27.90 -42.58
CA LYS E 395 -8.02 29.43 -45.61
CA MET E 396 -10.72 32.15 -46.15
CA SER E 397 -10.45 35.77 -44.97
CA LYS E 398 -13.36 37.45 -43.07
CA LEU E 399 -13.27 40.10 -45.85
CA ASP E 400 -14.21 37.47 -48.49
CA PRO E 401 -17.78 38.35 -49.80
CA SER E 402 -18.63 34.61 -49.42
CA TYR E 403 -17.43 34.45 -45.75
CA GLU E 404 -20.88 35.23 -44.21
CA GLU E 405 -22.57 32.64 -46.45
CA THR E 406 -19.77 30.06 -45.95
CA LEU E 407 -19.91 30.52 -42.16
CA LYS E 408 -23.70 30.03 -42.36
CA ASP E 409 -23.37 26.93 -44.58
CA LEU E 410 -20.70 25.37 -42.32
CA ALA E 411 -22.72 26.15 -39.15
CA LEU E 412 -25.97 24.69 -40.62
CA VAL E 413 -24.19 21.56 -42.05
CA LEU E 414 -22.60 20.96 -38.61
CA SER E 415 -26.14 21.12 -37.06
CA HIS E 416 -27.29 18.31 -39.43
CA ALA E 417 -24.03 16.42 -38.70
CA ASN E 418 -23.34 14.73 -35.31
CA ARG E 419 -21.17 17.77 -34.34
CA SER E 420 -23.46 19.98 -32.19
CA SER E 421 -20.58 21.56 -30.15
CA ASP E 422 -18.83 22.67 -33.35
CA ALA E 423 -22.16 23.77 -34.90
CA LYS E 424 -22.80 25.96 -31.81
CA LYS E 425 -19.29 27.51 -32.03
CA TYR E 426 -19.91 28.58 -35.66
CA LEU E 427 -23.59 29.57 -35.07
CA ASP E 428 -22.44 31.85 -32.21
CA LEU E 429 -19.59 33.17 -34.38
CA TYR E 430 -22.18 34.15 -37.04
CA MET E 431 -24.49 35.82 -34.47
CA ASP E 432 -21.49 37.71 -32.99
CA ASP E 433 -20.05 38.77 -36.41
CA TYR E 434 -23.47 39.46 -38.06
CA LEU E 435 -25.89 41.03 -35.51
CA ASP E 436 -28.00 42.03 -38.59
CA GLY E 437 -26.81 39.11 -40.82
CA LYS E 438 -28.57 38.16 -44.08
CA TYR E 439 -29.16 34.62 -42.72
CA LEU E 440 -29.65 35.50 -39.00
CA ASP E 441 -33.21 34.03 -38.68
CA GLU E 442 -32.01 30.65 -40.07
CA ILE E 443 -28.98 30.77 -37.72
CA LYS E 444 -31.27 31.55 -34.71
CA LYS E 445 -33.52 28.56 -35.56
CA ALA E 446 -30.47 26.25 -35.99
CA SER E 447 -29.07 27.49 -32.61
CA ASP E 448 -32.41 26.60 -30.91
CA GLU E 449 -32.27 23.08 -32.50
CA VAL E 450 -28.60 22.64 -31.51
CA PHE E 451 -29.47 23.85 -27.95
CA PHE E 452 -31.46 20.63 -27.40
CA ALA E 453 -28.37 18.62 -28.36
CA LEU E 454 -25.97 20.54 -25.98
CA GLY E 455 -27.66 20.29 -22.50
CA ASP E 456 -27.19 22.41 -19.29
CA ASN E 457 -26.79 21.80 -15.51
CA ASN E 458 -28.97 24.78 -14.42
CA ALA E 459 -32.45 23.18 -14.25
CA SER E 460 -34.22 26.53 -13.54
CA PHE E 461 -32.58 27.93 -16.67
CA LEU E 462 -33.48 24.72 -18.64
CA HIS E 463 -37.12 24.77 -17.50
CA GLN E 464 -37.28 28.50 -18.36
CA ARG E 465 -35.53 27.96 -21.74
CA TYR E 466 -37.80 25.03 -22.75
CA THR E 467 -40.81 27.27 -21.77
CA ASP E 468 -39.53 30.14 -23.93
CA LEU E 469 -38.99 27.70 -26.85
CA MET E 470 -42.58 26.38 -26.41
CA LYS E 471 -44.06 29.90 -26.53
CA GLN E 472 -41.81 30.96 -29.42
CA TYR E 473 -42.32 27.85 -31.62
CA ALA E 474 -45.95 27.22 -30.77
CA ASN E 475 -48.02 27.84 -33.93
CA LYS E 476 -44.98 27.10 -36.19
CA ASP E 477 -43.83 23.45 -35.76
CA GLU E 478 -45.50 20.69 -33.72
CA ASN E 479 -42.22 18.70 -33.49
CA ILE E 480 -40.67 21.55 -31.45
CA ALA E 481 -43.81 22.20 -29.37
CA ASN E 482 -44.35 18.46 -28.60
CA LYS E 483 -40.64 17.91 -27.76
CA ALA E 484 -40.74 20.90 -25.38
CA LEU E 485 -43.92 19.48 -23.65
CA ASP E 486 -42.37 15.99 -23.30
CA GLU E 487 -39.17 17.46 -21.75
CA ASP E 488 -41.15 19.69 -19.41
CA VAL E 489 -43.35 16.77 -18.21
CA ALA E 490 -40.29 14.54 -17.85
CA LEU E 491 -38.53 17.35 -15.82
CA TYR E 492 -41.56 17.69 -13.50
CA TYR E 493 -41.67 13.89 -13.13
CA LYS E 494 -37.95 13.81 -12.03
CA GLU E 495 -38.86 16.57 -9.53
CA GLY E 496 -41.92 14.57 -8.29
CA ASN E 497 -44.13 17.63 -9.12
CA PHE E 498 -47.23 15.62 -10.14
CA SER E 499 -49.65 18.63 -9.86
CA ALA E 500 -47.75 20.44 -12.64
CA ILE E 501 -48.04 17.26 -14.81
CA LEU E 502 -51.81 17.05 -14.10
CA ALA E 503 -52.21 20.68 -15.35
CA TYR E 504 -50.86 19.46 -18.68
CA LYS E 505 -53.65 16.74 -18.88
CA ASP E 506 -55.70 18.56 -21.52
CA LEU E 507 -52.61 19.58 -23.52
CA ILE E 508 -51.09 16.01 -23.38
CA GLU E 509 -54.41 14.40 -24.38
CA SER E 510 -54.80 16.90 -27.26
CA LYS E 511 -51.17 16.24 -28.45
CA LYS E 512 -51.23 12.39 -27.91
CA ILE E 513 -47.54 12.25 -26.84
CA PRO E 514 -46.75 8.63 -25.66
CA ASN E 515 -44.08 9.45 -23.02
CA ALA E 516 -45.99 12.42 -21.56
CA THR E 517 -49.21 10.28 -21.54
CA GLN E 518 -47.39 7.60 -19.55
CA PHE E 519 -46.05 10.21 -17.07
CA LEU E 520 -49.60 11.66 -16.80
CA GLU E 521 -51.08 8.21 -15.91
CA LYS E 522 -48.31 7.57 -13.32
CA ALA E 523 -48.84 11.06 -11.84
CA ALA E 524 -52.62 10.44 -11.52
CA ILE E 525 -52.11 6.98 -9.85
CA ASN E 526 -49.68 8.54 -7.34
CA ASP E 527 -52.02 11.44 -6.64
CA LEU E 528 -54.98 9.07 -6.14
CA LYS E 529 -52.92 6.85 -3.73
CA ASN E 530 -51.95 10.00 -1.81
CA ALA E 531 -55.57 11.32 -1.70
CA ILE E 532 -56.82 7.94 -0.36
CA LYS E 533 -53.96 7.78 2.18
CA ALA E 534 -54.88 11.34 3.31
CA ASP E 535 -58.61 10.29 3.57
CA ASN E 536 -59.48 13.10 1.14
CA CYS E 537 -62.47 11.26 -0.41
CA ILE E 538 -63.53 14.43 -2.30
CA ASN E 539 -60.19 14.70 -4.04
CA ALA E 540 -59.92 10.93 -4.54
CA ALA E 541 -63.35 10.78 -6.30
CA ASN E 542 -62.49 13.85 -8.41
CA ILE E 543 -59.19 12.27 -9.54
CA PHE E 544 -60.87 8.93 -10.25
CA MET E 545 -63.62 10.49 -12.40
CA ARG E 546 -61.26 12.96 -14.09
CA PHE E 547 -58.90 10.12 -15.09
CA SER E 548 -61.58 7.48 -15.78
CA ALA E 549 -60.21 7.10 -19.35
CA TYR E 550 -57.05 5.57 -17.76
CA ASP E 551 -58.86 3.08 -15.42
CA ILE E 552 -56.50 4.17 -12.60
CA GLY E 553 -58.83 2.55 -9.95
CA GLN E 554 -57.88 -0.93 -11.26
CA LYS E 555 -54.16 0.03 -10.86
CA ILE E 556 -54.28 0.67 -7.04
CA GLU E 557 -54.09 -1.73 -4.06
CA ASN E 558 -56.57 0.01 -1.65
CA LYS E 559 -59.61 -0.73 -3.82
CA LYS E 560 -61.95 -1.06 -0.84
CA GLN E 561 -60.99 2.36 0.51
CA MET E 562 -61.62 3.80 -2.92
CA LEU E 563 -65.09 2.22 -2.86
CA ALA E 564 -65.63 3.71 0.64
CA CYS E 565 -64.82 7.13 -0.83
CA LEU E 566 -67.22 6.60 -3.78
CA ILE E 567 -69.94 5.70 -1.31
CA ARG E 568 -69.15 8.63 1.09
CA THR E 569 -69.21 10.93 -1.97
CA SER E 570 -72.51 9.34 -3.23
CA ASN E 571 -71.10 8.16 -6.63
CA VAL E 572 -73.61 5.24 -6.87
CA GLU E 573 -73.27 4.51 -10.61
CA GLN E 574 -69.50 4.50 -10.41
CA ALA E 575 -69.66 2.52 -7.15
CA LEU E 576 -71.83 -0.18 -8.76
CA ASP E 577 -69.64 -0.30 -11.88
CA TYR E 578 -66.51 -0.48 -9.72
CA ILE E 579 -68.12 -3.23 -7.59
CA ASP E 580 -68.97 -5.24 -10.69
CA LYS E 581 -65.46 -5.08 -12.12
CA ASN E 582 -63.95 -5.99 -8.76
CA TYR E 583 -66.59 -8.47 -7.49
CA ASN E 584 -64.56 -11.68 -8.00
CA GLU E 585 -61.94 -10.13 -5.67
CA ASP E 586 -63.90 -10.36 -2.31
CA SER E 587 -67.46 -11.35 -3.19
CA ILE E 588 -68.51 -11.10 0.52
CA PHE E 589 -67.38 -7.56 0.90
CA TYR E 590 -68.41 -6.31 -2.52
CA GLY E 591 -71.70 -8.19 -2.30
CA LEU E 592 -72.64 -6.60 1.03
CA GLN E 593 -71.85 -3.15 -0.30
CA LYS E 594 -73.92 -3.78 -3.45
CA ALA E 595 -76.84 -5.12 -1.41
CA SER E 596 -76.76 -2.03 0.83
CA ILE E 597 -76.84 0.33 -2.17
CA LEU E 598 -79.67 -1.73 -3.74
CA PHE E 599 -81.75 -1.68 -0.57
CA ASP E 600 -81.56 2.09 -0.55
CA ASN E 601 -82.52 1.93 -4.22
CA LYS E 602 -85.58 -0.22 -3.06
CA GLN E 603 -84.47 -3.26 -5.14
CA TYR E 604 -85.53 -5.67 -2.33
CA PRO E 605 -85.80 -8.85 -4.49
CA GLN E 606 -82.20 -8.37 -5.65
CA VAL E 607 -81.12 -7.59 -2.12
CA ILE E 608 -82.68 -10.86 -0.85
CA LYS E 609 -81.04 -12.79 -3.68
CA ILE E 610 -77.55 -11.43 -3.13
CA SER E 611 -77.74 -11.57 0.67
CA LYS E 612 -79.20 -15.07 0.69
CA ASP E 613 -76.40 -16.18 -1.61
CA ILE E 614 -73.85 -14.66 0.74
CA ALA E 615 -75.44 -16.26 3.87
CA ASN E 616 -75.36 -19.68 2.10
CA SER E 617 -71.70 -19.29 0.96
CA ARG E 618 -68.86 -21.42 2.51
CA ILE E 619 -66.38 -18.45 2.49
CA LEU E 620 -64.86 -16.97 5.75
CA LYS E 621 -67.39 -14.47 7.32
CA SER E 622 -67.42 -12.32 10.49
CA ASP E 623 -70.40 -12.31 12.82
CA ASP E 624 -71.08 -8.77 11.61
CA GLU E 625 -70.99 -9.82 7.95
CA ASN E 626 -73.34 -12.68 8.78
CA PHE E 627 -75.54 -10.42 10.87
CA LYS E 628 -75.64 -7.71 8.16
CA ALA E 629 -76.63 -10.30 5.55
CA TYR E 630 -79.57 -11.54 7.63
CA TYR E 631 -80.46 -8.01 8.64
CA LEU E 632 -80.76 -6.91 5.01
CA GLN E 633 -82.87 -10.06 4.28
CA PHE E 634 -85.13 -9.47 7.24
CA LEU E 635 -85.78 -5.83 6.32
CA SER E 636 -86.27 -6.57 2.65
CA LEU E 637 -88.79 -9.32 3.58
CA LEU E 638 -90.75 -7.00 5.88
CA ARG E 639 -90.77 -4.34 3.05
CA LEU E 640 -92.17 -7.12 0.78
CA ASN E 641 -94.82 -8.10 3.48
CA ASP E 642 -93.23 -11.59 3.83
CA TYR E 643 -93.75 -11.94 7.60
CA ASN E 644 -93.28 -15.75 7.75
CA GLN E 645 -89.84 -15.58 6.20
CA ALA E 646 -88.96 -12.37 8.04
CA ILE E 647 -89.66 -14.19 11.38
CA LYS E 648 -87.47 -17.14 10.34
CA ILE E 649 -84.63 -14.66 9.63
CA LEU E 650 -85.29 -12.93 12.97
CA GLN E 651 -84.93 -16.23 14.86
CA ILE E 652 -81.54 -16.56 13.24
CA LEU E 653 -80.69 -12.92 14.15
CA GLU E 654 -81.63 -13.66 17.79
CA SER E 655 -78.89 -16.32 17.90
CA PHE E 656 -76.23 -13.55 17.48
CA PRO E 657 -74.51 -11.52 20.24
CA MET E 658 -76.36 -8.32 21.07
CA ASN E 659 -75.92 -5.75 18.32
CA PHE E 660 -77.56 -2.25 18.53
CA SER E 661 -79.09 -2.90 15.11
CA MET E 662 -81.16 -5.65 16.79
CA VAL E 663 -83.16 -2.79 18.40
CA GLU E 664 -83.77 -1.32 14.93
CA ALA E 665 -84.96 -4.73 13.75
CA TYR E 666 -87.41 -5.05 16.62
CA ASP E 667 -88.72 -1.55 15.97
CA ALA E 668 -89.37 -2.38 12.35
CA LEU E 669 -91.10 -5.58 13.46
CA LEU E 670 -93.23 -3.90 16.09
CA SER E 671 -94.35 -1.22 13.64
CA TYR E 672 -95.36 -3.88 11.11
CA ALA E 673 -97.06 -5.98 13.84
CA ASN E 674 -98.96 -2.94 15.07
CA ASP E 675 -100.15 -2.05 11.56
CA HIS E 676 -101.22 -5.71 11.17
CA ASN E 677 -102.74 -6.10 14.72
CA MET E 678 -100.28 -8.95 15.56
CA GLN E 679 -100.77 -8.80 19.42
CA THR E 680 -98.80 -12.05 20.18
CA THR E 681 -95.82 -10.69 18.22
CA ILE E 682 -96.04 -7.37 20.15
CA LEU E 683 -96.25 -8.98 23.59
CA THR E 684 -93.28 -11.23 22.73
CA TYR E 685 -90.90 -8.78 21.12
CA ALA E 686 -91.73 -5.58 22.93
CA PRO E 687 -90.33 -6.77 26.31
CA LYS E 688 -87.15 -7.86 24.53
CA ALA E 689 -86.73 -4.48 22.81
CA ILE E 690 -87.52 -2.42 25.93
CA ASP E 691 -85.02 -4.49 27.91
CA TYR E 692 -82.45 -3.92 25.18
CA GLN E 693 -83.00 -0.14 25.07
CA ASN E 694 -82.80 -0.01 28.83
CA PHE E 695 -79.69 -2.17 29.04
CA LYS E 696 -77.89 0.05 26.54
CA GLY E 697 -79.33 3.15 28.33
CA ILE E 698 -80.86 4.21 24.96
CA ASN E 699 -84.45 5.34 24.25
CA LEU E 700 -84.41 6.18 20.50
CA PHE E 701 -87.71 4.41 19.66
CA SER E 702 -89.37 5.43 22.86
CA PRO E 703 -92.10 6.52 23.69
CA ASN E 704 -93.68 4.95 20.65
CA LEU E 705 -92.42 1.43 21.31
CA GLU E 706 -93.78 1.53 24.85
CA PHE E 707 -97.12 2.93 23.71
CA ILE E 708 -97.39 -0.06 21.33
CA TYR E 709 -96.60 -2.35 24.21
CA LEU E 710 -98.98 -0.62 26.65
CA ASP E 711 -101.81 -0.97 24.16
CA ALA E 712 -101.12 -4.70 23.88
CA LEU E 713 -100.84 -5.03 27.71
CA THR E 714 -104.09 -3.13 28.15
CA LYS E 715 -105.86 -5.53 25.80
CA ILE E 716 -104.76 -8.45 28.08
CA ASN E 717 -105.44 -6.60 31.38
CA LYS E 718 -101.74 -6.89 32.50
CA ASN E 719 -102.04 -3.83 34.76
CA GLU E 720 -98.98 -4.35 37.08
CA GLU E 721 -96.64 -4.74 34.09
CA SER E 722 -98.37 -1.73 32.53
CA LEU E 723 -97.70 0.41 35.63
CA ALA E 724 -94.07 -0.74 35.67
CA VAL E 725 -93.63 0.30 32.07
CA LEU E 726 -95.39 3.64 32.67
CA THR E 727 -93.26 4.28 35.72
CA ASP E 728 -90.10 3.83 33.77
CA LEU E 729 -91.47 5.73 30.77
CA LEU E 730 -92.39 8.74 32.91
CA LYS E 731 -88.75 8.95 34.12
CA LEU E 732 -87.84 9.86 30.53
CA LYS E 733 -87.81 13.45 29.23
CA LEU E 734 -91.10 13.27 27.29
CA SER E 735 -92.94 15.94 25.24
CA ASP E 736 -95.93 17.55 27.03
CA GLU E 737 -98.22 15.64 24.63
CA ASP E 738 -96.56 12.24 25.16
CA ARG E 739 -96.51 12.93 28.90
CA ALA E 740 -100.23 13.70 28.88
CA ARG E 741 -100.83 10.44 26.91
CA ALA E 742 -98.74 8.43 29.42
CA LEU E 743 -100.49 9.97 32.44
CA TYR E 744 -103.87 9.36 30.80
CA ILE E 745 -102.99 5.68 30.29
CA GLN E 746 -101.76 5.56 33.89
CA ALA E 747 -105.10 6.94 35.15
CA LEU E 748 -106.94 4.30 33.09
CA THR E 749 -104.62 1.60 34.50
CA TYR E 750 -105.35 2.71 38.08
CA GLU E 751 -109.05 2.66 37.22
CA ARG E 752 -108.76 -1.02 36.16
CA MET E 753 -106.88 -1.62 39.44
CA GLN E 754 -109.68 0.22 41.37
CA ASN E 755 -107.10 2.70 42.78
CA ILE E 756 -109.26 5.83 42.67
CA GLN E 757 -106.84 7.87 44.74
CA ALA E 758 -103.93 7.20 42.42
CA GLU E 759 -106.20 7.75 39.38
CA LYS E 760 -107.12 11.24 40.72
CA GLU E 761 -103.48 11.98 41.28
CA SER E 762 -102.42 10.97 37.74
CA LEU E 763 -105.28 13.07 36.32
CA LYS E 764 -104.29 16.06 38.46
CA GLN E 765 -100.72 15.76 37.19
CA CYS E 766 -101.96 15.53 33.62
CA LEU E 767 -104.03 18.74 34.11
CA GLU E 768 -100.96 20.53 35.52
CA ILE E 769 -99.11 20.06 32.18
CA LYS E 770 -98.68 23.57 30.71
CA SER E 771 -99.46 22.80 27.06
CA ALA E 772 -103.01 22.02 25.82
CA SER E 773 -103.28 18.64 24.01
CA ASN E 774 -105.98 16.20 22.93
CA TRP E 775 -104.80 13.84 25.69
CA GLN E 776 -105.13 16.70 28.23
CA ASN E 777 -108.73 17.23 26.99
CA LEU E 778 -109.30 13.49 27.59
CA CYS E 779 -107.80 13.84 31.11
CA LYS E 780 -110.14 16.81 31.73
CA SER E 781 -113.12 14.79 30.55
CA LYS E 782 -112.14 11.78 32.71
CA ASN E 783 -111.57 13.99 35.74
CA GLN E 784 -115.03 15.54 35.26
CA ILE E 785 -116.58 12.07 35.13
CA LEU E 786 -114.60 10.91 38.19
CA ASN E 787 -115.94 13.92 40.17
CA GLN E 788 -119.63 13.31 39.19
CA LYS F 138 29.80 36.46 -81.95
CA TYR F 139 30.77 39.28 -79.51
CA ASN F 140 27.04 39.87 -78.78
CA ASP F 141 26.77 36.41 -77.07
CA MET F 142 29.79 37.11 -74.80
CA GLN F 143 28.23 40.38 -73.49
CA ARG F 144 24.88 38.49 -73.00
CA ILE F 145 26.50 35.61 -71.03
CA ASP F 146 28.62 38.09 -68.99
CA GLY F 147 25.36 40.00 -68.23
CA MET F 148 23.72 36.70 -67.12
CA ILE F 149 26.76 35.98 -64.86
CA GLN F 150 26.39 39.54 -63.43
CA LYS F 151 22.59 38.92 -62.96
CA ALA F 152 23.23 35.62 -61.12
CA ASN F 153 25.95 37.09 -58.87
CA ALA F 154 23.82 40.22 -58.12
CA LEU F 155 20.80 38.01 -57.16
CA TYR F 156 22.90 35.67 -55.01
CA LEU F 157 24.48 38.65 -53.12
CA LYS F 158 21.04 40.34 -52.58
CA GLY F 159 20.11 36.98 -50.85
CA GLU F 160 18.07 35.69 -53.85
CA VAL F 161 19.79 32.27 -54.03
CA GLU F 162 16.89 30.44 -55.79
CA GLN F 163 16.63 33.12 -58.53
CA ALA F 164 20.46 33.22 -58.89
CA LEU F 165 20.53 29.38 -59.36
CA LYS F 166 17.94 29.66 -62.24
CA VAL F 167 20.27 32.16 -64.01
CA TYR F 168 23.35 29.95 -63.31
CA GLU F 169 21.47 27.05 -65.03
CA GLN F 170 20.83 29.26 -68.13
CA VAL F 171 24.55 30.31 -68.09
CA ALA F 172 25.39 26.57 -67.89
CA VAL F 173 23.34 25.89 -71.11
CA TYR F 174 25.61 28.35 -73.03
CA ASN F 175 28.84 27.55 -71.02
CA GLU F 176 28.79 25.03 -68.12
CA SER F 177 32.32 26.14 -67.28
CA LEU F 178 31.44 29.55 -65.83
CA SER F 179 28.37 28.43 -63.89
CA ASN F 180 30.03 26.09 -61.35
CA TYR F 181 33.04 28.41 -60.78
CA ASN F 182 30.93 31.59 -60.24
CA LEU F 183 28.34 29.66 -58.16
CA GLY F 184 31.18 28.47 -55.86
CA VAL F 185 32.36 32.12 -55.43
CA SER F 186 28.84 33.31 -54.53
CA GLN F 187 28.32 30.41 -52.05
CA MET F 188 31.71 31.20 -50.44
CA ASN F 189 30.60 34.87 -50.04
CA GLU F 190 27.63 33.53 -47.98
CA ASN F 191 30.06 31.42 -45.82
CA LYS F 192 28.55 28.15 -47.18
CA PHE F 193 32.18 26.88 -47.02
CA GLN F 194 31.11 23.23 -47.39
CA GLU F 195 28.71 24.08 -50.28
CA ALA F 196 31.35 26.37 -51.83
CA PHE F 197 34.02 23.63 -51.43
CA GLU F 198 31.84 21.13 -53.35
CA SER F 199 31.09 23.81 -56.00
CA PHE F 200 34.83 24.52 -56.45
CA LYS F 201 35.60 20.74 -56.50
CA LYS F 202 32.98 20.32 -59.29
CA ALA F 203 34.40 23.41 -61.01
CA ILE F 204 38.01 21.99 -60.95
CA ALA F 205 36.72 18.60 -62.21
CA ASN F 206 34.88 20.34 -65.12
CA GLY F 207 38.02 22.36 -66.16
CA GLU F 208 36.45 25.67 -64.95
CA ASN F 209 39.04 28.36 -64.04
CA GLN F 210 41.13 25.56 -62.33
CA SER F 211 43.97 27.67 -60.76
CA VAL F 212 41.55 30.01 -58.98
CA ALA F 213 39.01 27.26 -58.22
CA ALA F 214 41.81 25.34 -56.41
CA ILE F 215 42.83 28.53 -54.44
CA ASN F 216 39.19 29.07 -53.34
CA ALA F 217 38.80 25.30 -52.55
CA ALA F 218 41.93 25.54 -50.33
CA VAL F 219 40.35 28.58 -48.54
CA CYS F 220 37.12 26.60 -47.95
CA ALA F 221 39.25 23.66 -46.63
CA LEU F 222 41.12 26.06 -44.27
CA LYS F 223 37.72 27.48 -43.07
CA LEU F 224 36.60 23.80 -42.65
CA ASN F 225 39.83 23.07 -40.61
CA ASP F 226 40.94 20.42 -43.20
CA LYS F 227 44.72 20.97 -43.44
CA GLU F 228 45.23 17.95 -45.77
CA LYS F 229 42.64 19.36 -48.25
CA PHE F 230 44.09 22.90 -47.83
CA ARG F 231 47.64 21.66 -48.65
CA TYR F 232 46.37 19.49 -51.51
CA TYR F 233 44.39 22.34 -53.12
CA ILE F 234 47.30 24.83 -52.67
CA ASP F 235 49.60 22.28 -54.45
CA LEU F 236 46.90 21.74 -57.14
CA ALA F 237 46.56 25.53 -57.61
CA GLN F 238 50.36 25.73 -58.17
CA VAL F 239 50.22 22.90 -60.83
CA TYR F 240 47.48 24.82 -62.69
CA LEU F 241 49.19 28.24 -62.13
CA PRO F 242 51.41 27.83 -65.31
CA LYS F 243 48.08 27.60 -67.29
CA GLU F 244 47.47 31.27 -66.15
CA GLY F 245 50.98 32.39 -67.44
CA LYS F 246 49.44 35.09 -69.77
CA SER F 247 46.54 36.18 -67.44
CA LYS F 248 46.66 39.63 -65.73
CA LEU F 249 45.85 37.73 -62.48
CA TYR F 250 49.04 35.53 -62.60
CA ASP F 251 51.05 37.77 -60.16
CA TYR F 252 48.05 37.99 -57.80
CA TYR F 253 47.45 34.18 -57.80
CA LEU F 254 51.23 33.59 -57.33
CA SER F 255 51.34 36.11 -54.43
CA LEU F 256 48.52 34.22 -52.64
CA ILE F 257 50.10 30.77 -53.28
CA ASN F 258 53.48 32.01 -51.90
CA TYR F 259 51.72 33.67 -48.89
CA TYR F 260 49.85 30.42 -47.99
CA LYS F 261 53.07 28.32 -48.52
CA GLY F 262 55.01 30.61 -46.06
CA TYR F 263 57.13 32.15 -48.89
CA TYR F 264 56.46 35.70 -47.57
CA PRO F 265 59.37 37.52 -49.42
CA GLU F 266 58.35 35.98 -52.80
CA ALA F 267 54.69 36.78 -52.01
CA LEU F 268 55.62 40.41 -51.12
CA GLN F 269 57.46 40.93 -54.45
CA MET F 270 54.28 39.78 -56.27
CA LEU F 271 51.90 41.78 -53.97
CA GLN F 272 53.92 44.96 -54.83
CA ARG F 273 53.40 44.11 -58.57
CA THR F 274 49.60 43.63 -58.02
CA ASP F 275 48.38 47.21 -58.71
CA MET F 276 45.03 46.32 -60.38
CA GLU F 277 41.47 46.89 -59.09
CA PRO F 278 39.66 45.41 -57.19
CA TYR F 279 42.84 43.66 -55.77
CA SER F 280 45.18 46.65 -54.99
CA ASP F 281 43.78 47.29 -51.44
CA VAL F 282 44.03 43.52 -50.61
CA ALA F 283 47.63 43.46 -51.90
CA LYS F 284 48.54 46.47 -49.67
CA TYR F 285 46.76 44.95 -46.63
CA LEU F 286 48.59 41.56 -47.04
CA SER F 287 51.90 43.45 -47.60
CA ALA F 288 51.26 45.22 -44.27
CA LYS F 289 50.86 41.85 -42.45
CA ILE F 290 54.09 40.52 -44.00
CA TYR F 291 55.97 43.74 -43.07
CA ALA F 292 54.55 43.71 -39.49
CA LYS F 293 55.64 40.04 -39.00
CA MET F 294 59.11 40.90 -40.38
CA ASP F 295 59.19 43.79 -37.79
CA PHE F 296 59.10 46.50 -40.54
CA ASP F 297 56.54 48.59 -38.59
CA SER F 298 57.09 51.78 -40.71
CA LYS F 299 56.54 49.84 -44.01
CA ALA F 300 53.45 48.14 -42.51
CA ILE F 301 52.04 51.63 -41.52
CA GLN F 302 52.72 52.92 -45.10
CA GLN F 303 50.79 49.94 -46.58
CA LEU F 304 47.86 50.44 -44.10
CA ASN F 305 47.70 54.23 -44.81
CA SER F 306 47.57 53.59 -48.62
CA GLN F 307 44.58 51.10 -48.60
CA GLY F 308 40.88 52.29 -48.35
CA ASN F 309 38.69 49.10 -48.19
CA PHE F 310 39.88 47.59 -44.82
CA GLU F 311 39.29 49.09 -41.36
CA SER F 312 42.87 49.34 -39.94
CA SER F 313 42.63 51.85 -36.99
CA LEU F 314 43.48 49.21 -34.28
CA SER F 315 46.48 47.86 -36.29
CA LEU F 316 47.75 51.43 -36.89
CA GLY F 317 47.31 52.32 -33.17
CA LEU F 318 49.39 49.32 -32.04
CA LEU F 319 52.09 49.95 -34.70
CA TYR F 320 52.30 53.70 -33.79
CA ALA F 321 52.66 52.81 -30.07
CA ARG F 322 55.44 50.25 -30.97
CA ILE F 323 57.35 53.03 -32.81
CA GLY F 324 56.67 55.42 -29.82
CA GLU F 325 54.36 57.70 -31.87
CA TYR F 326 51.93 58.00 -28.92
CA ALA F 327 50.05 61.05 -30.37
CA LYS F 328 49.28 59.15 -33.62
CA ALA F 329 48.61 55.96 -31.60
CA LYS F 330 45.98 57.79 -29.43
CA VAL F 331 44.19 59.12 -32.57
CA ALA F 332 44.12 55.67 -34.23
CA LEU F 333 43.08 53.78 -31.01
CA SER F 334 40.30 56.37 -30.25
CA THR F 335 39.02 55.89 -33.84
CA ALA F 336 39.12 52.09 -33.25
CA MET F 337 37.10 52.56 -29.97
CA LYS F 338 34.13 53.74 -32.15
CA ILE F 339 33.95 50.05 -33.32
CA GLU F 340 32.41 47.49 -30.89
CA ARG F 341 34.55 44.46 -32.07
CA ASP F 342 37.82 46.47 -31.50
CA PHE F 343 36.68 48.41 -28.32
CA ASN F 344 38.30 46.26 -25.54
CA GLN F 345 41.67 45.72 -27.30
CA SER F 346 41.79 49.45 -28.26
CA LEU F 347 40.96 50.44 -24.64
CA ALA F 348 43.69 48.10 -23.24
CA ALA F 349 46.37 49.45 -25.62
CA LEU F 350 45.27 53.08 -25.00
CA THR F 351 45.34 52.44 -21.19
CA LEU F 352 49.03 51.41 -21.32
CA VAL F 353 49.82 54.40 -23.65
CA ASP F 354 48.21 56.73 -21.05
CA ILE F 355 50.33 55.09 -18.26
CA LYS F 356 53.61 55.34 -20.32
CA THR F 357 52.70 59.03 -21.14
CA GLY F 358 51.64 59.85 -17.46
CA ASN F 359 47.90 60.59 -18.12
CA TYR F 360 46.68 58.72 -14.98
CA GLN F 361 43.51 60.73 -14.19
CA ASP F 362 42.32 60.51 -17.84
CA MET F 363 43.04 56.72 -17.94
CA LEU F 364 41.07 56.15 -14.70
CA ALA F 365 38.12 58.25 -15.97
CA ARG F 366 38.12 56.28 -19.31
CA LEU F 367 38.05 52.92 -17.45
CA GLN F 368 35.20 54.14 -15.11
CA ASN F 369 33.11 55.42 -18.07
CA SER F 370 33.68 52.07 -19.90
CA TYR F 371 32.91 49.76 -16.91
CA ASP F 372 31.01 50.22 -13.63
CA ASN F 373 32.71 47.26 -11.78
CA ASP F 374 36.39 46.63 -10.83
CA LYS F 375 36.61 43.02 -12.19
CA ASP F 376 36.00 44.20 -15.77
CA ARG F 377 38.48 47.11 -15.33
CA TYR F 378 41.07 44.51 -14.11
CA LYS F 379 40.41 42.38 -17.29
CA ILE F 380 41.38 45.44 -19.41
CA LEU F 381 44.61 45.86 -17.34
CA ASP F 382 45.33 42.07 -17.71
CA ALA F 383 44.98 42.10 -21.57
CA TYR F 384 48.70 43.02 -22.03
CA LYS F 385 51.21 41.79 -19.40
CA ILE F 386 53.82 44.39 -18.28
CA GLN F 387 57.35 43.99 -16.84
CA VAL F 388 58.98 46.84 -14.80
CA ARG F 389 62.50 47.94 -15.76
CA LEU F 390 64.70 50.97 -15.11
CA ASN F 391 64.56 53.73 -17.74
CA LYS F 392 66.95 52.83 -20.63
CA ASP F 393 67.65 56.58 -21.10
CA LEU F 394 69.50 56.71 -17.67
CA PHE F 395 72.32 54.25 -18.65
CA ASN F 396 72.72 54.99 -22.40
CA ILE F 397 75.74 57.38 -22.61
CA ALA F 398 74.49 58.95 -25.89
CA VAL F 399 71.00 59.68 -24.40
CA ALA F 400 72.62 60.93 -21.16
CA GLN F 401 74.85 63.25 -23.32
CA ASN F 402 71.89 64.41 -25.50
CA SER F 403 69.72 65.16 -22.40
CA PHE F 404 72.63 66.65 -20.35
CA SER F 405 72.12 70.36 -19.88
CA LYS F 406 75.43 72.27 -20.27
CA ASP F 407 73.43 75.12 -18.64
CA LEU F 408 72.79 74.31 -14.93
CA LEU F 409 70.87 77.63 -14.52
CA LYS F 410 68.07 76.70 -17.04
CA LYS F 411 65.81 74.50 -14.75
CA GLN F 412 63.90 76.04 -11.75
CA LYS F 413 64.69 73.14 -9.34
CA ASP F 414 68.43 73.45 -10.11
CA GLN F 415 68.21 77.26 -9.55
CA PHE F 416 66.59 76.76 -6.09
CA ASP F 417 69.05 73.93 -5.17
CA LEU F 418 72.04 76.12 -6.21
CA LEU F 419 70.60 78.96 -4.07
CA PHE F 420 70.28 76.46 -1.13
CA TYR F 421 73.88 75.26 -1.85
CA PHE F 422 75.26 78.85 -1.68
CA ALA F 423 72.89 80.12 1.11
CA PRO F 424 74.38 81.37 4.46
CA TYR F 425 73.50 80.03 7.96
CA GLN F 426 72.04 82.37 10.65
CA VAL F 427 73.65 83.34 14.00
CA PHE F 428 73.20 86.07 16.65
CA ASP F 429 76.81 87.30 16.01
CA SER F 430 78.89 86.09 12.99
CA LYS F 431 82.16 87.56 14.39
CA GLN F 432 81.65 85.72 17.71
CA ALA F 433 80.53 82.57 15.76
CA ALA F 434 83.73 82.80 13.61
CA LEU F 435 85.77 82.11 16.83
CA TYR F 436 84.19 78.55 16.86
CA ILE F 437 84.01 77.75 13.08
CA LYS F 438 87.20 76.12 11.65
CA LYS F 439 86.58 77.10 7.96
CA ALA F 440 88.32 79.62 5.68
CA ASN F 441 86.15 82.72 4.79
CA VAL F 442 83.39 82.12 7.47
CA THR F 443 81.92 85.66 6.88
CA ASP F 444 80.81 84.56 3.33
CA PHE F 445 78.67 81.62 4.68
CA VAL F 446 77.62 82.96 8.18
CA ASP F 447 75.21 85.94 8.59
CA ASP F 448 73.69 87.91 11.52
CA SER F 449 69.89 87.71 12.02
CA ALA F 450 67.60 90.74 11.36
CA ASP F 451 67.18 91.24 15.21
CA ALA F 452 70.82 90.50 16.34
CA GLY F 453 71.13 93.76 18.37
CA VAL F 454 68.22 92.70 20.70
CA TYR F 455 69.83 89.34 21.71
CA LEU F 456 73.42 90.58 22.49
CA ASN F 457 72.08 92.61 25.49
CA THR F 458 70.02 89.94 27.42
CA SER F 459 71.83 87.12 29.48
CA LYS F 460 74.68 84.51 29.64
CA ALA F 461 72.30 81.78 28.32
CA LEU F 462 72.02 83.44 24.84
CA SER F 463 75.87 83.55 24.51
CA SER F 464 76.07 79.75 25.19
CA THR F 465 73.28 79.11 22.61
CA ASN F 466 75.20 81.13 19.95
CA VAL F 467 78.26 78.85 20.58
CA LYS F 468 76.11 75.64 20.22
CA ILE F 469 74.68 77.01 16.93
CA ALA F 470 78.23 77.87 15.67
CA ASN F 471 79.45 74.29 16.44
CA ILE F 472 76.47 72.74 14.52
CA ILE F 473 77.10 75.17 11.59
CA ASN F 474 80.80 74.08 11.73
CA TYR F 475 79.62 70.48 10.99
CA ALA F 476 77.41 71.61 8.06
CA LEU F 477 80.26 73.79 6.67
CA ASN F 478 82.76 70.83 6.97
CA GLN F 479 80.44 68.67 4.77
CA LYS F 480 78.77 66.84 7.72
CA LEU F 481 75.13 67.58 6.83
CA ARG F 482 73.31 64.54 8.39
CA LEU F 483 75.08 65.24 11.73
CA ALA F 484 74.17 68.97 11.57
CA ASN F 485 70.50 68.12 10.83
CA GLN F 486 70.31 65.69 13.82
CA GLU F 487 71.96 68.21 16.19
CA PHE F 488 69.60 71.00 14.98
CA GLN F 489 66.62 68.63 15.59
CA LYS F 490 67.88 67.98 19.19
CA LEU F 491 68.50 71.70 19.81
CA ILE F 492 65.08 72.84 18.46
CA LYS F 493 63.41 70.48 21.04
CA ASP F 494 65.05 72.55 23.79
CA TYR F 495 64.27 75.92 22.05
CA PRO F 496 60.97 75.72 20.01
CA GLU F 497 60.43 79.56 19.81
CA HIS F 498 63.89 80.18 18.20
CA SER F 499 63.56 81.56 14.58
CA ILE F 500 67.27 80.99 13.72
CA LEU F 501 67.16 77.25 14.71
CA HIS F 502 64.05 76.78 12.52
CA TYR F 503 65.89 78.52 9.60
CA ASN F 504 69.12 76.48 9.98
CA LEU F 505 67.22 73.17 10.46
CA ALA F 506 65.14 73.98 7.35
CA LEU F 507 68.31 74.77 5.36
CA THR F 508 69.87 71.38 6.28
CA TYR F 509 66.65 69.62 5.12
CA ALA F 510 66.70 71.66 1.85
CA GLN F 511 70.40 70.69 1.26
CA MET F 512 69.28 67.03 1.87
CA GLN F 513 66.44 67.71 -0.73
CA ASN F 514 63.78 66.99 1.96
CA TYR F 515 61.61 69.92 0.82
CA GLU F 516 58.56 68.92 2.99
CA LEU F 517 60.52 69.31 6.27
CA ALA F 518 62.46 72.29 4.81
CA TYR F 519 59.13 74.09 4.03
CA LYS F 520 57.71 73.48 7.53
CA HIS F 521 60.84 74.75 9.35
CA PHE F 522 61.42 77.77 7.00
CA SER F 523 57.73 78.78 7.38
CA SER F 524 57.98 78.40 11.21
CA SER F 525 61.22 80.50 11.23
CA TYR F 526 59.46 83.28 9.28
CA HIS F 527 56.37 83.22 11.59
CA LEU F 528 58.60 83.47 14.73
CA ASN F 529 60.42 86.42 13.03
CA PRO F 530 58.41 88.09 10.17
CA LYS F 531 61.56 90.18 9.33
CA ASN F 532 63.45 86.94 8.34
CA TYR F 533 62.37 87.46 4.67
CA LEU F 534 65.00 84.95 3.41
CA ALA F 535 63.25 82.19 5.49
CA GLY F 536 59.96 83.27 3.79
CA ALA F 537 61.48 83.12 0.26
CA PHE F 538 63.05 79.68 0.97
CA ALA F 539 59.64 78.44 2.30
CA MET F 540 58.16 79.48 -1.11
CA PHE F 541 60.94 77.52 -2.95
CA CYS F 542 60.32 74.38 -0.85
CA ALA F 543 56.50 74.70 -1.22
CA LYS F 544 56.84 75.08 -5.03
CA LEU F 545 58.92 71.86 -5.16
CA ILE F 546 56.35 69.93 -2.97
CA ASP F 547 53.36 71.23 -5.12
CA ILE F 548 51.70 73.29 -2.30
CA ASP F 549 49.60 76.42 -3.11
CA THR F 550 51.39 79.40 -1.51
CA THR F 551 49.23 82.33 -2.77
CA LYS F 552 48.34 83.20 0.90
CA LEU F 553 52.00 82.97 2.10
CA TYR F 554 53.16 84.97 -0.99
CA ASN F 555 50.72 87.80 -0.18
CA GLU F 556 51.67 87.66 3.58
CA ILE F 557 55.43 87.97 2.86
CA LEU F 558 54.83 90.75 0.26
CA ASP F 559 52.52 92.65 2.67
CA ASN F 560 55.15 92.39 5.45
CA ILE F 561 57.90 93.57 2.99
CA ALA F 562 55.64 96.48 1.86
CA ALA F 563 54.84 97.43 5.51
CA ASP F 564 58.57 97.15 6.44
CA SER F 565 60.23 100.25 4.90
CA ASN F 566 63.30 99.77 7.22
CA PHE F 567 64.58 96.45 5.70
CA LYS F 568 65.67 96.29 2.00
CA ALA F 569 64.02 93.01 0.88
CA ASN F 570 64.82 93.56 -2.88
CA MET F 571 66.77 90.26 -3.32
CA GLN F 572 64.12 88.24 -1.36
CA LYS F 573 61.28 89.97 -3.32
CA SER F 574 63.12 89.09 -6.58
CA MET F 575 63.26 85.44 -5.36
CA LEU F 576 59.41 85.59 -4.92
CA PHE F 577 59.26 86.82 -8.58
CA LEU F 578 61.50 83.83 -9.56
CA VAL F 579 58.95 81.39 -7.94
CA ASN F 580 56.30 82.97 -10.25
CA ASN F 581 58.75 83.22 -13.29
CA ASN F 582 58.43 87.08 -13.39
CA TYR F 583 61.95 87.57 -14.89
CA ILE F 584 61.53 91.25 -15.97
CA SER F 585 60.74 92.32 -12.32
CA MET F 586 64.09 90.71 -11.35
CA LEU F 587 66.00 93.02 -13.84
CA PRO F 588 65.92 95.99 -11.33
CA TYR F 589 67.67 93.63 -8.81
CA LEU F 590 70.61 93.29 -11.32
CA ASP F 591 70.96 97.12 -11.56
CA GLU F 592 70.88 97.51 -7.71
CA THR F 593 74.21 98.28 -5.95
CA LYS F 594 74.87 95.46 -3.39
CA LYS F 595 77.59 93.31 -1.73
CA ASP F 596 79.06 90.42 -3.80
CA THR F 597 78.42 87.18 -1.82
CA PRO F 598 78.15 83.54 -3.12
CA LEU F 599 74.33 83.75 -2.77
CA SER F 600 74.01 87.22 -4.40
CA LEU F 601 76.45 86.29 -7.22
CA ILE F 602 74.70 82.99 -8.08
CA PHE F 603 71.27 84.69 -7.78
CA GLU F 604 72.41 87.46 -10.20
CA ALA F 605 73.61 84.73 -12.61
CA ILE F 606 70.12 83.07 -12.32
CA VAL F 607 68.35 86.43 -12.97
CA ALA F 608 70.67 87.21 -15.91
CA LYS F 609 70.12 83.71 -17.40
CA ASN F 610 66.28 83.95 -17.27
CA ASN F 611 66.58 87.32 -19.15
CA ASN F 612 69.11 85.87 -21.77
CA LEU F 613 71.97 88.12 -20.43
CA ASN F 614 74.69 85.46 -21.03
CA ASN F 615 77.58 88.01 -20.76
CA GLN F 616 76.51 88.86 -17.16
CA VAL F 617 76.15 85.10 -16.37
CA ASP F 618 79.79 84.49 -17.44
CA VAL F 619 81.08 87.46 -15.33
CA LYS F 620 79.10 86.46 -12.17
CA ILE F 621 80.16 82.78 -12.50
CA ALA F 622 83.83 83.79 -13.04
CA LYS F 623 83.69 85.93 -9.84
CA LEU F 624 81.94 83.10 -7.91
CA ARG F 625 84.78 80.65 -8.85
CA SER F 626 87.39 83.36 -8.04
CA GLU F 627 85.85 83.67 -4.50
CA LEU F 628 85.58 79.79 -4.19
CA PRO F 629 88.51 78.26 -6.23
CA GLU F 630 88.26 74.69 -4.72
CA ASP F 631 84.41 74.43 -4.64
CA ILE F 632 83.06 71.65 -6.90
CA LEU F 633 79.93 73.51 -8.13
CA ALA F 634 81.70 76.87 -8.69
CA ASN F 635 84.31 75.10 -10.90
CA ILE F 636 81.60 73.06 -12.77
CA LEU F 637 79.62 76.30 -13.44
CA TYR F 638 82.79 78.08 -14.62
CA PHE F 639 83.79 75.13 -16.85
CA ASN F 640 80.23 75.19 -18.30
CA SER F 641 80.47 78.98 -18.96
CA LEU F 642 83.64 78.29 -21.03
CA ASN F 643 82.30 75.15 -22.88
CA SER F 644 78.49 75.80 -23.44
CA ASN F 645 78.98 76.64 -27.19
CA LEU F 646 80.91 73.37 -27.91
CA ASN F 647 79.21 70.13 -29.07
CA ILE F 648 78.61 67.47 -26.34
CA LYS F 649 81.61 65.30 -27.50
CA GLU F 650 84.03 68.30 -27.32
CA TYR F 651 82.43 69.32 -24.00
CA ALA F 652 82.96 65.76 -22.64
CA GLN F 653 86.60 65.63 -23.91
CA ASN F 654 87.34 69.01 -22.27
CA ALA F 655 85.60 67.74 -19.07
CA GLN F 656 87.87 64.65 -18.99
CA ILE F 657 91.02 66.81 -19.38
CA HIS F 658 89.95 69.64 -17.03
CA PHE F 659 88.64 67.51 -14.12
CA LYS F 660 91.42 64.82 -14.24
CA ASN F 661 94.02 67.20 -12.66
CA LEU F 662 91.94 70.08 -11.08
CA LYS F 663 92.35 70.26 -7.24
CA LEU F 664 88.77 70.34 -5.86
CA ASP F 665 87.31 69.76 -2.36
CA TYR F 666 85.57 66.37 -2.89
CA ARG F 667 84.05 66.20 0.69
CA SER F 668 80.89 67.95 -0.68
CA VAL F 669 80.34 65.00 -3.15
CA PHE F 670 80.50 62.51 -0.21
CA GLY F 671 78.69 64.14 2.82
CA GLY F 672 77.59 67.63 1.60
CA PRO F 673 74.38 68.84 -0.14
CA ASN F 674 72.90 66.24 -2.54
CA ILE F 675 73.14 68.63 -5.60
CA ALA F 676 77.00 68.56 -5.49
CA ARG F 677 77.05 64.73 -5.72
CA GLU F 678 74.36 64.67 -8.44
CA PHE F 679 76.08 67.19 -10.75
CA TYR F 680 79.57 65.66 -10.27
CA VAL F 681 78.38 62.06 -11.02
CA ASN F 682 76.31 63.20 -14.05
CA LEU F 683 79.34 65.09 -15.47
CA MET F 684 81.57 61.99 -14.97
CA HIS F 685 78.88 59.84 -16.71
CA ILE F 686 78.78 62.10 -19.81
CA ALA F 687 82.61 62.42 -19.72
CA GLY F 688 82.90 58.55 -19.67
CA LEU F 689 84.94 58.60 -16.38
CA LEU F 690 82.50 56.57 -14.17
CA ASN F 691 84.86 53.55 -13.88
CA LEU F 692 87.87 55.82 -13.13
CA GLU F 693 85.88 57.58 -10.34
CA ARG F 694 84.65 54.17 -8.99
CA GLN F 695 88.33 53.05 -8.78
CA LYS F 696 89.39 56.36 -7.04
CA ILE F 697 86.59 56.01 -4.45
CA LYS F 698 87.41 52.28 -3.82
CA GLU F 699 91.07 53.29 -3.27
CA LEU F 700 89.94 56.10 -0.88
CA ILE F 701 87.85 53.52 1.14
CA ASN F 702 90.87 51.16 1.34
CA VAL F 703 93.40 53.97 2.26
CA SER F 704 91.10 55.76 4.75
CA GLY F 705 90.19 52.75 6.93
CA ALA F 706 86.91 54.59 7.80
CA LYS F 707 83.59 53.27 6.32
CA ASP F 708 82.16 56.82 5.79
CA GLU F 709 78.38 56.83 5.02
CA GLY F 710 78.87 59.66 2.48
CA ILE F 711 81.75 57.98 0.58
CA LEU F 712 79.80 54.67 0.43
CA GLN F 713 76.63 56.53 -0.77
CA THR F 714 78.59 58.14 -3.67
CA LEU F 715 79.99 54.72 -4.68
CA ALA F 716 76.47 53.15 -4.58
CA TYR F 717 75.06 55.95 -6.82
CA LEU F 718 78.01 55.50 -9.28
CA ASP F 719 77.41 51.68 -9.33
CA ILE F 720 73.78 52.26 -10.52
CA PHE F 721 75.05 54.24 -13.57
CA ALA F 722 77.84 51.65 -14.17
CA GLN F 723 74.96 49.02 -14.23
CA GLN F 724 76.51 47.15 -11.24
CA TYR F 725 73.04 46.72 -9.66
CA GLU F 726 73.93 43.79 -7.33
CA GLU F 727 76.89 45.79 -5.92
CA ALA F 728 74.77 48.99 -5.66
CA TYR F 729 71.94 47.07 -3.88
CA ALA F 730 74.45 45.60 -1.37
CA LEU F 731 75.92 49.10 -0.60
CA TYR F 732 72.42 50.60 -0.03
CA ASN F 733 71.52 47.68 2.30
CA SER F 734 74.72 48.46 4.32
CA LEU F 735 73.77 52.20 4.48
CA ILE F 736 70.26 51.30 5.72
CA ASP F 737 71.20 48.52 8.18
CA ASP F 738 74.74 49.48 9.31
CA TYR F 739 74.52 53.29 8.94
CA GLY F 740 70.78 53.72 9.78
CA ALA F 741 70.34 55.78 6.56
CA LYS F 742 66.48 55.61 6.35
CA ASP F 743 65.85 58.91 4.50
CA THR F 744 63.31 58.73 1.60
CA LYS F 745 66.02 59.11 -1.11
CA THR F 746 68.30 56.35 0.31
CA LEU F 747 65.30 53.96 0.47
CA PHE F 748 64.21 55.02 -3.06
CA LEU F 749 67.71 54.44 -4.57
CA ALA F 750 67.86 51.04 -2.80
CA ALA F 751 64.64 50.13 -4.71
CA VAL F 752 66.20 51.42 -8.01
CA ALA F 753 69.21 49.11 -7.45
CA ALA F 754 66.84 46.25 -6.40
CA ILE F 755 64.82 46.63 -9.68
CA GLY F 756 68.13 46.72 -11.66
CA ALA F 757 69.07 43.49 -9.76
CA ASN F 758 65.60 41.96 -10.58
CA ASN F 759 64.28 41.88 -6.92
CA PRO F 760 60.68 43.30 -7.15
CA ASN F 761 59.57 42.04 -3.68
CA SER F 762 62.48 43.92 -2.05
CA ALA F 763 61.79 46.97 -4.27
CA ILE F 764 58.09 47.05 -3.19
CA ALA F 765 59.14 46.98 0.51
CA LEU F 766 61.83 49.68 0.02
CA LEU F 767 59.41 51.91 -1.98
CA GLN F 768 56.76 51.51 0.80
CA LEU F 769 59.37 52.62 3.43
CA SER F 770 60.48 55.50 1.09
CA LYS F 771 56.82 56.68 0.73
CA LEU F 772 56.24 56.23 4.51
CA THR F 773 59.29 58.55 5.01
CA ASP F 774 57.99 61.06 2.39
CA LYS F 775 54.23 60.87 1.71
CA ASN F 776 54.66 63.23 -1.31
CA ASN F 777 57.20 60.92 -3.10
CA LYS F 778 55.42 60.65 -6.53
CA GLU F 779 58.27 58.52 -7.98
CA SER F 780 57.78 55.90 -5.18
CA LYS F 781 54.00 55.99 -5.89
CA ALA F 782 54.47 55.51 -9.68
CA ALA F 783 56.99 52.69 -9.11
CA LEU F 784 54.59 50.92 -6.68
CA GLY F 785 51.68 51.36 -9.17
CA MET F 786 53.60 49.61 -11.98
CA LEU F 787 55.04 46.93 -9.62
CA TYR F 788 51.58 46.14 -8.16
CA GLN F 789 50.29 45.85 -11.77
CA GLU F 790 53.14 43.42 -12.69
CA VAL F 791 52.24 41.20 -9.62
CA LYS F 792 48.53 41.47 -10.76
CA ASN F 793 47.47 43.50 -7.66
CA TYR F 794 45.30 45.74 -9.89
CA GLU F 795 43.52 47.28 -6.81
CA ALA F 796 46.82 48.52 -5.30
CA ALA F 797 48.11 49.56 -8.78
CA ILE F 798 44.96 51.65 -9.46
CA SER F 799 45.22 53.16 -5.95
CA GLN F 800 48.77 54.45 -6.63
CA TYR F 801 47.69 55.75 -10.09
CA LYS F 802 44.66 57.56 -8.48
CA THR F 803 47.15 59.60 -6.36
CA LEU F 804 49.18 60.82 -9.41
CA PRO F 805 48.10 63.84 -11.55
CA ASN F 806 48.09 64.02 -15.36
CA ASN F 807 51.49 64.72 -17.07
CA PHE F 808 53.49 63.03 -14.22
CA LYS F 809 56.07 60.63 -15.79
CA SER F 810 58.50 58.47 -13.77
CA GLU F 811 62.13 59.36 -14.64
CA PHE F 812 63.54 56.07 -13.20
CA PHE F 813 60.85 53.45 -14.07
CA THR F 814 59.32 52.19 -17.32
CA PHE F 815 57.66 48.99 -18.44
CA ASP F 816 57.91 46.69 -21.48
CA ILE F 817 55.14 44.41 -22.81
CA ASN F 818 55.98 40.84 -21.84
CA ASN F 819 55.60 38.61 -24.96
CA ASN F 820 56.18 35.39 -22.85
CA GLY G 16 -126.86 -29.02 -12.49
CA ILE G 17 -124.68 -26.46 -10.65
CA GLU G 18 -121.91 -25.30 -13.06
CA ARG G 19 -118.37 -26.58 -12.23
CA PRO G 20 -116.29 -23.71 -10.72
CA LYS G 21 -113.23 -22.60 -12.67
CA PHE G 22 -109.65 -22.62 -11.42
CA GLU G 23 -109.90 -18.81 -10.90
CA ASP G 24 -112.75 -19.25 -8.33
CA PHE G 25 -110.42 -21.39 -6.13
CA LEU G 26 -107.34 -19.21 -6.89
CA ALA G 27 -109.15 -16.26 -5.20
CA GLY G 28 -109.59 -18.62 -2.18
CA TYR G 29 -105.83 -19.39 -2.28
CA GLU G 30 -104.80 -15.69 -2.47
CA ARG G 31 -107.05 -14.80 0.53
CA ASN G 32 -105.94 -17.79 2.66
CA LYS G 33 -102.25 -18.48 1.66
CA ALA G 34 -101.09 -16.86 4.96
CA SER G 35 -102.91 -19.72 6.81
CA MET G 36 -100.62 -22.24 4.97
CA LEU G 37 -97.07 -22.55 6.35
CA ASN G 38 -94.01 -24.75 6.53
CA TYR G 39 -93.21 -25.30 10.24
CA GLU G 40 -89.82 -26.98 10.95
CA GLY G 41 -89.93 -28.69 7.48
CA MET G 42 -93.58 -29.95 7.89
CA PRO G 43 -96.88 -28.72 6.31
CA ALA G 44 -98.67 -26.47 8.84
CA PHE G 45 -102.08 -24.77 8.92
CA ALA G 46 -103.26 -21.79 11.03
CA LEU G 47 -106.30 -22.78 13.11
CA SER G 48 -106.44 -19.58 15.28
CA GLU G 49 -104.34 -16.40 15.94
CA ASN G 50 -101.81 -18.59 17.91
CA LEU G 51 -102.55 -22.29 17.05
CA LEU G 52 -101.03 -24.35 14.20
CA ALA G 53 -102.00 -27.82 13.07
CA VAL G 54 -98.68 -29.37 11.89
CA LEU G 55 -99.04 -32.54 9.81
CA LYS G 56 -96.59 -35.20 11.09
CA GLN G 57 -94.48 -36.61 8.24
CA PRO G 58 -92.80 -40.07 8.15
CA ASN G 59 -89.40 -40.01 9.97
CA THR G 60 -89.94 -36.41 11.26
CA LYS G 61 -90.24 -35.37 14.92
CA LEU G 62 -91.34 -32.00 16.29
CA ASN G 63 -89.40 -31.02 19.46
CA LYS G 64 -91.90 -28.45 20.87
CA TYR G 65 -95.70 -28.98 20.63
CA VAL G 66 -98.79 -28.73 22.86
CA LYS G 67 -100.00 -32.25 21.85
CA TYR G 68 -99.62 -34.96 19.18
CA ASP G 69 -102.96 -36.50 18.02
CA PRO G 70 -102.37 -39.99 16.55
CA PHE G 71 -105.89 -40.25 15.16
CA LEU G 72 -105.57 -36.95 13.21
CA ASN G 73 -101.77 -37.42 12.78
CA LEU G 74 -101.41 -33.71 13.77
CA TYR G 75 -99.20 -31.84 16.25
CA LEU G 76 -100.91 -28.85 17.90
CA VAL G 77 -98.36 -26.02 18.15
CA ARG G 78 -98.77 -22.75 20.06
CA THR G 79 -96.87 -19.85 18.44
CA ASP G 80 -95.34 -16.81 20.20
CA PHE G 81 -96.30 -14.81 17.04
CA SER G 82 -99.68 -13.99 15.48
CA LEU G 83 -101.17 -16.18 12.73
CA ILE G 84 -103.88 -15.42 10.15
CA PRO G 85 -106.45 -18.29 10.38
CA THR G 86 -108.91 -19.14 7.60
CA PRO G 87 -112.65 -18.80 8.38
CA MET G 88 -113.95 -22.36 8.94
CA GLY G 89 -117.29 -23.17 7.28
CA ASP G 90 -119.60 -26.15 7.92
CA GLU G 91 -118.75 -29.29 5.88
CA GLU G 92 -121.87 -31.10 7.23
CA LYS G 93 -124.09 -28.57 5.37
CA LEU G 94 -122.44 -29.51 2.05
CA THR G 95 -124.48 -31.65 -0.34
CA ARG G 96 -123.19 -33.88 -3.20
CA ASN G 97 -123.78 -30.86 -5.51
CA ASP G 98 -121.49 -28.51 -3.54
CA TRP G 99 -117.97 -27.91 -4.86
CA VAL G 100 -114.83 -28.28 -2.76
CA GLY G 101 -111.20 -27.94 -3.70
CA ILE G 102 -107.64 -27.58 -2.53
CA TRP G 103 -106.56 -23.95 -2.63
CA ASP G 104 -103.45 -24.31 -4.81
CA PRO G 105 -101.72 -21.61 -6.93
CA ASN G 106 -100.97 -23.91 -9.92
CA LYS G 107 -103.42 -26.87 -10.18
CA PRO G 108 -107.27 -27.20 -10.06
CA TYR G 109 -107.91 -29.86 -7.37
CA ILE G 110 -111.74 -29.50 -7.64
CA GLY G 111 -114.55 -32.00 -6.96
CA HIS G 112 -116.95 -33.13 -4.21
CA ILE G 113 -116.99 -34.72 -0.76
CA LYS G 114 -117.39 -38.45 -1.61
CA TYR G 115 -118.37 -39.28 2.00
CA LEU G 116 -117.81 -38.29 5.65
CA ALA G 117 -116.21 -41.09 7.73
CA GLN G 118 -118.42 -43.01 10.21
CA ASN G 119 -115.62 -43.38 12.83
CA ILE G 120 -112.50 -41.43 13.95
CA ASP G 121 -110.37 -44.41 12.77
CA GLU G 122 -111.27 -43.45 9.16
CA LYS G 123 -110.60 -40.24 7.14
CA ASP G 124 -113.29 -38.32 5.29
CA GLN G 125 -113.06 -38.89 1.49
CA LEU G 126 -113.02 -36.73 -1.65
CA ASP G 127 -114.05 -37.87 -5.18
CA PHE G 128 -110.76 -36.52 -6.66
CA ASN G 129 -107.06 -37.32 -6.17
CA SER G 130 -105.92 -34.96 -3.39
CA LYS G 131 -102.64 -33.65 -1.94
CA ILE G 132 -101.67 -32.05 1.37
CA GLY G 133 -103.30 -28.56 1.56
CA LEU G 134 -106.30 -26.51 2.77
CA LEU G 135 -109.63 -27.89 1.54
CA GLY G 136 -112.25 -25.17 1.07
CA THR G 137 -115.25 -23.83 -0.86
CA PRO G 138 -115.35 -21.21 -3.70
CA CYS G 139 -116.56 -18.82 -0.89
CA CYS G 140 -113.03 -19.05 0.67
CA GLU G 141 -114.27 -21.04 3.74
CA MET G 142 -112.12 -23.90 5.10
CA MET G 143 -113.80 -27.37 5.04
CA GLY G 144 -110.66 -29.12 6.37
CA ILE G 145 -107.07 -30.23 5.73
CA ALA G 146 -106.74 -32.25 2.52
CA LEU G 147 -104.28 -35.18 2.67
CA ASN G 148 -102.93 -37.58 0.02
CA ASN G 149 -105.04 -40.43 -1.53
CA SER G 150 -108.39 -38.51 -1.68
CA SER G 151 -108.53 -38.24 2.16
CA PHE G 152 -109.11 -35.19 4.40
CA ILE G 153 -109.60 -34.07 8.03
CA GLY G 154 -112.97 -32.25 8.28
CA ASN G 155 -113.05 -28.91 10.15
CA ARG G 156 -115.41 -30.39 12.86
CA TYR G 157 -112.44 -32.51 14.04
CA LEU G 158 -110.11 -29.46 13.87
CA LYS G 159 -112.54 -27.38 16.03
CA HIS G 160 -112.44 -30.17 18.68
CA PHE G 161 -108.66 -30.72 18.24
CA MET G 162 -108.07 -27.03 19.23
CA LYS G 163 -110.36 -27.22 22.34
CA TYR G 164 -107.91 -29.13 24.64
CA ASN G 165 -104.13 -28.95 25.34
CA ASP G 166 -104.10 -32.81 25.64
CA VAL G 167 -105.43 -35.55 23.27
CA TYR G 168 -109.13 -35.94 24.11
CA TRP G 169 -111.98 -37.66 22.25
CA GLY G 170 -115.19 -38.80 23.97
CA ASP G 171 -116.05 -42.49 24.47
CA ILE G 172 -118.94 -44.16 26.38
CA GLY G 173 -117.60 -47.74 25.99
CA VAL G 174 -120.36 -48.80 23.53
CA ASP G 175 -120.03 -49.53 19.78
CA PHE G 176 -123.05 -49.21 17.44
CA VAL G 177 -124.20 -50.83 14.16
CA VAL G 178 -126.84 -49.91 11.55
CA ARG G 179 -129.41 -52.66 10.78
CA GLU G 180 -132.58 -52.00 8.71
CA ASN G 181 -132.01 -48.17 8.88
CA LYS G 182 -131.98 -48.36 12.75
CA ILE G 183 -129.02 -47.97 15.13
CA TYR G 184 -128.32 -50.80 17.59
CA VAL G 185 -125.80 -51.55 20.32
CA ASN G 186 -123.31 -53.97 18.71
CA ASN G 187 -120.66 -54.23 21.48
CA VAL G 188 -120.34 -53.18 25.16
CA ARG G 189 -116.76 -52.46 26.36
CA LYS G 190 -117.03 -50.26 29.53
CA ASN G 191 -120.75 -49.47 30.05
CA PRO G 192 -122.95 -52.28 31.46
CA GLN G 193 -126.11 -50.06 31.39
CA PHE G 194 -126.39 -50.83 27.63
CA LEU G 195 -127.19 -54.33 26.32
CA ILE G 196 -126.38 -55.87 22.92
CA ASN G 197 -129.36 -55.26 20.57
CA ASP G 198 -130.68 -52.20 22.47
CA GLN G 199 -132.13 -50.00 19.67
CA VAL G 200 -130.86 -46.40 20.02
CA ILE G 201 -133.82 -43.98 19.64
CA SER G 202 -132.27 -40.65 20.75
CA VAL G 203 -129.35 -38.90 22.52
CA ASP G 204 -130.00 -35.67 24.49
CA GLY G 205 -133.50 -35.66 22.89
CA LEU G 206 -132.02 -35.63 19.31
CA PRO G 207 -133.15 -38.60 17.08
CA ALA G 208 -130.44 -41.26 16.51
CA ASN G 209 -131.03 -41.68 12.72
CA ASP G 210 -127.39 -41.19 11.47
CA LEU G 211 -124.60 -43.39 12.94
CA ARG G 212 -121.86 -40.81 12.12
CA LYS G 213 -123.81 -38.04 13.95
CA LEU G 214 -124.39 -40.37 16.94
CA ASN G 215 -120.65 -41.23 17.04
CA GLU G 216 -119.62 -37.53 16.59
CA LYS G 217 -122.10 -36.44 19.35
CA ILE G 218 -120.23 -38.86 21.70
CA LEU G 219 -116.76 -38.06 20.27
CA PHE G 220 -117.10 -34.24 20.67
CA ALA G 221 -118.88 -34.37 24.08
CA ASP G 222 -117.16 -32.56 27.00
CA ARG G 223 -114.88 -34.49 29.41
CA GLY G 224 -116.99 -35.91 32.26
CA SER G 225 -120.26 -34.68 30.66
CA THR G 226 -123.38 -36.88 30.92
CA LEU G 227 -125.22 -38.03 27.77
CA TYR G 228 -128.91 -39.03 28.02
CA PHE G 229 -129.94 -41.96 25.77
CA GLN G 230 -133.40 -43.25 24.92
CA VAL G 231 -133.23 -46.92 23.90
CA LEU G 232 -135.80 -49.59 23.01
CA ARG G 233 -135.11 -52.79 25.02
CA ASP G 234 -137.51 -55.74 24.59
CA ASN G 235 -140.07 -53.29 23.02
CA MET G 236 -139.97 -51.07 26.17
CA ASP G 237 -138.65 -47.50 26.21
CA LEU G 238 -135.65 -47.13 28.56
CA ASN G 239 -133.67 -44.03 29.56
CA ILE G 240 -129.89 -44.52 30.10
CA SER G 241 -127.57 -41.78 31.44
CA THR G 242 -123.79 -42.21 30.93
CA GLU G 243 -120.66 -40.20 31.75
CA VAL G 244 -118.28 -39.50 28.81
CA PHE G 245 -114.68 -40.64 29.40
CA ALA G 246 -111.50 -40.21 27.30
CA LYS G 247 -111.05 -42.63 24.37
CA ASP G 248 -108.22 -45.23 24.79
CA LEU G 249 -104.88 -44.35 23.07
CA SER G 250 -102.96 -47.54 24.14
CA LYS G 251 -102.85 -48.82 20.51
CA PHE G 252 -100.66 -45.77 19.59
CA ASN G 253 -97.88 -46.20 22.20
CA LEU G 254 -96.63 -42.52 22.11
CA PRO G 255 -93.43 -42.38 24.24
CA ASP G 256 -94.22 -41.53 27.88
CA SER G 257 -92.88 -37.91 28.27
CA LYS G 258 -94.59 -37.22 31.63
CA PRO G 259 -91.70 -35.84 33.74
CA LYS G 260 -90.73 -38.87 35.85
CA PRO G 261 -91.38 -37.84 39.46
CA LYS G 262 -88.65 -36.36 41.55
CA ILE G 263 -88.72 -40.05 42.55
CA THR G 264 -88.66 -40.08 46.29
CA ASN G 265 -89.50 -40.28 49.95
CA PHE G 266 -91.56 -38.32 52.47
CA THR G 267 -90.56 -36.78 55.84
CA SER G 268 -93.14 -36.67 58.67
CA ASN G 269 -93.48 -34.01 61.40
CA LEU G 270 -93.08 -37.01 63.84
CA GLY G 271 -89.48 -37.31 62.48
CA LEU G 272 -89.57 -40.24 60.01
CA THR G 273 -88.21 -40.14 56.43
CA VAL G 274 -89.62 -43.00 54.30
CA ASN G 275 -88.93 -44.01 50.70
CA THR G 276 -91.33 -45.12 47.94
CA SER G 277 -90.94 -48.78 49.20
CA LEU G 278 -92.18 -47.88 52.76
CA VAL G 279 -88.62 -48.22 54.21
CA VAL G 280 -87.43 -45.74 56.90
CA THR G 281 -84.28 -44.02 55.51
CA LYS G 282 -83.76 -41.21 58.12
CA ILE G 283 -84.99 -40.64 61.71
CA ASP G 284 -84.69 -37.15 63.22
CA PRO G 285 -82.88 -37.15 66.61
CA LYS G 286 -85.19 -36.66 69.67
CA SER G 287 -88.31 -36.99 67.43
CA LYS G 288 -91.54 -38.76 68.48
CA ALA G 289 -90.43 -41.55 66.11
CA SER G 290 -86.94 -41.80 67.64
CA ASN G 291 -88.62 -42.02 71.10
CA ALA G 292 -91.09 -44.70 69.92
CA GLY G 293 -87.86 -46.72 69.03
CA PHE G 294 -87.89 -46.64 65.19
CA MET G 295 -84.60 -47.43 63.31
CA VAL G 296 -83.21 -46.72 59.83
CA GLY G 297 -84.08 -49.75 57.64
CA ASP G 298 -87.43 -50.53 59.26
CA LYS G 299 -89.99 -51.40 56.50
CA ILE G 300 -93.57 -50.29 57.39
CA LEU G 301 -96.30 -52.82 56.57
CA ARG G 302 -99.47 -51.71 58.48
CA VAL G 303 -100.77 -48.67 60.32
CA ASN G 304 -103.61 -49.50 62.71
CA ASN G 305 -105.87 -51.91 60.73
CA ILE G 306 -104.79 -50.58 57.25
CA ILE G 307 -102.26 -52.50 55.08
CA LEU G 308 -100.14 -49.97 53.17
CA ASN G 309 -99.62 -50.35 49.39
CA ASN G 310 -97.81 -46.99 48.85
CA PHE G 311 -96.16 -44.14 50.79
CA LYS G 312 -99.09 -41.74 50.00
CA GLU G 313 -101.45 -43.88 52.16
CA LEU G 314 -98.87 -43.67 54.96
CA GLN G 315 -98.61 -39.86 54.55
CA ASN G 316 -102.41 -39.47 54.68
CA ILE G 317 -102.81 -41.70 57.80
CA LEU G 318 -100.07 -39.87 59.71
CA SER G 319 -101.40 -36.42 58.67
CA ALA G 320 -104.93 -37.25 59.89
CA GLY G 321 -104.36 -39.20 63.16
CA ASN G 322 -102.83 -38.49 66.58
CA ASP G 323 -102.27 -42.09 67.80
CA PHE G 324 -100.95 -44.96 65.71
CA SER G 325 -100.17 -48.70 66.12
CA ILE G 326 -97.65 -49.37 63.34
CA LEU G 327 -96.40 -52.81 62.09
CA ILE G 328 -92.77 -52.90 60.90
CA GLU G 329 -90.17 -55.36 59.52
CA ARG G 330 -86.58 -55.13 60.91
CA LYS G 331 -83.46 -57.21 60.36
CA SER G 332 -82.78 -59.54 63.31
CA THR G 333 -79.18 -58.07 63.62
CA LYS G 334 -80.73 -54.63 64.61
CA LEU G 335 -82.87 -55.97 67.55
CA PRO G 336 -81.63 -55.26 71.13
CA LEU G 337 -81.39 -59.07 71.58
CA SER G 338 -78.66 -59.42 68.88
CA ASN G 339 -75.93 -58.57 71.42
CA PHE G 340 -77.04 -61.43 73.78
CA ASN G 341 -76.38 -64.18 71.09
CA ASN G 342 -73.00 -65.15 72.78
CA GLU G 343 -74.29 -66.06 76.33
CA LEU G 344 -77.78 -67.58 75.63
CA GLY G 345 -78.00 -70.82 73.52
CA GLY G 346 -80.07 -70.29 70.34
CA ASN G 347 -79.44 -68.88 66.87
CA ALA G 348 -81.51 -65.91 65.74
CA ASN G 349 -80.33 -66.75 62.15
CA SER G 350 -81.68 -70.42 62.38
CA GLY G 351 -85.17 -71.23 60.95
CA GLY G 352 -86.29 -67.72 59.89
CA ASP G 353 -85.48 -65.37 56.96
CA GLY G 354 -83.39 -62.93 59.06
CA LYS G 355 -86.33 -60.43 59.64
CA PHE G 356 -88.58 -59.59 62.62
CA GLN G 357 -92.09 -58.03 62.51
CA PHE G 358 -93.58 -56.04 65.48
CA PHE G 359 -95.87 -53.17 66.45
CA ILE G 360 -94.62 -49.74 67.57
CA ARG G 361 -97.03 -47.24 69.20
CA LEU G 362 -96.56 -43.69 67.93
CA THR G 363 -98.33 -40.64 69.31
CA LYS G 364 -98.23 -37.01 68.06
CA GLY H 16 -58.76 -5.15 0.78
CA ILE H 17 -55.51 -6.71 2.08
CA GLU H 18 -52.82 -6.36 -0.65
CA ARG H 19 -51.87 -9.64 -2.42
CA PRO H 20 -48.41 -10.81 -1.18
CA LYS H 21 -45.62 -10.96 -3.75
CA PHE H 22 -43.63 -14.04 -4.70
CA GLU H 23 -40.69 -12.69 -2.58
CA ASP H 24 -42.85 -12.81 0.63
CA PHE H 25 -43.35 -16.60 0.13
CA LEU H 26 -39.75 -17.14 -1.12
CA ALA H 27 -38.50 -15.96 2.33
CA GLY H 28 -40.84 -18.64 3.80
CA TYR H 29 -39.27 -21.24 1.44
CA GLU H 30 -35.65 -20.26 2.31
CA ARG H 31 -36.40 -20.51 6.09
CA ASN H 32 -38.30 -23.83 5.83
CA LYS H 33 -36.67 -25.75 2.86
CA ALA H 34 -34.85 -28.02 5.39
CA SER H 35 -38.32 -29.27 6.51
CA MET H 36 -38.95 -30.49 2.88
CA LEU H 37 -37.20 -33.76 1.92
CA ASN H 38 -37.23 -36.67 -0.48
CA TYR H 39 -37.41 -39.87 1.63
CA GLU H 40 -36.83 -43.14 -0.34
CA GLY H 41 -38.11 -41.44 -3.56
CA MET H 42 -41.27 -39.95 -1.89
CA PRO H 43 -42.10 -36.33 -0.81
CA ALA H 44 -41.45 -36.00 2.95
CA PHE H 45 -42.05 -33.24 5.51
CA ALA H 46 -40.43 -32.72 8.94
CA LEU H 47 -43.11 -32.61 11.65
CA SER H 48 -40.71 -32.68 14.68
CA GLU H 49 -36.95 -33.16 15.41
CA ASN H 50 -37.36 -36.93 14.64
CA LEU H 51 -40.74 -37.39 12.82
CA LEU H 52 -41.39 -37.27 9.05
CA ALA H 53 -44.71 -37.30 7.24
CA VAL H 54 -43.97 -39.20 3.99
CA LEU H 55 -46.65 -38.87 1.28
CA LYS H 56 -47.45 -42.31 -0.16
CA GLN H 57 -47.23 -42.31 -3.97
CA PRO H 58 -49.05 -44.68 -6.37
CA ASN H 59 -47.12 -48.00 -6.76
CA THR H 60 -44.57 -47.08 -4.02
CA LYS H 61 -44.11 -48.93 -0.70
CA LEU H 62 -42.08 -47.79 2.31
CA ASN H 63 -40.32 -50.74 4.05
CA LYS H 64 -39.77 -49.08 7.48
CA TYR H 65 -42.40 -46.76 9.07
CA VAL H 66 -44.11 -46.22 12.45
CA LYS H 67 -47.60 -46.22 10.85
CA TYR H 68 -49.45 -45.76 7.51
CA ASP H 69 -52.58 -43.51 7.75
CA PRO H 70 -54.99 -44.30 4.89
CA PHE H 71 -57.17 -41.27 5.59
CA LEU H 72 -54.21 -38.84 5.37
CA ASN H 73 -52.36 -41.11 2.86
CA LEU H 74 -49.19 -40.51 4.97
CA TYR H 75 -46.52 -42.79 6.45
CA LEU H 76 -45.18 -41.63 9.83
CA VAL H 77 -41.39 -42.25 9.87
CA ARG H 78 -39.08 -41.96 12.88
CA THR H 79 -35.54 -40.89 11.91
CA ASP H 80 -32.27 -41.81 13.69
CA PHE H 81 -31.03 -38.27 12.70
CA SER H 82 -32.26 -34.78 13.66
CA LEU H 83 -34.76 -32.90 11.47
CA ILE H 84 -35.57 -29.17 11.30
CA PRO H 85 -39.40 -28.88 11.60
CA THR H 86 -41.38 -25.84 10.47
CA PRO H 87 -43.32 -23.88 13.16
CA MET H 88 -46.99 -24.88 12.74
CA GLY H 89 -49.50 -22.01 12.91
CA ASP H 90 -53.31 -22.19 13.33
CA GLU H 91 -55.25 -22.63 10.06
CA GLU H 92 -58.60 -22.30 11.92
CA LYS H 93 -57.74 -18.65 12.76
CA LEU H 94 -57.37 -17.84 9.04
CA THR H 95 -60.16 -15.83 7.43
CA ARG H 96 -61.07 -15.62 3.71
CA ASN H 97 -58.84 -12.49 3.58
CA ASP H 98 -55.69 -14.29 4.83
CA TRP H 99 -53.11 -15.36 2.26
CA VAL H 100 -51.69 -18.88 2.04
CA GLY H 101 -49.26 -20.37 -0.43
CA ILE H 102 -46.96 -23.25 -1.26
CA TRP H 103 -43.38 -22.39 -0.36
CA ASP H 104 -41.76 -23.01 -3.76
CA PRO H 105 -38.43 -21.58 -5.10
CA ASN H 106 -39.71 -20.98 -8.67
CA LYS H 107 -43.53 -20.47 -8.83
CA PRO H 108 -46.04 -18.27 -6.88
CA TYR H 109 -48.71 -20.74 -5.67
CA ILE H 110 -50.62 -18.03 -3.72
CA GLY H 111 -54.33 -17.74 -2.80
CA HIS H 112 -56.79 -18.54 0.01
CA ILE H 113 -58.29 -21.46 1.91
CA LYS H 114 -61.50 -22.15 -0.08
CA TYR H 115 -62.94 -24.28 2.76
CA LEU H 116 -62.00 -26.68 5.58
CA ALA H 117 -63.45 -30.19 5.12
CA GLN H 118 -66.44 -31.25 7.29
CA ASN H 119 -65.24 -34.89 7.62
CA ILE H 120 -61.91 -36.82 7.64
CA ASP H 121 -63.03 -38.55 4.40
CA GLU H 122 -62.57 -35.19 2.60
CA LYS H 123 -59.48 -32.96 2.10
CA ASP H 124 -59.38 -29.26 2.95
CA GLN H 125 -59.51 -27.10 -0.23
CA LEU H 126 -57.56 -24.15 -1.67
CA ASP H 127 -58.91 -21.61 -4.21
CA PHE H 128 -55.81 -22.12 -6.47
CA ASN H 129 -54.34 -25.08 -8.37
CA SER H 130 -51.90 -26.72 -5.91
CA LYS H 131 -49.02 -29.20 -6.00
CA ILE H 132 -47.33 -31.38 -3.37
CA GLY H 133 -45.45 -29.08 -0.91
CA LEU H 134 -45.59 -27.19 2.42
CA LEU H 135 -48.58 -24.85 2.67
CA GLY H 136 -47.86 -21.80 4.84
CA THR H 137 -48.42 -18.09 5.53
CA PRO H 138 -46.20 -15.09 4.59
CA CYS H 139 -45.11 -15.23 8.31
CA CYS H 140 -43.32 -18.58 7.52
CA GLU H 141 -45.83 -20.66 9.61
CA MET H 142 -46.98 -24.06 8.28
CA MET H 143 -50.76 -24.38 7.65
CA GLY H 144 -50.44 -27.94 6.27
CA ILE H 145 -49.22 -30.19 3.45
CA ALA H 146 -50.50 -29.06 0.03
CA LEU H 147 -51.47 -31.88 -2.37
CA ASN H 148 -52.48 -31.91 -6.06
CA ASN H 149 -55.93 -30.70 -7.30
CA SER H 150 -56.32 -27.74 -4.85
CA SER H 151 -56.38 -30.11 -1.82
CA PHE H 152 -54.36 -30.02 1.43
CA ILE H 153 -53.92 -31.70 4.85
CA GLY H 154 -54.42 -29.03 7.57
CA ASN H 155 -51.86 -28.89 10.39
CA ARG H 156 -54.57 -29.82 13.01
CA TYR H 157 -54.63 -33.32 11.44
CA LEU H 158 -50.79 -33.43 11.39
CA LYS H 159 -50.63 -32.52 15.14
CA HIS H 160 -52.99 -35.49 15.87
CA PHE H 161 -51.20 -37.77 13.33
CA MET H 162 -47.92 -37.31 15.33
CA LYS H 163 -49.57 -38.04 18.75
CA TYR H 164 -49.81 -41.88 18.36
CA ASN H 165 -47.51 -44.64 16.98
CA ASP H 166 -50.65 -46.41 15.55
CA VAL H 167 -53.52 -45.10 13.35
CA TYR H 168 -56.04 -43.51 15.72
CA TRP H 169 -58.98 -41.17 15.10
CA GLY H 170 -61.87 -40.78 17.58
CA ASP H 171 -65.39 -42.07 16.84
CA ILE H 172 -68.52 -42.21 19.06
CA GLY H 173 -70.63 -44.23 16.57
CA VAL H 174 -72.97 -41.28 15.73
CA ASP H 175 -73.18 -39.28 12.48
CA PHE H 176 -74.54 -35.69 12.46
CA VAL H 177 -76.36 -33.43 9.94
CA VAL H 178 -76.99 -29.67 9.78
CA ARG H 179 -80.69 -28.65 9.38
CA GLU H 180 -81.88 -25.02 9.79
CA ASN H 181 -78.44 -23.95 11.23
CA LYS H 182 -78.78 -26.63 14.00
CA ILE H 183 -76.89 -29.92 14.38
CA TYR H 184 -78.90 -33.15 14.65
CA VAL H 185 -78.19 -36.85 15.04
CA ASN H 186 -78.62 -38.30 11.53
CA ASN H 187 -77.44 -41.91 12.07
CA VAL H 188 -76.61 -44.15 15.08
CA ARG H 189 -74.00 -46.90 14.42
CA LYS H 190 -72.54 -47.97 17.83
CA ASN H 191 -74.08 -45.68 20.49
CA PRO H 192 -77.73 -46.38 21.50
CA GLN H 193 -77.76 -43.46 24.03
CA PHE H 194 -78.34 -41.08 21.07
CA LEU H 195 -81.58 -41.11 19.04
CA ILE H 196 -82.17 -39.97 15.45
CA ASN H 197 -83.29 -36.28 15.52
CA ASP H 198 -81.67 -35.50 18.90
CA GLN H 199 -80.58 -31.83 18.51
CA VAL H 200 -76.93 -31.42 19.63
CA ILE H 201 -76.67 -28.35 21.92
CA SER H 202 -73.12 -28.71 23.34
CA VAL H 203 -70.10 -31.01 23.86
CA ASP H 204 -67.95 -30.63 27.02
CA GLY H 205 -69.89 -27.36 27.67
CA LEU H 206 -68.83 -25.88 24.26
CA PRO H 207 -71.77 -24.87 21.94
CA ALA H 208 -72.32 -27.25 18.99
CA ASN H 209 -72.80 -24.53 16.31
CA ASP H 210 -70.24 -25.76 13.68
CA LEU H 211 -70.47 -29.36 12.39
CA ARG H 212 -66.74 -29.50 11.43
CA LYS H 213 -65.73 -28.38 14.98
CA LEU H 214 -68.10 -30.96 16.52
CA ASN H 215 -66.65 -33.70 14.27
CA GLU H 216 -63.02 -32.57 14.96
CA LYS H 217 -63.72 -32.43 18.76
CA ILE H 218 -64.72 -36.13 18.51
CA LEU H 219 -61.98 -37.02 15.97
CA PHE H 220 -59.10 -35.54 18.06
CA ALA H 221 -60.42 -36.76 21.47
CA ASP H 222 -58.11 -39.07 23.49
CA ARG H 223 -58.46 -42.88 23.27
CA GLY H 224 -61.01 -44.04 25.89
CA SER H 225 -61.82 -40.43 26.93
CA THR H 226 -65.44 -39.55 27.82
CA LEU H 227 -67.27 -36.76 25.96
CA TYR H 228 -70.25 -35.02 27.65
CA PHE H 229 -73.10 -34.05 25.28
CA GLN H 230 -76.10 -31.84 25.93
CA VAL H 231 -78.94 -32.73 23.53
CA LEU H 232 -82.55 -31.62 23.08
CA ARG H 233 -84.86 -34.67 22.86
CA ASP H 234 -88.63 -34.08 22.55
CA ASN H 235 -88.04 -30.44 23.76
CA MET H 236 -86.35 -31.73 26.98
CA ASP H 237 -82.68 -31.14 27.82
CA LEU H 238 -80.77 -34.44 28.14
CA ASN H 239 -77.15 -35.09 29.17
CA ILE H 240 -75.38 -38.01 27.39
CA SER H 241 -71.87 -39.25 28.33
CA THR H 242 -70.00 -41.44 25.79
CA GLU H 243 -66.59 -43.14 25.61
CA VAL H 244 -64.49 -42.39 22.48
CA PHE H 245 -63.35 -45.48 20.56
CA ALA H 246 -61.06 -45.88 17.53
CA LYS H 247 -62.59 -45.18 14.10
CA ASP H 248 -63.09 -48.27 11.84
CA LEU H 249 -60.34 -48.85 9.19
CA SER H 250 -61.88 -52.06 7.64
CA LYS H 251 -62.65 -50.21 4.35
CA PHE H 252 -58.86 -49.72 3.80
CA GLY I 16 -2.89 -6.06 8.12
CA ILE I 17 -6.24 -7.61 7.11
CA GLU I 18 -8.80 -6.88 9.90
CA ARG I 19 -9.79 -9.93 12.03
CA PRO I 20 -13.35 -11.08 11.04
CA LYS I 21 -16.02 -10.87 13.72
CA PHE I 22 -18.09 -13.77 15.04
CA GLU I 23 -21.06 -12.52 12.92
CA ASP I 24 -19.04 -13.03 9.66
CA PHE I 25 -18.66 -16.77 10.50
CA LEU I 26 -22.23 -17.04 11.93
CA ALA I 27 -23.57 -16.15 8.44
CA GLY I 28 -21.40 -19.06 7.15
CA TYR I 29 -22.96 -21.34 9.81
CA GLU I 30 -26.58 -20.31 8.98
CA ARG I 31 -25.99 -20.95 5.22
CA ASN I 32 -24.20 -24.32 5.74
CA LYS I 33 -25.78 -25.86 8.93
CA ALA I 34 -27.79 -28.30 6.71
CA SER I 35 -24.40 -29.79 5.59
CA MET I 36 -23.67 -30.68 9.29
CA LEU I 37 -25.49 -33.76 10.64
CA ASN I 38 -25.47 -36.42 13.31
CA TYR I 39 -25.49 -39.83 11.52
CA GLU I 40 -26.10 -42.86 13.81
CA GLY I 41 -24.63 -40.91 16.81
CA MET I 42 -21.50 -39.70 14.88
CA PRO I 43 -20.58 -36.25 13.41
CA ALA I 44 -21.37 -36.26 9.67
CA PHE I 45 -20.78 -33.78 6.83
CA ALA I 46 -22.53 -33.53 3.44
CA LEU I 47 -19.96 -33.80 0.62
CA SER I 48 -22.49 -34.06 -2.29
CA GLU I 49 -26.29 -34.46 -2.83
CA ASN I 50 -25.99 -38.15 -1.70
CA LEU I 51 -22.54 -38.57 0.02
CA LEU I 52 -21.74 -38.11 3.73
CA ALA I 53 -18.35 -38.10 5.40
CA VAL I 54 -19.02 -39.66 8.85
CA LEU I 55 -16.22 -39.16 11.40
CA LYS I 56 -15.48 -42.48 13.15
CA GLN I 57 -15.55 -42.09 16.95
CA PRO I 58 -13.70 -44.29 19.50
CA ASN I 59 -15.73 -47.48 20.29
CA THR I 60 -18.36 -46.73 17.57
CA LYS I 61 -19.03 -48.87 14.46
CA LEU I 62 -21.14 -47.95 11.44
CA ASN I 63 -23.08 -50.97 10.06
CA LYS I 64 -23.71 -49.63 6.50
CA TYR I 65 -21.08 -47.58 4.60
CA VAL I 66 -19.49 -47.45 1.12
CA LYS I 67 -15.93 -47.43 2.58
CA TYR I 68 -13.93 -46.72 5.78
CA ASP I 69 -10.74 -44.64 5.19
CA PRO I 70 -8.24 -45.24 8.03
CA PHE I 71 -5.97 -42.39 6.95
CA LEU I 72 -8.84 -39.82 7.05
CA ASN I 73 -10.66 -41.76 9.84
CA LEU I 74 -13.89 -41.25 7.80
CA TYR I 75 -16.72 -43.55 6.66
CA LEU I 76 -18.15 -42.67 3.24
CA VAL I 77 -21.95 -43.14 3.40
CA ARG I 78 -24.37 -43.05 0.47
CA THR I 79 -27.82 -41.75 1.46
CA ASP I 80 -31.20 -42.70 -0.09
CA PHE I 81 -32.26 -39.05 0.59
CA SER I 82 -30.96 -35.72 -0.75
CA LEU I 83 -28.30 -33.73 1.15
CA ILE I 84 -27.36 -30.04 0.92
CA PRO I 85 -23.52 -29.94 0.45
CA THR I 86 -21.40 -26.88 1.20
CA PRO I 87 -19.50 -25.26 -1.74
CA MET I 88 -15.85 -26.37 -1.37
CA GLY I 89 -13.25 -23.62 -1.93
CA ASP I 90 -9.47 -24.01 -2.46
CA GLU I 91 -7.42 -24.19 0.76
CA GLU I 92 -4.13 -24.19 -1.26
CA LYS I 93 -4.90 -20.60 -2.42
CA LEU I 94 -5.09 -19.43 1.22
CA THR I 95 -2.16 -17.38 2.51
CA ARG I 96 -1.08 -16.85 6.16
CA ASN I 97 -3.19 -13.63 6.07
CA ASP I 98 -6.44 -15.42 5.12
CA TRP I 99 -8.96 -16.13 7.87
CA VAL I 100 -10.49 -19.55 8.50
CA GLY I 101 -12.86 -20.70 11.20
CA ILE I 102 -15.23 -23.39 12.40
CA TRP I 103 -18.82 -22.48 11.56
CA ASP I 104 -20.32 -22.70 15.06
CA PRO I 105 -23.53 -21.02 16.37
CA ASN I 106 -22.08 -20.13 19.82
CA LYS I 107 -18.25 -19.76 19.78
CA PRO I 108 -15.74 -17.86 17.53
CA TYR I 109 -13.21 -20.55 16.46
CA ILE I 110 -11.29 -18.12 14.18
CA GLY I 111 -7.61 -18.06 13.10
CA HIS I 112 -5.31 -19.22 10.29
CA ILE I 113 -3.99 -22.38 8.63
CA LYS I 114 -0.73 -23.00 10.54
CA TYR I 115 0.52 -25.45 7.87
CA LEU I 116 -0.64 -28.06 5.34
CA ALA I 117 0.71 -31.58 6.09
CA GLN I 118 3.56 -32.95 3.92
CA ASN I 119 2.23 -36.56 4.00
CA ILE I 120 -1.18 -38.34 4.29
CA ASP I 121 0.02 -39.80 7.65
CA GLU I 122 -0.24 -36.26 9.13
CA LYS I 123 -3.23 -33.88 9.51
CA ASP I 124 -3.22 -30.28 8.31
CA GLN I 125 -2.89 -27.82 11.26
CA LEU I 126 -4.66 -24.67 12.47
CA ASP I 127 -3.13 -21.95 14.71
CA PHE I 128 -6.14 -22.12 17.11
CA ASN I 129 -7.64 -24.83 19.36
CA SER I 130 -10.22 -26.59 17.16
CA LYS I 131 -13.19 -28.94 17.62
CA ILE I 132 -15.07 -31.29 15.27
CA GLY I 133 -16.97 -29.16 12.68
CA LEU I 134 -16.90 -27.62 9.17
CA LEU I 135 -13.85 -25.42 8.58
CA GLY I 136 -14.54 -22.57 6.16
CA THR I 137 -13.88 -18.98 5.08
CA PRO I 138 -15.95 -15.80 5.80
CA CYS I 139 -17.20 -16.27 2.16
CA CYS I 140 -19.06 -19.45 3.34
CA GLU I 141 -16.72 -21.82 1.37
CA MET I 142 -15.65 -25.12 2.99
CA MET I 143 -11.86 -25.52 3.49
CA GLY I 144 -12.25 -28.92 5.23
CA ILE I 145 -13.43 -30.84 8.31
CA ALA I 146 -11.96 -29.44 11.54
CA LEU I 147 -11.00 -32.06 14.17
CA ASN I 148 -9.83 -31.77 17.80
CA ASN I 149 -6.29 -30.59 18.78
CA SER I 150 -5.90 -27.88 16.05
CA SER I 151 -6.06 -30.54 13.26
CA PHE I 152 -8.20 -30.68 10.10
CA ILE I 153 -8.84 -32.66 6.87
CA GLY I 154 -8.37 -30.29 3.89
CA ASN I 155 -11.04 -30.32 1.17
CA ARG I 156 -8.47 -31.61 -1.45
CA TYR I 157 -8.47 -34.94 0.45
CA LEU I 158 -12.31 -34.89 0.66
CA LYS I 159 -12.60 -34.35 -3.15
CA HIS I 160 -10.38 -37.45 -3.67
CA PHE I 161 -12.14 -39.41 -0.86
CA MET I 162 -15.48 -39.02 -2.77
CA LYS I 163 -14.01 -40.14 -6.15
CA TYR I 164 -13.89 -43.92 -5.40
CA ASN I 165 -16.22 -46.44 -3.67
CA ASP I 166 -13.09 -48.20 -2.20
CA VAL I 167 -10.09 -46.79 -0.24
CA TYR I 168 -7.62 -45.54 -2.86
CA TRP I 169 -4.57 -43.28 -2.58
CA GLY I 170 -1.77 -43.24 -5.20
CA ASP I 171 1.72 -44.59 -4.48
CA ILE I 172 4.75 -45.08 -6.79
CA GLY I 173 6.89 -46.93 -4.19
CA VAL I 174 9.37 -44.01 -3.74
CA ASP I 175 9.79 -41.71 -0.72
CA PHE I 176 11.27 -38.20 -1.09
CA VAL I 177 13.27 -35.78 1.11
CA VAL I 178 14.05 -32.04 0.88
CA ARG I 179 17.79 -31.14 1.04
CA GLU I 180 19.10 -27.61 0.23
CA ASN I 181 15.65 -26.55 -1.18
CA LYS I 182 15.78 -29.50 -3.68
CA ILE I 183 13.74 -32.72 -3.67
CA TYR I 184 15.62 -36.05 -3.69
CA VAL I 185 14.77 -39.74 -3.69
CA ASN I 186 15.29 -40.86 -0.07
CA ASN I 187 13.97 -44.45 -0.22
CA VAL I 188 12.92 -46.95 -2.96
CA ARG I 189 10.25 -49.50 -1.92
CA LYS I 190 8.61 -50.84 -5.16
CA ASN I 191 10.12 -48.88 -8.08
CA PRO I 192 13.70 -49.82 -9.16
CA GLN I 193 13.71 -47.17 -11.96
CA PHE I 194 14.51 -44.53 -9.27
CA LEU I 195 17.83 -44.49 -7.38
CA ILE I 196 18.62 -43.04 -3.94
CA ASN I 197 19.85 -39.43 -4.42
CA ASP I 198 18.12 -38.91 -7.80
CA GLN I 199 17.18 -35.18 -7.73
CA VAL I 200 13.51 -34.72 -8.74
CA ILE I 201 13.26 -31.88 -11.30
CA SER I 202 9.64 -32.23 -12.54
CA VAL I 203 6.52 -34.46 -12.72
CA ASP I 204 4.27 -34.30 -15.82
CA GLY I 205 6.29 -31.19 -16.86
CA LEU I 206 5.42 -29.35 -13.57
CA PRO I 207 8.49 -28.24 -11.48
CA ALA I 208 9.09 -30.34 -8.32
CA ASN I 209 9.78 -27.39 -5.95
CA ASP I 210 7.28 -28.25 -3.12
CA LEU I 211 7.44 -31.73 -1.50
CA ARG I 212 3.76 -31.62 -0.39
CA LYS I 213 2.63 -30.82 -3.97
CA LEU I 214 4.85 -33.62 -5.35
CA ASN I 215 3.39 -36.08 -2.79
CA GLU I 216 -0.22 -34.87 -3.45
CA LYS I 217 0.33 -35.12 -7.26
CA ILE I 218 1.20 -38.83 -6.69
CA LEU I 219 -1.46 -39.35 -3.97
CA PHE I 220 -4.37 -37.97 -6.08
CA ALA I 221 -3.24 -39.56 -9.40
CA ASP I 222 -5.72 -41.95 -11.10
CA ARG I 223 -5.49 -45.74 -10.52
CA GLY I 224 -3.11 -47.25 -13.11
CA SER I 225 -2.21 -43.79 -14.53
CA THR I 226 1.40 -43.15 -15.64
CA LEU I 227 3.41 -40.27 -14.14
CA TYR I 228 6.37 -38.81 -16.10
CA PHE I 229 9.35 -37.73 -13.96
CA GLN I 230 12.41 -35.72 -14.93
CA VAL I 231 15.31 -36.49 -12.56
CA LEU I 232 18.97 -35.49 -12.37
CA ARG I 233 21.17 -38.60 -11.93
CA ASP I 234 24.97 -38.12 -11.83
CA ASN I 235 24.46 -34.60 -13.36
CA MET I 236 22.60 -36.12 -16.38
CA ASP I 237 18.91 -35.47 -17.14
CA LEU I 238 16.87 -38.71 -17.06
CA ASN I 239 13.20 -39.31 -17.88
CA ILE I 240 11.40 -41.97 -15.75
CA SER I 241 7.81 -43.16 -16.42
CA THR I 242 5.97 -45.01 -13.62
CA GLU I 243 2.52 -46.55 -13.14
CA VAL I 244 0.57 -45.41 -10.02
CA PHE I 245 -0.60 -48.25 -7.76
CA ALA I 246 -2.78 -48.27 -4.62
CA LYS I 247 -1.07 -47.30 -1.34
CA ASP I 248 -0.58 -50.18 1.21
CA LEU I 249 -3.24 -50.40 3.99
CA SER I 250 -1.75 -53.50 5.79
CA LYS I 251 -0.78 -51.37 8.85
CA PHE I 252 -4.52 -50.68 9.50
CA GLY J 16 31.41 -20.91 -13.70
CA ILE J 17 34.51 -21.50 -11.52
CA GLU J 18 36.99 -23.68 -13.51
CA ARG J 19 37.33 -27.30 -12.26
CA PRO J 20 40.68 -27.70 -10.41
CA LYS J 21 43.20 -30.12 -11.89
CA PHE J 22 44.66 -33.17 -10.17
CA GLU J 23 47.92 -31.17 -9.61
CA ASP J 24 46.05 -28.57 -7.45
CA PHE J 25 44.98 -31.36 -5.01
CA LEU J 26 48.36 -33.19 -5.29
CA ALA J 27 50.04 -30.08 -3.79
CA GLY J 28 47.48 -30.43 -0.91
CA TYR J 29 48.48 -34.11 -0.53
CA GLU J 30 52.26 -33.38 -0.49
CA ARG J 31 51.79 -30.67 2.21
CA ASN J 32 49.43 -32.77 4.39
CA LYS J 33 50.54 -36.46 3.87
CA ALA J 34 52.23 -36.40 7.34
CA SER J 35 48.72 -35.88 8.85
CA MET J 36 47.63 -39.24 7.27
CA LEU J 37 48.82 -42.38 9.10
CA ASN J 38 48.20 -46.07 9.62
CA TYR J 39 47.75 -46.62 13.38
CA GLU J 40 47.71 -50.31 14.49
CA GLY J 41 46.41 -51.36 11.00
CA MET J 42 43.65 -48.65 10.88
CA PRO J 43 43.41 -45.34 8.92
CA ALA J 44 44.40 -42.47 11.24
CA PHE J 45 44.41 -38.66 10.92
CA ALA J 46 46.37 -36.06 12.92
CA LEU J 47 43.95 -33.58 14.56
CA SER J 48 46.57 -31.80 16.77
CA GLU J 49 50.27 -32.15 17.80
CA ASN J 50 49.29 -35.16 20.02
CA LEU J 51 45.73 -36.27 18.97
CA LEU J 52 44.80 -38.85 16.31
CA ALA J 53 41.37 -39.68 14.95
CA VAL J 54 41.57 -43.44 14.19
CA LEU J 55 38.75 -44.78 11.99
CA LYS J 56 37.36 -48.01 13.51
CA GLN J 57 37.26 -50.82 10.94
CA PRO J 58 34.94 -53.87 10.97
CA ASN J 59 36.35 -56.66 13.24
CA THR J 60 39.22 -54.43 14.53
CA LYS J 61 39.70 -53.30 18.16
CA LEU J 62 42.11 -50.66 19.46
CA ASN J 63 43.58 -51.61 22.88
CA LYS J 64 44.63 -48.07 24.01
CA TYR J 65 42.50 -44.97 23.25
CA VAL J 66 41.17 -41.88 25.06
CA LYS J 67 37.58 -42.51 23.81
CA TYR J 68 35.54 -44.35 21.13
CA ASP J 69 32.79 -42.21 19.50
CA PRO J 70 30.07 -44.47 18.03
CA PHE J 71 28.38 -41.60 16.18
CA LEU J 72 31.63 -40.61 14.38
CA ASN J 73 32.93 -44.23 14.44
CA LEU J 74 36.31 -42.78 15.57
CA TYR J 75 38.76 -43.63 18.36
CA LEU J 76 40.53 -40.59 19.86
CA VAL J 77 44.17 -41.54 20.53
CA ARG J 78 46.74 -39.51 22.45
CA THR J 79 50.30 -40.06 21.17
CA ASP J 80 53.56 -39.86 23.20
CA PHE J 81 55.18 -38.44 19.99
CA SER J 82 54.53 -35.24 18.02
CA LEU J 83 52.15 -35.20 15.04
CA ILE J 84 51.85 -32.73 12.15
CA PRO J 85 48.13 -31.73 11.95
CA THR J 86 46.51 -30.23 8.86
CA PRO J 87 45.08 -26.66 9.15
CA MET J 88 41.28 -27.07 9.43
CA GLY J 89 39.22 -24.64 7.32
CA ASP J 90 35.48 -23.88 7.56
CA GLU J 91 33.23 -26.26 5.57
CA GLU J 92 30.12 -24.16 6.44
CA LYS J 93 31.54 -21.25 4.37
CA LEU J 94 31.71 -23.50 1.28
CA THR J 95 29.10 -22.91 -1.42
CA ARG J 96 27.92 -25.37 -4.14
CA ASN J 97 30.55 -23.72 -6.43
CA ASP J 98 33.51 -24.49 -4.11
CA TRP J 99 35.70 -27.47 -4.94
CA VAL J 100 36.59 -30.19 -2.44
CA GLY J 101 38.58 -33.37 -2.89
CA ILE J 102 40.38 -36.24 -1.24
CA TRP J 103 44.12 -35.56 -1.09
CA ASP J 104 45.36 -38.71 -2.86
CA PRO J 105 48.71 -39.25 -4.66
CA ASN J 106 47.25 -41.28 -7.58
CA LYS J 107 43.53 -40.46 -8.24
CA PRO J 108 41.51 -37.19 -8.65
CA TYR J 109 38.64 -37.53 -6.14
CA ILE J 110 37.29 -34.01 -6.90
CA GLY J 111 33.75 -32.58 -6.66
CA HIS J 112 31.44 -30.67 -4.29
CA ILE J 113 29.72 -30.99 -0.93
CA LYS J 114 26.29 -32.40 -1.92
CA TYR J 115 24.81 -31.52 1.50
CA LEU J 116 25.64 -31.18 5.22
CA ALA J 117 23.68 -33.63 7.43
CA GLN J 118 20.76 -32.27 9.53
CA ASN J 119 21.47 -34.65 12.49
CA ILE J 120 24.49 -36.41 14.07
CA ASP J 121 22.88 -39.77 13.10
CA GLU J 122 23.64 -38.93 9.43
CA LYS J 123 26.96 -38.29 7.60
CA ASP J 124 27.64 -35.22 5.46
CA GLN J 125 27.55 -36.10 1.71
CA LEU J 126 29.77 -35.50 -1.34
CA ASP J 127 28.57 -35.47 -4.99
CA PHE J 128 31.38 -37.93 -5.99
CA ASN J 129 32.27 -41.52 -5.03
CA SER J 130 34.64 -41.18 -2.06
CA LYS J 131 37.14 -43.35 -0.16
CA ILE J 132 38.72 -43.13 3.30
CA GLY J 133 41.10 -40.09 3.36
CA LEU J 134 41.50 -36.37 4.21
CA LEU J 135 38.89 -34.18 2.53
CA GLY J 136 40.20 -30.68 1.77
CA THR J 137 40.22 -27.62 -0.50
CA PRO J 138 42.75 -26.65 -3.24
CA CYS J 139 44.12 -24.20 -0.57
CA CYS J 140 45.35 -27.28 1.44
CA GLU J 141 42.75 -26.73 4.26
CA MET J 142 41.05 -29.79 5.82
CA MET J 143 37.21 -29.87 5.45
CA GLY J 144 36.93 -33.30 7.14
CA ILE J 145 37.57 -37.05 6.95
CA ALA J 146 36.19 -38.61 3.75
CA LEU J 147 34.66 -42.08 4.16
CA ASN J 148 33.34 -44.64 1.64
CA ASN J 149 30.00 -44.22 -0.24
CA SER J 150 30.23 -40.40 -0.79
CA SER J 151 30.10 -39.74 2.99
CA PHE J 152 32.36 -37.61 5.22
CA ILE J 153 32.85 -36.30 8.78
CA GLY J 154 32.96 -32.45 8.63
CA ASN J 155 35.74 -30.69 10.57
CA ARG J 156 33.15 -28.97 12.89
CA TYR J 157 32.46 -32.43 14.40
CA LEU J 158 36.24 -33.15 14.62
CA LYS J 159 36.83 -29.82 16.50
CA HIS J 160 34.16 -30.89 19.06
CA PHE J 161 35.40 -34.53 19.12
CA MET J 162 38.87 -33.27 20.28
CA LYS J 163 37.42 -31.00 23.05
CA TYR J 164 36.62 -33.79 25.60
CA ASN J 165 38.39 -36.98 26.80
CA ASP J 166 34.93 -38.72 27.00
CA VAL J 167 32.10 -39.03 24.41
CA TYR J 168 30.03 -35.85 24.72
CA TRP J 169 27.40 -34.30 22.45
CA GLY J 170 24.80 -31.77 23.71
CA ASP J 171 21.09 -32.63 23.99
CA ILE J 172 18.16 -30.62 25.46
CA GLY J 173 15.59 -33.45 25.15
CA VAL J 174 13.62 -31.74 22.31
CA ASP J 175 13.44 -32.76 18.63
CA PHE J 176 12.57 -30.20 15.92
CA VAL J 177 10.90 -30.25 12.47
CA VAL J 178 10.77 -27.78 9.56
CA ARG J 179 7.23 -26.83 8.36
CA GLU J 180 6.59 -23.94 5.92
CA ASN J 181 10.25 -22.70 6.26
CA LYS J 182 9.78 -22.40 10.10
CA ILE J 183 11.22 -24.59 12.85
CA TYR J 184 8.82 -26.23 15.32
CA VAL J 185 9.03 -28.51 18.35
CA ASN J 186 8.12 -31.98 17.02
CA ASN J 187 8.82 -34.15 20.10
CA VAL J 188 9.60 -33.56 23.81
CA ARG J 189 11.73 -36.27 25.51
CA LYS J 190 13.30 -34.72 28.67
CA ASN J 191 12.32 -31.00 28.70
CA PRO J 192 8.70 -30.17 29.73
CA GLN J 193 9.29 -26.38 29.31
CA PHE J 194 8.80 -26.88 25.52
CA LEU J 195 5.43 -27.89 24.02
CA ILE J 196 4.70 -29.66 20.73
CA ASN J 197 4.12 -26.99 18.02
CA ASP J 198 6.11 -24.25 19.80
CA GLN J 199 7.65 -22.27 16.89
CA VAL J 200 11.40 -21.73 17.51
CA ILE J 201 12.28 -18.07 16.80
CA SER J 202 15.85 -17.82 18.19
CA VAL J 203 18.56 -19.42 20.39
CA ASP J 204 20.99 -17.19 22.35
CA GLY J 205 19.58 -14.25 20.28
CA LEU J 206 20.56 -15.93 16.94
CA PRO J 207 17.60 -16.50 14.50
CA ALA J 208 16.48 -20.16 14.22
CA ASN J 209 16.16 -20.24 10.38
CA ASP J 210 18.31 -23.37 9.63
CA LEU J 211 17.47 -26.68 11.40
CA ARG J 212 21.05 -28.03 11.02
CA LYS J 213 22.50 -24.86 12.65
CA LEU J 214 19.92 -25.07 15.48
CA ASN J 215 20.79 -28.77 16.05
CA GLU J 216 24.59 -28.06 15.84
CA LYS J 217 24.23 -25.08 18.28
CA ILE J 218 22.71 -27.57 20.78
CA LEU J 219 25.08 -30.44 19.85
CA PHE J 220 28.31 -28.38 20.30
CA ALA J 221 27.12 -26.49 23.44
CA ASP J 222 29.24 -26.89 26.61
CA ARG J 223 28.34 -29.52 29.25
CA GLY J 224 25.89 -27.98 31.76
CA SER J 225 25.67 -24.71 29.77
CA THR J 226 22.30 -22.90 29.57
CA LEU J 227 20.73 -22.14 26.17
CA TYR J 228 18.17 -19.29 25.89
CA PHE J 229 15.30 -19.94 23.44
CA GLN J 230 12.68 -17.53 22.11
CA VAL J 231 9.56 -19.45 21.02
CA LEU J 232 6.12 -18.48 19.73
CA ARG J 233 3.40 -20.31 21.73
CA ASP J 234 -0.26 -19.56 20.89
CA ASN J 235 0.92 -16.36 19.06
CA MET J 236 2.67 -15.11 22.26
CA ASP J 237 6.45 -14.67 22.58
CA LEU J 238 7.90 -16.92 25.31
CA ASN J 239 11.47 -17.15 26.65
CA ILE J 240 12.67 -20.66 27.67
CA SER J 241 16.04 -21.34 29.38
CA THR J 242 17.37 -24.95 29.37
CA GLU J 243 20.48 -26.72 30.66
CA VAL J 244 22.41 -28.84 28.09
CA PHE J 245 22.94 -32.48 29.11
CA ALA J 246 24.91 -35.32 27.46
CA LYS J 247 23.20 -37.13 24.55
CA ASP J 248 22.08 -40.76 25.27
CA LEU J 249 24.51 -43.51 24.04
CA SER J 250 22.42 -46.53 25.27
CA LYS J 251 21.64 -47.59 21.65
CA PHE J 252 25.40 -48.26 21.10
CA GLY K 16 87.57 -23.18 -3.08
CA ILE K 17 83.94 -24.40 -3.18
CA GLU K 18 81.65 -21.47 -2.16
CA ARG K 19 80.03 -21.79 1.31
CA PRO K 20 76.30 -22.68 0.91
CA LYS K 21 73.78 -20.16 2.19
CA PHE K 22 71.14 -20.79 4.85
CA GLU K 23 68.50 -21.01 2.05
CA ASP K 24 70.29 -24.05 0.49
CA PHE K 25 69.84 -25.99 3.78
CA LEU K 26 66.34 -24.55 4.42
CA ALA K 27 65.17 -26.27 1.18
CA GLY K 28 66.61 -29.50 2.70
CA TYR K 29 64.62 -28.83 5.91
CA GLU K 30 61.32 -28.16 4.06
CA ARG K 31 61.68 -31.41 2.03
CA ASN K 32 62.68 -33.57 5.05
CA LYS K 33 60.86 -32.02 8.10
CA ALA K 34 58.32 -34.93 8.01
CA SER K 35 61.26 -37.29 8.82
CA MET K 36 61.85 -35.31 12.10
CA LEU K 37 59.40 -36.08 14.94
CA ASN K 38 58.87 -35.92 18.67
CA TYR K 39 58.06 -39.48 19.86
CA GLU K 40 56.83 -39.73 23.50
CA GLY K 41 58.74 -36.50 24.39
CA MET K 42 62.04 -37.62 22.69
CA PRO K 43 63.68 -36.53 19.37
CA ALA K 44 62.84 -39.13 16.68
CA PHE K 45 63.92 -39.65 13.06
CA ALA K 46 62.21 -41.66 10.29
CA LEU K 47 64.62 -44.31 8.93
CA SER K 48 62.04 -46.18 6.75
CA GLU K 49 58.24 -46.22 6.08
CA ASN K 50 57.73 -47.91 9.53
CA LEU K 51 61.02 -47.49 11.52
CA LEU K 52 61.98 -44.62 13.88
CA ALA K 53 65.31 -43.96 15.52
CA VAL K 54 64.36 -42.37 18.89
CA LEU K 55 67.25 -40.65 20.71
CA LYS K 56 67.26 -41.72 24.39
CA GLN K 57 67.34 -38.68 26.71
CA PRO K 58 68.69 -38.59 30.30
CA ASN K 59 66.01 -39.80 32.80
CA THR K 60 63.57 -40.86 30.00
CA LYS K 61 62.39 -44.43 29.30
CA LEU K 62 60.49 -45.66 26.25
CA ASN K 63 57.90 -48.36 27.16
CA LYS K 64 57.53 -49.95 23.68
CA TYR K 65 60.52 -50.41 21.31
CA VAL K 66 62.04 -53.11 19.07
CA LYS K 67 65.55 -52.62 20.60
CA TYR K 68 67.69 -50.15 22.58
CA ASP K 69 71.27 -49.71 21.19
CA PRO K 70 73.61 -48.47 23.94
CA PHE K 71 76.44 -47.72 21.51
CA LEU K 72 74.21 -45.47 19.32
CA ASN K 73 72.06 -44.43 22.34
CA LEU K 74 68.98 -45.04 20.08
CA TYR K 75 65.71 -46.93 20.51
CA LEU K 76 64.45 -48.61 17.32
CA VAL K 77 60.64 -48.18 17.19
CA ARG K 78 58.25 -49.85 14.75
CA THR K 79 55.19 -47.70 13.98
CA ASP K 80 51.66 -48.91 13.08
CA PHE K 81 51.45 -45.80 10.79
CA SER K 82 53.44 -44.77 7.70
CA LEU K 83 56.51 -42.52 7.98
CA ILE K 84 58.26 -40.37 5.35
CA PRO K 85 62.00 -41.28 5.53
CA THR K 86 64.77 -39.04 4.19
CA PRO K 87 66.92 -40.41 1.32
CA MET K 88 70.24 -41.48 2.91
CA GLY K 89 73.39 -40.49 0.97
CA ASP K 90 76.97 -41.75 1.43
CA GLU K 91 78.99 -39.88 4.09
CA GLU K 92 82.16 -41.87 3.21
CA LYS K 93 82.20 -40.22 -0.26
CA LEU K 94 82.33 -36.75 1.36
CA THR K 95 85.67 -34.93 1.24
CA ARG K 96 86.89 -32.09 3.53
CA ASN K 97 85.55 -29.67 0.86
CA ASP K 98 81.96 -31.02 0.98
CA TRP K 99 79.39 -29.07 2.99
CA VAL K 100 77.15 -30.63 5.63
CA GLY K 101 74.62 -29.06 7.94
CA ILE K 102 71.74 -29.58 10.31
CA TRP K 103 68.43 -29.00 8.55
CA ASP K 104 66.97 -26.36 10.89
CA PRO K 105 64.24 -23.75 10.10
CA ASN K 106 65.91 -20.88 12.05
CA LYS K 107 69.74 -21.30 12.34
CA PRO K 108 72.56 -22.09 9.83
CA TYR K 109 74.41 -25.06 11.38
CA ILE K 110 76.78 -25.42 8.38
CA GLY K 111 80.36 -26.78 8.16
CA HIS K 112 82.31 -29.97 7.41
CA ILE K 113 82.85 -33.50 8.71
CA LYS K 114 85.94 -33.06 10.96
CA TYR K 115 86.55 -36.83 11.06
CA LEU K 116 84.81 -40.23 11.02
CA ALA K 117 85.35 -42.24 14.23
CA GLN K 118 87.80 -45.22 14.16
CA ASN K 119 85.68 -47.34 16.58
CA ILE K 120 81.97 -47.76 17.53
CA ASP K 121 82.87 -46.47 21.05
CA GLU K 122 83.43 -43.00 19.51
CA LYS K 123 81.05 -40.64 17.62
CA ASP K 124 81.84 -39.11 14.23
CA GLN K 125 82.76 -35.39 14.57
CA LEU K 126 81.75 -32.12 12.88
CA ASP K 127 83.90 -28.94 12.72
CA PHE K 128 80.96 -26.80 14.03
CA ASN K 129 78.94 -26.72 17.27
CA SER K 130 75.98 -29.07 16.62
CA LYS K 131 72.58 -29.82 18.16
CA ILE K 132 70.17 -32.78 17.95
CA GLY K 133 68.77 -32.94 14.36
CA LEU K 134 69.12 -34.47 10.86
CA LEU K 135 72.57 -33.95 9.36
CA GLY K 136 72.50 -33.69 5.56
CA THR K 137 73.92 -32.20 2.37
CA PRO K 138 72.62 -29.21 0.28
CA CYS K 139 71.24 -31.96 -2.06
CA CYS K 140 68.73 -32.92 0.73
CA GLU K 141 70.45 -36.32 1.41
CA MET K 142 70.80 -37.52 5.04
CA MET K 143 74.40 -38.05 6.25
CA GLY K 144 73.30 -38.97 9.79
CA ILE K 145 71.77 -37.82 13.10
CA ALA K 146 73.57 -34.77 14.53
CA LEU K 147 73.96 -34.76 18.35
CA ASN K 148 75.23 -32.12 20.81
CA ASN K 149 78.96 -31.21 21.17
CA SER K 150 79.89 -31.46 17.43
CA SER K 151 79.10 -35.23 17.39
CA PHE K 152 76.93 -37.28 14.99
CA ILE K 153 75.81 -40.82 14.10
CA GLY K 154 76.75 -41.49 10.44
CA ASN K 155 74.10 -43.05 8.19
CA ARG K 156 76.26 -46.25 7.69
CA TYR K 157 75.55 -47.08 11.37
CA LEU K 158 71.83 -46.25 10.90
CA LYS K 159 71.61 -48.62 7.86
CA HIS K 160 73.07 -51.44 10.04
CA PHE K 161 70.97 -50.41 13.10
CA MET K 162 67.77 -50.98 11.01
CA LYS K 163 68.90 -54.44 9.71
CA TYR K 164 68.18 -56.43 12.94
CA ASN K 165 65.37 -56.46 15.57
CA ASP K 166 68.06 -57.08 18.29
CA VAL K 167 71.33 -55.22 19.09
CA TYR K 168 73.97 -56.68 16.78
CA TRP K 169 77.44 -55.49 15.82
CA GLY K 170 80.14 -57.82 14.42
CA ASP K 171 83.26 -58.77 16.41
CA ILE K 172 86.07 -61.28 15.63
CA GLY K 173 87.79 -60.97 19.05
CA VAL K 174 90.86 -59.10 17.65
CA ASP K 175 91.83 -55.44 18.16
CA PHE K 176 94.05 -53.62 15.62
CA VAL K 177 96.58 -50.73 15.72
CA VAL K 178 98.17 -48.53 13.02
CA ARG K 179 102.02 -48.44 13.05
CA GLU K 180 104.06 -46.90 10.19
CA ASN K 181 100.91 -46.65 7.94
CA LYS K 182 100.34 -50.45 8.34
CA ILE K 183 97.63 -52.25 10.34
CA TYR K 184 98.73 -54.79 12.97
CA VAL K 185 97.07 -57.11 15.47
CA ASN K 186 97.39 -55.31 18.83
CA ASN K 187 95.30 -57.60 21.08
CA VAL K 188 93.67 -61.07 20.82
CA ARG K 189 90.52 -61.59 22.95
CA LYS K 190 88.57 -64.56 21.44
CA ASN K 191 90.43 -65.63 18.25
CA PRO K 192 93.69 -67.63 18.74
CA GLN K 193 94.25 -67.90 14.93
CA PHE K 194 95.66 -64.33 15.01
CA LEU K 195 98.94 -63.46 16.79
CA ILE K 196 100.08 -60.13 18.24
CA ASN K 197 102.09 -58.28 15.52
CA ASP K 198 100.47 -60.10 12.57
CA GLN K 199 100.38 -57.42 9.82
CA VAL K 200 96.89 -57.24 8.24
CA ILE K 201 97.23 -57.17 4.42
CA SER K 202 93.61 -57.71 3.28
CA VAL K 203 90.07 -58.81 4.26
CA ASP K 204 87.85 -60.59 1.69
CA GLY K 205 90.50 -59.60 -0.93
CA LEU K 206 90.13 -55.84 -0.12
CA PRO K 207 93.39 -54.09 0.98
CA ALA K 208 93.56 -53.29 4.73
CA ASN K 209 94.93 -49.71 4.38
CA ASP K 210 92.35 -47.82 6.55
CA LEU K 211 91.75 -48.97 10.17
CA ARG K 212 88.21 -47.49 10.28
CA LYS K 213 87.23 -49.38 7.08
CA LEU K 214 88.74 -52.62 8.47
CA ASN K 215 86.81 -52.15 11.76
CA GLU K 216 83.56 -51.23 9.90
CA LYS K 217 83.97 -54.26 7.54
CA ILE K 218 84.00 -56.45 10.71
CA LEU K 219 81.34 -54.39 12.54
CA PHE K 220 78.78 -54.52 9.67
CA ALA K 221 79.46 -58.19 8.71
CA ASP K 222 76.50 -60.61 8.87
CA ARG K 223 75.89 -62.75 11.99
CA GLY K 224 77.82 -66.03 11.65
CA SER K 225 79.45 -64.91 8.35
CA THR K 226 83.09 -65.88 7.68
CA LEU K 227 85.71 -63.19 6.96
CA TYR K 228 88.89 -64.14 5.04
CA PHE K 229 92.07 -62.36 6.18
CA GLN K 230 95.48 -62.23 4.54
CA VAL K 231 98.17 -61.49 7.16
CA LEU K 232 101.97 -61.28 7.13
CA ARG K 233 103.43 -63.41 9.98
CA ASP K 234 107.25 -63.64 10.29
CA ASN K 235 107.51 -62.33 6.64
CA MET K 236 105.30 -65.21 5.38
CA ASP K 237 101.84 -64.73 3.84
CA LEU K 238 99.14 -66.50 5.88
CA ASN K 239 95.41 -66.89 5.20
CA ILE K 240 93.10 -66.82 8.27
CA SER K 241 89.32 -67.51 8.12
CA THR K 242 87.16 -66.41 11.08
CA GLU K 243 83.46 -66.51 11.98
CA VAL K 244 81.87 -63.16 13.02
CA PHE K 245 80.13 -63.22 16.41
CA ALA K 246 78.06 -60.59 18.25
CA LYS K 247 80.00 -57.84 20.07
CA ASP K 248 79.86 -57.98 23.94
CA LEU K 249 77.27 -55.66 25.60
CA SER K 250 78.05 -56.65 29.27
CA LYS K 251 79.54 -53.18 29.99
CA PHE K 252 76.05 -51.63 29.38
CA GLY L 16 117.33 -54.59 -2.29
CA ILE L 17 120.26 -53.92 0.10
CA GLU L 18 122.14 -57.23 0.66
CA ARG L 19 121.70 -58.78 4.15
CA PRO L 20 124.90 -58.24 6.22
CA LYS L 21 126.80 -61.35 7.29
CA PHE L 22 127.58 -62.37 10.87
CA GLU L 23 131.19 -61.17 10.34
CA ASP L 24 129.98 -57.55 9.68
CA PHE L 25 128.36 -57.47 13.17
CA LEU L 26 131.25 -59.45 14.79
CA ALA L 27 133.60 -56.54 13.87
CA GLY L 28 131.08 -54.27 15.69
CA TYR L 29 131.24 -56.61 18.73
CA GLU L 30 135.08 -56.72 18.81
CA ARG L 31 135.28 -52.87 18.67
CA ASN L 32 132.55 -52.30 21.30
CA LYS L 33 132.80 -55.31 23.73
CA ALA L 34 134.51 -53.02 26.33
CA SER L 35 131.23 -51.00 26.46
CA MET L 36 129.39 -54.21 27.60
CA LEU L 37 129.88 -55.17 31.28
CA ASN L 38 128.47 -57.15 34.16
CA TYR L 39 127.96 -54.70 37.07
CA GLU L 40 127.12 -56.34 40.45
CA GLY L 41 125.57 -59.37 38.60
CA MET L 42 123.47 -57.19 36.18
CA PRO L 43 123.94 -56.38 32.43
CA ALA L 44 125.60 -52.94 32.14
CA PHE L 45 126.44 -50.64 29.21
CA ALA L 46 128.96 -47.77 29.03
CA LEU L 47 127.18 -44.54 28.02
CA SER L 48 130.17 -42.16 28.66
CA GLU L 49 133.72 -42.26 30.17
CA ASN L 50 132.12 -42.49 33.69
CA LEU L 51 128.40 -43.41 33.23
CA LEU L 52 126.87 -46.91 33.09
CA ALA L 53 123.32 -47.88 32.23
CA VAL L 54 122.66 -50.97 34.42
CA LEU L 55 119.57 -53.00 33.44
CA LYS L 56 117.52 -53.81 36.57
CA GLN L 57 116.77 -57.54 36.79
CA PRO L 58 113.82 -59.18 38.63
CA ASN L 59 114.61 -59.62 42.39
CA THR L 60 117.92 -57.66 42.12
CA LYS L 61 118.70 -54.34 43.88
CA LEU L 62 121.67 -52.04 43.25
CA ASN L 63 122.94 -50.42 46.49
CA LYS L 64 124.77 -47.43 44.92
CA TYR L 65 123.38 -45.55 41.87
CA VAL L 66 122.79 -41.96 40.70
CA LYS L 67 119.13 -42.70 39.75
CA TYR L 68 116.70 -45.54 38.93
CA ASP L 69 114.46 -44.85 35.86
CA PRO L 70 111.28 -46.97 36.05
CA PHE L 71 110.25 -46.13 32.48
CA LEU L 72 113.60 -47.32 31.02
CA ASN L 73 114.07 -49.91 33.85
CA LEU L 74 117.71 -48.66 34.10
CA TYR L 75 119.96 -47.60 36.99
CA LEU L 76 122.37 -44.78 36.12
CA VAL L 77 125.73 -45.54 37.81
CA ARG L 78 128.72 -43.19 38.07
CA THR L 79 132.04 -45.07 38.12
CA ASP L 80 135.29 -44.01 39.87
CA PHE L 81 137.14 -45.66 36.89
CA SER L 82 137.20 -44.86 33.17
CA LEU L 83 134.82 -46.61 30.73
CA ILE L 84 135.04 -47.02 26.94
CA PRO L 85 131.63 -45.88 25.54
CA THR L 86 130.33 -46.87 22.11
CA PRO L 87 129.75 -44.05 19.55
CA MET L 88 125.95 -43.49 19.45
CA GLY L 89 124.45 -43.07 15.96
CA ASP L 90 120.98 -41.77 15.02
CA GLU L 91 118.23 -44.43 15.01
CA GLU L 92 115.67 -41.90 13.65
CA LYS L 93 117.68 -41.70 10.37
CA LEU L 94 117.29 -45.47 9.88
CA THR L 95 114.84 -46.62 7.22
CA ARG L 96 113.09 -50.03 6.92
CA ASN L 97 115.98 -51.03 4.58
CA ASP L 98 118.73 -50.34 7.16
CA TRP L 99 120.19 -53.29 9.05
CA VAL L 100 120.49 -53.44 12.83
CA GLY L 101 121.71 -56.20 15.08
CA ILE L 102 122.86 -57.21 18.54
CA TRP L 103 126.65 -57.27 18.72
CA ASP L 104 127.13 -60.86 19.94
CA PRO L 105 130.25 -63.08 19.60
CA ASN L 106 128.32 -66.30 18.82
CA LYS L 107 124.87 -65.64 17.21
CA PRO L 108 123.63 -63.43 14.30
CA TYR L 109 120.80 -61.35 15.84
CA ILE L 110 120.25 -59.34 12.60
CA GLY L 111 117.12 -57.63 11.20
CA HIS L 112 115.34 -54.25 11.13
CA ILE L 113 113.64 -51.73 13.39
CA LYS L 114 109.96 -52.83 13.20
CA TYR L 115 108.78 -49.50 14.69
CA LEU L 116 109.72 -46.72 17.13
CA ALA L 117 107.30 -46.43 20.08
CA GLN L 118 104.79 -43.52 20.12
CA ASN L 119 105.00 -43.05 23.95
CA ILE L 120 107.59 -43.57 26.75
CA ASP L 121 105.25 -46.25 28.23
CA GLU L 122 106.12 -48.48 25.23
CA LYS L 123 109.47 -49.94 24.02
CA ASP L 124 110.78 -49.57 20.47
CA GLN L 125 110.44 -52.86 18.52
CA LEU L 126 112.67 -55.04 16.33
CA ASP L 127 111.46 -57.49 13.62
CA PHE L 128 113.63 -60.32 15.12
CA ASN L 129 113.71 -62.16 18.46
CA SER L 130 116.15 -60.15 20.63
CA LYS L 131 118.13 -60.62 23.84
CA ILE L 132 119.78 -58.22 26.30
CA GLY L 133 122.78 -56.55 24.53
CA LEU L 134 124.00 -53.52 22.54
CA LEU L 135 121.93 -52.85 19.42
CA GLY L 136 123.96 -51.28 16.61
CA THR L 137 124.63 -50.91 12.87
CA PRO L 138 127.27 -52.69 10.69
CA CYS L 139 129.19 -49.33 10.98
CA CYS L 140 129.73 -50.11 14.74
CA GLU L 141 127.38 -47.27 15.90
CA MET L 142 125.05 -47.90 18.89
CA MET L 143 121.31 -47.58 18.11
CA GLY L 144 120.28 -48.59 21.67
CA ILE L 145 120.08 -51.33 24.30
CA ALA L 146 118.33 -54.47 23.00
CA LEU L 147 116.06 -56.24 25.53
CA ASN L 148 114.17 -59.56 25.43
CA ASN L 149 110.97 -60.09 23.32
CA SER L 150 112.04 -57.99 20.27
CA SER L 151 112.12 -54.77 22.38
CA PHE L 152 114.84 -52.11 22.73
CA ILE L 153 115.67 -48.72 24.31
CA GLY L 154 116.62 -46.29 21.49
CA ASN L 155 119.76 -44.16 21.97
CA ARG L 156 117.65 -40.90 21.96
CA TYR L 157 116.25 -41.99 25.35
CA LEU L 158 119.78 -42.93 26.58
CA LYS L 159 121.13 -39.45 25.60
CA HIS L 160 118.33 -37.85 27.70
CA PHE L 161 118.71 -40.45 30.52
CA MET L 162 122.39 -39.33 30.95
CA LYS L 163 121.54 -35.56 31.02
CA TYR L 164 120.17 -35.43 34.62
CA ASN L 165 121.21 -36.98 37.99
CA ASP L 166 117.45 -37.42 38.83
CA VAL L 167 114.58 -39.04 36.85
CA TYR L 168 113.29 -36.35 34.49
CA TRP L 169 111.02 -36.53 31.44
CA GLY L 170 109.08 -33.52 30.10
CA ASP L 171 105.27 -33.26 30.34
CA ILE L 172 102.90 -30.39 29.48
CA GLY L 173 99.75 -32.08 30.90
CA VAL L 174 98.17 -32.69 27.43
CA ASP L 175 97.69 -36.01 25.60
CA PHE L 176 97.39 -36.13 21.79
CA VAL L 177 95.67 -38.40 19.21
CA VAL L 178 96.05 -38.85 15.44
CA ARG L 179 92.81 -38.50 13.41
CA GLU L 180 92.79 -38.25 9.57
CA ASN L 181 96.63 -37.78 9.48
CA LYS L 182 96.29 -34.71 11.82
CA ILE L 183 97.26 -34.40 15.50
CA TYR L 184 94.59 -33.31 17.98
CA VAL L 185 94.34 -32.66 21.72
CA ASN L 186 92.65 -35.79 23.13
CA ASN L 187 92.91 -35.11 26.90
CA VAL L 188 93.85 -32.13 29.14
CA ARG L 189 95.36 -33.06 32.56
CA LYS L 190 97.29 -29.98 33.86
CA ASN L 191 97.15 -27.33 31.10
CA PRO L 192 93.84 -25.42 30.66
CA GLN L 193 95.25 -23.31 27.75
CA PHE L 194 94.60 -26.31 25.44
CA LEU L 195 91.06 -27.51 24.62
CA ILE L 196 89.90 -30.98 23.52
CA ASN L 197 89.89 -31.08 19.67
CA ASP L 198 92.46 -28.28 19.24
CA GLN L 199 94.37 -29.33 16.07
CA VAL L 200 98.15 -29.15 16.67
CA ILE L 201 99.82 -27.35 13.71
CA SER L 202 103.37 -26.77 15.03
CA VAL L 203 105.69 -26.69 18.08
CA ASP L 204 108.58 -24.18 18.20
CA GLY L 205 107.83 -23.48 14.49
CA LEU L 206 108.36 -27.20 13.54
CA PRO L 207 105.31 -28.86 11.83
CA ALA L 208 103.39 -31.32 14.06
CA ASN L 209 103.00 -34.12 11.45
CA ASP L 210 104.39 -37.10 13.48
CA LEU L 211 102.87 -37.87 16.92
CA ARG L 212 106.04 -39.64 18.17
CA LYS L 213 108.19 -36.58 17.25
CA LEU L 214 105.68 -34.25 18.95
CA ASN L 215 105.71 -36.44 22.10
CA GLU L 216 109.57 -36.73 22.03
CA LYS L 217 109.92 -32.93 21.53
CA ILE L 218 107.92 -32.50 24.79
CA LEU L 219 109.58 -35.49 26.55
CA PHE L 220 113.19 -34.31 25.88
CA ALA L 221 112.50 -30.58 26.52
CA ASP L 222 114.54 -28.89 29.29
CA ARG L 223 113.12 -28.57 32.84
CA GLY L 224 111.11 -25.31 33.09
CA SER L 225 111.60 -24.55 29.36
CA THR L 226 108.70 -22.94 27.43
CA LEU L 227 107.29 -24.65 24.31
CA TYR L 228 105.43 -22.53 21.70
CA PHE L 229 102.45 -24.26 20.06
CA GLN L 230 100.41 -23.21 17.03
CA VAL L 231 96.92 -24.76 17.18
CA LEU L 232 93.76 -24.49 15.09
CA ARG L 233 90.74 -23.81 17.34
CA ASP L 234 87.32 -23.31 15.68
CA ASN L 235 89.16 -22.71 12.33
CA MET L 236 91.20 -19.84 13.91
CA ASP L 237 94.98 -19.94 14.37
CA LEU L 238 95.94 -19.68 18.06
CA ASN L 239 99.39 -19.45 19.70
CA ILE L 240 99.79 -21.24 23.08
CA SER L 241 102.94 -21.00 25.25
CA THR L 242 103.44 -23.64 28.00
CA GLU L 243 106.11 -24.40 30.62
CA VAL L 244 107.46 -27.99 30.65
CA PHE L 245 107.19 -29.76 34.02
CA ALA L 246 108.44 -33.17 35.22
CA LYS L 247 106.33 -36.21 34.25
CA ASP L 248 104.45 -37.93 37.17
CA LEU L 249 106.18 -41.05 38.64
CA SER L 250 103.49 -41.82 41.33
CA LYS L 251 102.43 -45.03 39.48
CA PHE L 252 105.95 -46.49 40.14
CA GLY M 16 -33.20 -59.21 -50.59
CA ILE M 17 -29.42 -58.79 -50.09
CA GLU M 18 -27.69 -62.01 -51.29
CA ARG M 19 -26.24 -64.22 -48.50
CA PRO M 20 -22.40 -63.87 -48.44
CA LYS M 21 -20.38 -67.00 -49.19
CA PHE M 22 -17.83 -68.61 -46.88
CA GLU M 23 -15.02 -67.08 -49.05
CA ASP M 24 -16.23 -63.50 -48.24
CA PHE M 25 -15.68 -64.19 -44.49
CA LEU M 26 -12.48 -66.24 -45.10
CA ALA M 27 -10.87 -63.07 -46.57
CA GLY M 28 -11.88 -61.34 -43.28
CA TYR M 29 -10.21 -64.20 -41.33
CA GLU M 30 -6.95 -64.06 -43.37
CA ARG M 31 -6.68 -60.24 -42.86
CA ASN M 32 -7.50 -60.37 -39.11
CA LYS M 33 -6.12 -63.76 -37.83
CA ALA M 34 -3.16 -61.89 -36.21
CA SER M 35 -5.74 -60.14 -33.92
CA MET M 36 -6.81 -63.63 -32.61
CA LEU M 37 -4.45 -65.22 -30.06
CA ASN M 38 -4.16 -67.80 -27.31
CA TYR M 39 -2.87 -65.97 -24.18
CA GLU M 40 -1.82 -68.27 -21.28
CA GLY M 41 -4.27 -70.99 -22.54
CA MET M 42 -7.25 -68.55 -22.96
CA PRO M 43 -8.84 -67.01 -26.12
CA ALA M 44 -7.46 -63.48 -26.60
CA PHE M 45 -8.24 -60.62 -29.01
CA ALA M 46 -6.09 -57.61 -29.97
CA LEU M 47 -7.97 -54.37 -29.21
CA SER M 48 -5.01 -51.96 -29.85
CA GLU M 49 -1.22 -52.11 -30.56
CA ASN M 50 -0.65 -53.10 -26.85
CA LEU M 51 -4.07 -54.16 -25.39
CA LEU M 52 -5.59 -57.66 -25.35
CA ALA M 53 -9.07 -58.69 -24.31
CA VAL M 54 -8.58 -62.17 -22.76
CA LEU M 55 -11.79 -64.18 -22.28
CA LYS M 56 -11.85 -65.70 -18.77
CA GLN M 57 -12.53 -69.45 -18.90
CA PRO M 58 -14.08 -71.59 -16.10
CA ASN M 59 -11.40 -72.67 -13.55
CA THR M 60 -8.67 -70.48 -15.18
CA LYS M 61 -6.92 -67.51 -13.53
CA LEU M 62 -4.66 -64.94 -15.20
CA ASN M 63 -1.75 -63.87 -12.93
CA LYS M 64 -0.94 -60.52 -14.64
CA TYR M 65 -3.68 -58.21 -16.01
CA VAL M 66 -4.62 -54.51 -15.96
CA LYS M 67 -8.24 -55.29 -14.90
CA TYR M 68 -10.87 -58.09 -14.80
CA ASP M 69 -14.38 -56.98 -15.96
CA PRO M 70 -17.05 -59.30 -14.48
CA PHE M 71 -19.81 -57.89 -16.68
CA LEU M 72 -17.84 -58.56 -19.92
CA ASN M 73 -16.04 -61.59 -18.36
CA LEU M 74 -12.80 -60.18 -19.89
CA TYR M 75 -9.30 -59.53 -18.54
CA LEU M 76 -7.60 -56.43 -20.02
CA VAL M 77 -3.91 -57.28 -20.60
CA ARG M 78 -1.16 -54.84 -21.56
CA THR M 79 1.57 -56.46 -23.69
CA ASP M 80 5.29 -55.53 -23.82
CA PHE M 81 5.15 -56.47 -27.56
CA SER M 82 3.20 -54.99 -30.48
CA LEU M 83 -0.20 -56.40 -31.53
CA ILE M 84 -2.09 -56.08 -34.82
CA PRO M 85 -5.66 -54.92 -33.90
CA THR M 86 -8.67 -55.34 -36.19
CA PRO M 87 -10.41 -52.14 -37.43
CA MET M 88 -13.61 -51.82 -35.35
CA GLY M 89 -16.75 -50.86 -37.30
CA ASP M 90 -20.12 -49.63 -35.94
CA GLU M 91 -22.54 -52.42 -34.96
CA GLU M 92 -25.31 -49.84 -34.20
CA LYS M 93 -25.41 -48.91 -37.93
CA LEU M 94 -26.17 -52.54 -38.85
CA THR M 95 -29.74 -53.32 -39.92
CA ARG M 96 -31.52 -56.73 -39.88
CA ASN M 97 -30.43 -57.09 -43.56
CA ASP M 98 -26.69 -56.71 -42.80
CA TRP M 99 -24.57 -59.87 -42.62
CA VAL M 100 -22.27 -60.69 -39.71
CA GLY M 101 -20.15 -63.75 -39.07
CA ILE M 102 -17.36 -65.30 -37.06
CA TRP M 103 -14.08 -65.14 -38.98
CA ASP M 104 -13.19 -68.85 -38.93
CA PRO M 105 -10.86 -70.76 -41.33
CA ASN M 106 -13.07 -73.90 -41.55
CA LYS M 107 -16.79 -73.18 -40.85
CA PRO M 108 -19.31 -70.55 -42.13
CA TYR M 109 -20.76 -68.99 -38.95
CA ILE M 110 -22.88 -66.44 -40.91
CA GLY M 111 -26.18 -64.72 -40.03
CA HIS M 112 -27.56 -61.51 -38.48
CA ILE M 113 -27.61 -59.58 -35.21
CA LYS M 114 -30.85 -60.85 -33.59
CA TYR M 115 -30.88 -57.96 -31.08
CA LEU M 116 -28.63 -55.62 -29.06
CA ALA M 117 -29.04 -56.04 -25.27
CA GLN M 118 -30.97 -53.36 -23.33
CA ASN M 119 -28.69 -53.62 -20.22
CA ILE M 120 -25.03 -54.48 -19.43
CA ASP M 121 -26.31 -57.53 -17.47
CA GLU M 122 -27.33 -59.10 -20.83
CA LYS M 123 -25.24 -60.08 -23.92
CA ASP M 124 -26.05 -58.97 -27.45
CA GLN M 125 -27.57 -61.85 -29.50
CA LEU M 126 -26.98 -63.43 -32.93
CA ASP M 127 -29.59 -65.41 -34.95
CA PHE M 128 -27.10 -68.32 -35.45
CA ASN M 129 -25.29 -70.74 -33.11
CA SER M 130 -21.98 -69.01 -32.28
CA LYS M 131 -18.59 -69.95 -30.81
CA ILE M 132 -15.76 -67.94 -29.24
CA GLY M 133 -14.13 -65.78 -31.99
CA LEU M 134 -14.05 -62.35 -33.70
CA LEU M 135 -17.45 -61.25 -34.99
CA GLY M 136 -17.19 -59.06 -38.09
CA THR M 137 -18.66 -57.95 -41.44
CA PRO M 138 -17.72 -59.10 -45.00
CA CYS M 139 -15.79 -55.74 -45.15
CA CYS M 140 -13.33 -57.18 -42.52
CA GLU M 141 -14.54 -54.76 -39.75
CA MET M 142 -14.89 -56.09 -36.18
CA MET M 143 -18.43 -55.89 -34.71
CA GLY M 144 -17.40 -57.60 -31.44
CA ILE M 145 -16.27 -60.81 -29.71
CA ALA M 146 -18.59 -63.74 -30.42
CA LEU M 147 -19.20 -66.10 -27.47
CA ASN M 148 -21.00 -69.46 -27.17
CA ASN M 149 -24.85 -69.81 -27.25
CA SER M 150 -25.51 -67.10 -29.93
CA SER M 151 -24.15 -64.34 -27.62
CA PHE M 152 -21.55 -61.61 -28.30
CA ILE M 153 -19.83 -58.53 -26.80
CA GLY M 154 -20.45 -55.56 -29.16
CA ASN M 155 -17.46 -53.36 -30.06
CA ARG M 156 -19.08 -50.30 -28.30
CA TYR M 157 -18.46 -52.09 -24.97
CA LEU M 158 -14.88 -53.00 -26.06
CA LYS M 159 -14.13 -49.32 -26.92
CA HIS M 160 -15.25 -48.34 -23.38
CA PHE M 161 -13.51 -51.38 -21.78
CA MET M 162 -10.15 -50.13 -23.21
CA LYS M 163 -10.65 -46.51 -21.96
CA TYR M 164 -9.82 -47.14 -18.25
CA ASN M 165 -7.19 -49.22 -16.36
CA ASP M 166 -9.90 -50.06 -13.71
CA VAL M 167 -13.46 -51.47 -14.10
CA TYR M 168 -15.70 -48.48 -14.80
CA TRP M 169 -19.27 -48.23 -16.11
CA GLY M 170 -21.48 -45.16 -15.57
CA ASP M 171 -24.52 -45.21 -13.25
CA ILE M 172 -26.86 -42.38 -12.12
CA GLY M 173 -28.80 -44.50 -9.57
CA VAL M 174 -32.03 -44.56 -11.67
CA ASP M 175 -33.58 -47.50 -13.54
CA PHE M 176 -35.92 -46.93 -16.53
CA VAL M 177 -38.87 -48.79 -18.14
CA VAL M 178 -40.63 -48.50 -21.52
CA ARG M 179 -44.44 -47.99 -21.34
CA GLU M 180 -46.53 -47.03 -24.43
CA ASN M 181 -43.33 -46.30 -26.49
CA LYS M 182 -42.20 -43.75 -23.81
CA ILE M 183 -39.37 -44.07 -21.27
CA TYR M 184 -40.20 -43.63 -17.58
CA VAL M 185 -38.35 -43.72 -14.26
CA ASN M 186 -39.14 -47.16 -12.79
CA ASN M 187 -36.84 -47.18 -9.72
CA VAL M 188 -34.69 -44.63 -7.82
CA ARG M 189 -31.62 -46.07 -6.02
CA LYS M 190 -29.15 -43.17 -5.42
CA ASN M 191 -30.63 -40.06 -7.09
CA PRO M 192 -33.56 -38.33 -5.29
CA GLN M 193 -33.85 -35.62 -8.01
CA PHE M 194 -35.81 -38.17 -10.13
CA LEU M 195 -39.27 -39.44 -9.12
CA ILE M 196 -41.00 -42.70 -10.06
CA ASN M 197 -43.12 -42.08 -13.21
CA ASP M 198 -41.06 -39.09 -14.43
CA GLN M 199 -41.24 -39.40 -18.25
CA VAL M 200 -37.73 -39.07 -19.78
CA ILE M 201 -37.87 -36.66 -22.75
CA SER M 202 -34.15 -36.09 -23.50
CA VAL M 203 -30.54 -36.43 -22.24
CA ASP M 204 -27.93 -33.80 -23.22
CA GLY M 205 -30.54 -32.48 -25.72
CA LEU M 206 -30.80 -35.91 -27.50
CA PRO M 207 -34.37 -37.42 -27.56
CA ALA M 208 -34.87 -40.37 -25.16
CA ASN M 209 -36.76 -42.65 -27.64
CA ASP M 210 -34.62 -45.86 -27.29
CA LEU M 211 -34.06 -47.36 -23.81
CA ARG M 212 -30.80 -49.12 -24.85
CA LYS M 213 -29.36 -45.81 -26.18
CA LEU M 214 -30.43 -44.01 -22.98
CA ASN M 215 -28.79 -46.74 -20.84
CA GLU M 216 -25.62 -46.77 -23.05
CA LYS M 217 -25.41 -42.91 -22.91
CA ILE M 218 -25.29 -43.25 -19.09
CA LEU M 219 -23.08 -46.39 -19.12
CA PHE M 220 -20.37 -44.87 -21.39
CA ALA M 221 -20.42 -41.37 -19.78
CA ASP M 222 -17.13 -40.10 -18.29
CA ARG M 223 -16.37 -40.55 -14.56
CA GLY M 224 -17.76 -37.54 -12.64
CA SER M 225 -19.35 -36.06 -15.80
CA THR M 226 -22.75 -34.32 -15.50
CA LEU M 227 -25.72 -35.49 -17.62
CA TYR M 228 -28.59 -33.06 -18.33
CA PHE M 229 -32.07 -34.65 -18.40
CA GLN M 230 -35.36 -33.18 -19.55
CA VAL M 231 -38.28 -34.96 -17.85
CA LEU M 232 -42.05 -34.51 -17.80
CA ARG M 233 -43.33 -34.47 -14.18
CA ASP M 234 -47.07 -33.90 -13.58
CA ASN M 235 -47.32 -32.55 -17.22
CA MET M 236 -44.62 -29.90 -16.48
CA ASP M 237 -41.21 -29.83 -18.16
CA LEU M 238 -38.38 -30.20 -15.62
CA ASN M 239 -34.60 -30.06 -16.11
CA ILE M 240 -32.50 -32.42 -13.90
CA SER M 241 -28.66 -32.39 -13.79
CA THR M 242 -26.88 -35.44 -12.33
CA GLU M 243 -23.27 -36.51 -11.77
CA VAL M 244 -22.27 -39.95 -13.17
CA PHE M 245 -20.75 -42.33 -10.61
CA ALA M 246 -19.21 -45.82 -10.97
CA LYS M 247 -21.66 -48.75 -11.20
CA ASP M 248 -21.72 -51.10 -8.13
CA LEU M 249 -19.63 -54.32 -8.46
CA SER M 250 -20.45 -55.77 -4.96
CA LYS M 251 -22.49 -58.63 -6.51
CA PHE M 252 -19.26 -59.95 -8.15
CA THR N 66 -71.67 -85.94 91.96
CA GLU N 67 -73.24 -82.47 91.22
CA LEU N 68 -75.98 -81.11 88.88
CA SER N 69 -76.06 -77.48 87.67
CA PHE N 70 -79.23 -75.77 86.37
CA THR N 71 -79.30 -72.35 84.70
CA ALA N 72 -82.00 -69.91 83.65
CA VAL N 73 -82.03 -66.49 81.94
CA GLY N 74 -84.47 -63.77 83.06
CA GLU N 75 -85.36 -60.60 81.20
CA GLY N 76 -86.78 -57.41 82.74
CA ILE N 77 -88.34 -54.22 81.37
CA ALA N 78 -88.47 -50.98 83.41
CA PRO N 79 -91.93 -49.49 84.27
CA MET N 80 -93.09 -46.45 82.23
CA ASN N 81 -93.37 -43.97 85.21
CA THR N 82 -89.85 -44.26 86.66
CA VAL N 83 -88.50 -41.04 88.22
CA SER N 84 -84.80 -41.69 87.20
CA THR N 85 -82.62 -43.70 84.82
CA ALA N 86 -80.96 -45.35 87.80
CA GLN N 87 -84.37 -46.29 89.26
CA ALA N 88 -85.51 -47.68 85.90
CA LEU N 89 -82.35 -49.80 85.71
CA ALA N 90 -82.77 -51.15 89.22
CA LEU N 91 -86.45 -52.06 88.58
CA ALA N 92 -85.63 -53.72 85.26
CA LYS N 93 -82.91 -55.81 87.00
CA ARG N 94 -85.40 -56.89 89.76
CA ALA N 95 -87.92 -57.87 87.12
CA ALA N 96 -85.20 -59.85 85.27
CA ILE N 97 -84.24 -61.66 88.50
CA THR N 98 -87.94 -62.44 89.21
CA ASP N 99 -88.32 -63.85 85.74
CA ALA N 100 -85.06 -65.86 86.00
CA TYR N 101 -86.38 -67.36 89.26
CA ARG N 102 -89.73 -68.18 87.61
CA GLN N 103 -87.77 -69.91 84.82
CA LEU N 104 -85.67 -71.82 87.34
CA ALA N 105 -88.87 -72.83 89.25
CA SER N 106 -90.40 -73.98 85.96
CA LYS N 107 -87.39 -76.26 85.45
CA LEU N 108 -87.25 -77.68 88.95
CA TYR N 109 -90.90 -77.86 90.01
CA GLY N 110 -92.43 -78.07 86.56
CA VAL N 111 -95.05 -76.03 84.69
CA LYS N 112 -98.79 -76.84 84.63
CA VAL N 113 -100.26 -76.22 81.17
CA ASN N 114 -103.86 -76.27 79.93
CA GLY N 115 -104.90 -75.73 76.33
CA LYS N 116 -108.09 -75.65 74.30
CA ASP N 117 -108.67 -75.12 70.53
CA THR N 118 -112.01 -74.86 68.74
CA VAL N 119 -112.21 -75.15 64.91
CA LYS N 120 -115.42 -74.56 62.95
CA ASP N 121 -115.69 -75.09 59.15
CA ALA N 122 -111.84 -75.40 58.77
CA MET N 123 -111.41 -72.02 60.49
CA LEU N 124 -110.18 -71.56 64.07
CA ARG N 125 -112.78 -70.04 66.40
CA SER N 126 -110.86 -69.80 69.74
CA SER N 127 -107.51 -70.88 71.13
CA THR N 128 -106.56 -70.52 74.83
CA ILE N 129 -103.49 -71.67 76.74
CA THR N 130 -102.80 -71.28 80.53
CA ALA N 131 -99.41 -71.93 82.13
CA GLN N 132 -98.81 -71.98 85.91
CA VAL N 133 -95.77 -72.32 88.15
CA ASN N 134 -95.26 -72.46 91.92
CA GLY N 135 -91.90 -73.09 93.57
CA LEU N 136 -89.49 -72.36 96.45
CA ILE N 137 -85.89 -71.82 95.17
CA LYS N 138 -82.89 -71.99 97.46
CA ASN N 139 -79.20 -71.29 96.88
CA ALA N 140 -79.44 -69.76 93.31
CA SER N 141 -76.57 -67.51 92.20
CA ILE N 142 -76.25 -64.94 89.33
CA ILE N 143 -73.48 -65.63 86.85
CA ASP N 144 -74.09 -63.02 84.02
CA GLU N 145 -75.90 -59.71 83.61
CA ASN N 146 -76.38 -57.00 81.01
CA PHE N 147 -78.38 -53.89 80.28
CA ASN N 148 -79.16 -52.77 76.73
CA GLN N 149 -81.79 -50.30 75.41
CA GLY N 150 -84.16 -50.52 78.48
CA LEU N 151 -83.87 -54.32 78.61
CA TYR N 152 -82.04 -55.95 81.48
CA ARG N 153 -80.84 -59.60 81.31
CA VAL N 154 -79.77 -61.85 84.26
CA ASN N 155 -78.37 -65.43 84.24
CA LEU N 156 -79.08 -67.62 87.33
CA GLU N 157 -77.42 -70.89 88.32
CA LEU N 158 -78.41 -73.55 90.84
CA LYS N 159 -76.06 -76.35 91.97
CA ILE N 160 -77.65 -79.49 93.50
CA ASP N 161 -76.30 -82.90 94.46
CA ALA N 162 -77.34 -85.69 92.12
CA ASP N 163 -78.45 -88.07 94.92
CA LYS N 164 -80.62 -85.34 96.52
CA TRP N 165 -82.18 -84.41 93.17
CA LYS N 166 -83.21 -88.05 92.71
CA GLU N 167 -84.78 -88.13 96.17
CA LEU N 168 -86.72 -84.86 95.78
CA PHE N 169 -87.77 -85.02 92.15
CA ALA N 170 -87.56 -88.75 91.21
CA TYR N 171 -90.55 -89.92 93.40
CA THR O 66 -80.99 -95.33 78.05
CA GLU O 67 -82.38 -91.80 77.27
CA LEU O 68 -85.33 -90.44 75.22
CA SER O 69 -85.40 -86.91 73.79
CA PHE O 70 -88.58 -84.98 72.82
CA THR O 71 -88.72 -81.62 71.07
CA ALA O 72 -91.44 -79.09 70.35
CA VAL O 73 -91.70 -75.75 68.48
CA GLY O 74 -93.78 -72.86 69.88
CA GLU O 75 -94.91 -69.68 68.18
CA GLY O 76 -95.78 -66.28 69.74
CA ILE O 77 -97.05 -62.92 68.43
CA ALA O 78 -96.55 -59.46 69.98
CA PRO O 79 -99.79 -57.64 71.10
CA MET O 80 -100.75 -54.44 69.18
CA ASN O 81 -100.86 -52.18 72.34
CA THR O 82 -97.22 -52.59 73.59
CA VAL O 83 -95.43 -49.54 75.10
CA SER O 84 -92.01 -50.62 73.72
CA THR O 85 -90.29 -52.73 71.09
CA ALA O 86 -88.45 -54.67 73.82
CA GLN O 87 -91.78 -55.32 75.57
CA ALA O 88 -93.34 -56.55 72.30
CA LEU O 89 -90.41 -58.98 71.81
CA ALA O 90 -90.60 -60.20 75.41
CA LEU O 91 -94.39 -60.83 75.21
CA ALA O 92 -94.04 -62.61 71.86
CA LYS O 93 -91.29 -64.81 73.33
CA ARG O 94 -93.45 -65.61 76.40
CA ALA O 95 -96.35 -66.61 74.18
CA ALA O 96 -93.98 -68.77 72.08
CA ILE O 97 -92.56 -70.50 75.16
CA THR O 98 -96.07 -71.17 76.55
CA ASP O 99 -97.08 -72.60 73.19
CA ALA O 100 -93.94 -74.77 73.01
CA TYR O 101 -94.80 -76.15 76.45
CA ARG O 102 -98.39 -76.89 75.29
CA GLN O 103 -96.95 -78.69 72.27
CA LEU O 104 -94.62 -80.74 74.50
CA ALA O 105 -97.57 -81.55 76.84
CA SER O 106 -99.51 -82.69 73.80
CA LYS O 107 -96.66 -85.08 72.99
CA LEU O 108 -96.27 -86.49 76.47
CA TYR O 109 -99.79 -86.53 77.91
CA GLY O 110 -101.71 -86.69 74.65
CA VAL O 111 -104.38 -84.52 73.01
CA LYS O 112 -108.10 -85.11 73.48
CA VAL O 113 -109.98 -84.48 70.21
CA ASN O 114 -113.72 -84.37 69.46
CA GLY O 115 -115.20 -83.88 66.00
CA LYS O 116 -118.63 -83.71 64.42
CA ASP O 117 -119.60 -83.32 60.74
CA THR O 118 -123.15 -82.95 59.35
CA VAL O 119 -123.69 -83.51 55.57
CA LYS O 120 -127.05 -82.88 53.95
CA ASP O 121 -127.64 -83.55 50.26
CA ALA O 122 -123.86 -84.03 49.57
CA MET O 123 -123.27 -80.54 50.96
CA LEU O 124 -121.63 -79.94 54.34
CA ARG O 125 -123.93 -78.29 56.94
CA SER O 126 -121.60 -77.89 59.95
CA SER O 127 -118.19 -79.14 61.02
CA THR O 128 -116.78 -78.67 64.54
CA ILE O 129 -113.57 -79.86 66.10
CA THR O 130 -112.31 -79.40 69.71
CA ALA O 131 -108.80 -80.23 70.92
CA GLN O 132 -107.80 -80.19 74.64
CA VAL O 133 -104.52 -80.68 76.48
CA ASN O 134 -103.52 -80.84 80.15
CA GLY O 135 -100.00 -81.56 81.38
CA LEU O 136 -97.25 -80.98 83.98
CA ILE O 137 -93.72 -80.51 82.45
CA LYS O 138 -90.40 -80.62 84.35
CA ASN O 139 -86.80 -80.12 83.16
CA ALA O 140 -87.51 -78.79 79.58
CA SER O 141 -84.60 -76.85 77.91
CA ILE O 142 -84.53 -74.43 74.89
CA ILE O 143 -82.41 -75.28 71.85
CA ASP O 144 -83.40 -72.72 69.12
CA GLU O 145 -85.11 -69.36 68.78
CA ASN O 146 -85.87 -66.94 65.93
CA PHE O 147 -87.76 -63.65 65.63
CA ASN O 148 -89.13 -63.05 62.13
CA GLN O 149 -92.16 -61.49 60.67
CA GLY O 150 -94.61 -61.03 63.50
CA LEU O 151 -93.37 -63.93 64.97
CA TYR O 152 -91.20 -65.43 67.57
CA ARG O 153 -90.32 -69.20 67.24
CA VAL O 154 -88.89 -71.24 70.15
CA ASN O 155 -87.66 -74.87 70.11
CA LEU O 156 -87.79 -76.85 73.39
CA GLU O 157 -86.25 -80.19 74.24
CA LEU O 158 -87.02 -82.62 77.05
CA LYS O 159 -84.77 -85.56 77.96
CA ILE O 160 -86.28 -88.50 79.83
CA ASP O 161 -84.93 -91.85 80.92
CA ALA O 162 -86.31 -94.77 78.94
CA ASP O 163 -87.17 -96.86 82.05
CA LYS O 164 -89.04 -93.88 83.57
CA TRP O 165 -90.96 -93.21 80.35
CA LYS O 166 -92.15 -96.81 80.41
CA GLU O 167 -93.27 -96.45 84.02
CA LEU O 168 -95.04 -93.10 83.53
CA PHE O 169 -96.46 -93.39 80.07
CA ALA O 170 -96.44 -97.13 79.35
CA TYR O 171 -99.49 -97.72 81.66
CA THR P 66 -92.20 -104.73 65.14
CA GLU P 67 -93.50 -101.12 64.57
CA LEU P 68 -96.66 -99.65 62.91
CA SER P 69 -96.68 -96.14 61.42
CA PHE P 70 -99.82 -94.03 60.72
CA THR P 71 -99.98 -90.71 58.89
CA ALA P 72 -102.68 -88.07 58.45
CA VAL P 73 -102.99 -84.73 56.58
CA GLY P 74 -104.78 -81.75 58.18
CA GLU P 75 -105.96 -78.54 56.48
CA GLY P 76 -106.66 -75.16 58.13
CA ILE P 77 -107.72 -71.65 57.11
CA ALA P 78 -106.97 -68.42 58.99
CA PRO P 79 -109.83 -66.41 60.61
CA MET P 80 -111.07 -63.25 58.76
CA ASN P 81 -110.12 -60.72 61.55
CA THR P 82 -106.35 -61.31 62.01
CA VAL P 83 -104.21 -58.30 63.02
CA SER P 84 -101.29 -59.53 60.92
CA THR P 85 -100.38 -61.98 58.19
CA ALA P 86 -98.11 -63.74 60.69
CA GLN P 87 -101.09 -64.18 63.02
CA ALA P 88 -103.22 -65.46 60.17
CA LEU P 89 -100.57 -68.06 59.29
CA ALA P 90 -100.16 -69.20 62.90
CA LEU P 91 -103.91 -69.61 63.41
CA ALA P 92 -104.25 -71.43 60.09
CA LYS P 93 -101.46 -73.85 61.11
CA ARG P 94 -103.24 -74.48 64.47
CA ALA P 95 -106.47 -75.28 62.65
CA ALA P 96 -104.53 -77.63 60.30
CA ILE P 97 -102.83 -79.44 63.21
CA THR P 98 -106.18 -79.83 65.05
CA ASP P 99 -107.65 -81.24 61.85
CA ALA P 100 -104.68 -83.60 61.35
CA TYR P 101 -105.21 -84.90 64.93
CA ARG P 102 -108.91 -85.46 64.18
CA GLN P 103 -107.95 -87.38 61.04
CA LEU P 104 -105.45 -89.50 62.96
CA ALA P 105 -108.12 -90.11 65.70
CA SER P 106 -110.50 -91.19 62.95
CA LYS P 107 -107.92 -93.77 61.84
CA LEU P 108 -107.07 -95.13 65.28
CA TYR P 109 -110.34 -94.89 67.21
CA GLY P 110 -112.69 -95.15 64.26
CA VAL P 111 -115.50 -92.92 62.93
CA LYS P 112 -119.12 -93.32 63.93
CA VAL P 113 -121.40 -92.69 60.96
CA ASN P 114 -125.18 -92.36 60.79
CA GLY P 115 -127.03 -91.93 57.52
CA LYS P 116 -130.58 -91.57 56.30
CA ASP P 117 -131.78 -91.24 52.68
CA THR P 118 -135.33 -90.57 51.46
CA VAL P 119 -136.25 -91.37 47.84
CA LYS P 120 -139.65 -90.41 46.43
CA ASP P 121 -140.63 -91.44 42.91
CA ALA P 122 -137.04 -92.61 42.14
CA MET P 123 -135.82 -89.05 42.87
CA LEU P 124 -133.80 -88.40 46.05
CA ARG P 125 -135.72 -86.05 48.35
CA SER P 126 -133.28 -85.73 51.32
CA SER P 127 -130.02 -87.27 52.49
CA THR P 128 -128.49 -86.72 55.91
CA ILE P 129 -125.18 -88.01 57.20
CA THR P 130 -123.58 -87.43 60.61
CA ALA P 131 -120.00 -88.42 61.40
CA GLN P 132 -118.49 -88.31 64.91
CA VAL P 133 -114.98 -88.90 66.25
CA ASN P 134 -113.50 -88.93 69.77
CA GLY P 135 -109.89 -89.80 70.56
CA LEU P 136 -106.87 -89.33 72.83
CA ILE P 137 -103.64 -89.13 70.71
CA LYS P 138 -100.14 -89.31 72.14
CA ASN P 139 -96.72 -88.82 70.54
CA ALA P 140 -97.83 -87.66 67.02
CA SER P 141 -95.02 -85.88 65.08
CA ILE P 142 -95.19 -83.44 62.09
CA ILE P 143 -93.32 -84.63 59.01
CA ASP P 144 -94.48 -82.10 56.35
CA GLU P 145 -96.09 -78.64 56.11
CA ASN P 146 -97.07 -76.21 53.38
CA PHE P 147 -98.82 -72.89 53.09
CA ASN P 148 -100.41 -71.93 49.75
CA GLN P 149 -103.01 -69.25 48.89
CA GLY P 150 -104.45 -68.92 52.41
CA LEU P 151 -104.57 -72.72 53.01
CA TYR P 152 -102.27 -74.41 55.49
CA ARG P 153 -101.53 -78.20 55.21
CA VAL P 154 -99.85 -80.32 57.91
CA ASN P 155 -98.80 -84.01 57.74
CA LEU P 156 -98.71 -85.94 61.05
CA GLU P 157 -97.13 -89.32 61.77
CA LEU P 158 -97.68 -91.71 64.67
CA LYS P 159 -95.44 -94.71 65.39
CA ILE P 160 -96.85 -97.55 67.57
CA ASP P 161 -95.53 -100.97 68.52
CA ALA P 162 -97.30 -103.78 66.74
CA ASP P 163 -97.82 -105.91 69.89
CA LYS P 164 -99.29 -102.90 71.72
CA TRP P 165 -101.57 -102.01 68.80
CA LYS P 166 -102.96 -105.55 68.92
CA GLU P 167 -103.56 -105.29 72.65
CA LEU P 168 -105.16 -101.83 72.55
CA PHE P 169 -107.13 -101.85 69.33
CA ALA P 170 -107.54 -105.55 68.51
CA TYR P 171 -110.39 -105.69 71.13
CA SER Q 68 12.01 94.85 -18.58
CA LYS Q 69 9.69 91.87 -17.63
CA THR Q 70 11.43 89.39 -20.00
CA GLN Q 71 15.01 90.30 -18.71
CA GLU Q 72 13.84 89.92 -15.03
CA LYS Q 73 12.28 86.49 -15.87
CA TYR Q 74 15.57 85.39 -17.58
CA LYS Q 75 17.69 86.70 -14.59
CA GLY Q 76 15.40 84.83 -12.06
CA ALA Q 77 15.63 81.56 -14.07
CA ALA Q 78 19.46 82.03 -14.37
CA LYS Q 79 19.76 82.62 -10.58
CA GLU Q 80 17.63 79.52 -9.77
CA GLU Q 81 19.73 77.39 -12.12
CA SER Q 82 22.91 78.76 -10.64
CA ASP Q 83 21.67 78.04 -7.04
CA GLU Q 84 20.67 74.55 -8.16
CA LEU Q 85 24.12 74.07 -9.73
CA LYS Q 86 25.84 75.17 -6.44
CA SER Q 87 23.64 72.87 -4.40
CA LEU Q 88 24.23 69.93 -6.74
CA LYS Q 89 28.03 70.57 -6.71
CA GLN Q 90 27.97 70.43 -2.89
CA MET Q 91 25.86 67.28 -2.93
CA THR Q 92 28.23 65.67 -5.49
CA MET Q 93 31.22 66.52 -3.24
CA THR Q 94 29.44 65.13 -0.15
CA GLN Q 95 28.52 61.92 -2.06
CA GLN Q 96 32.06 61.58 -3.36
CA GLU Q 97 33.38 61.78 0.24
CA THR Q 98 30.74 59.28 1.37
CA ILE Q 99 31.81 56.88 -1.50
CA LYS Q 100 35.54 57.28 -0.44
CA ARG Q 101 34.50 56.49 3.23
CA LEU Q 102 32.31 53.46 2.30
CA GLN Q 103 35.07 52.13 -0.15
CA ALA Q 104 37.64 52.40 2.76
CA ALA Q 105 35.13 50.63 5.13
CA LEU Q 106 34.58 47.86 2.44
CA ASP Q 107 38.43 47.52 2.05
CA GLN Q 108 38.52 47.19 5.91
CA SER Q 109 35.55 44.45 6.13
CA ASP Q 110 38.11 41.64 5.05
CA ASN Q 111 40.76 42.70 7.70
CA GLN Q 112 40.20 40.03 10.41
CA VAL Q 113 43.75 39.00 11.25
CA ALA Q 114 42.75 35.61 12.61
CA LEU Q 115 45.88 34.30 13.93
CA ASN Q 116 45.41 30.59 14.59
CA LEU Q 117 47.85 29.80 17.30
CA PRO Q 118 47.76 25.99 17.23
CA SER Q 119 48.33 25.39 20.78
CA LYS Q 120 47.14 21.81 20.83
CA VAL Q 121 46.04 21.67 24.38
CA GLU Q 122 46.06 17.92 25.00
CA PHE Q 123 43.15 16.66 27.12
CA GLU Q 124 42.81 13.30 28.71
CA ARG Q 125 40.52 11.11 26.56
CA GLY Q 126 36.92 12.13 27.33
CA SER Q 127 38.05 14.82 29.76
CA ALA Q 128 38.22 18.63 29.75
CA GLN Q 129 41.01 18.59 32.33
CA ILE Q 130 44.50 19.91 31.43
CA VAL Q 131 46.97 17.71 33.37
CA SER Q 132 50.24 19.10 31.96
CA ALA Q 133 51.65 21.73 34.44
CA ASP Q 134 53.79 23.10 31.52
CA ILE Q 135 50.70 23.60 29.38
CA GLN Q 136 48.86 25.23 32.31
CA ASP Q 137 51.79 27.68 32.86
CA TYR Q 138 51.94 28.33 29.16
CA LEU Q 139 48.20 29.29 29.04
CA LYS Q 140 48.64 31.66 32.01
CA ARG Q 141 51.61 33.37 30.33
CA MET Q 142 49.68 33.61 27.08
CA ALA Q 143 46.80 35.15 29.02
CA GLU Q 144 49.12 37.74 30.47
CA LEU Q 145 50.32 38.77 26.98
CA THR Q 146 46.78 39.27 25.86
CA THR Q 147 46.64 42.26 28.30
CA TYR Q 148 48.78 44.17 25.78
CA LEU Q 149 46.34 43.59 22.92
CA PRO Q 150 44.44 46.69 21.65
CA PRO Q 151 40.93 47.07 23.19
CA GLN Q 152 39.40 46.15 19.76
CA ALA Q 153 41.27 42.76 19.74
CA LYS Q 154 38.91 39.79 20.18
CA ILE Q 155 39.87 36.39 21.49
CA GLU Q 156 37.91 33.25 20.53
CA ILE Q 157 38.63 29.95 22.42
CA ARG Q 158 37.40 27.05 20.30
CA GLY Q 159 36.72 23.57 21.58
CA TYR Q 160 36.66 20.28 19.63
CA THR Q 161 36.05 16.65 20.48
CA ASP Q 162 36.39 13.24 18.91
CA ASN Q 163 33.49 12.10 21.19
CA SER Q 164 30.65 10.81 18.97
CA ASP Q 165 28.58 9.17 21.78
CA SER Q 166 25.96 11.99 21.64
CA ILE Q 167 25.88 15.10 19.45
CA ILE Q 168 24.81 17.18 22.49
CA ARG Q 169 27.50 15.58 24.68
CA SER Q 170 30.02 16.27 21.96
CA TYR Q 171 29.27 20.05 22.03
CA GLU Q 172 29.25 20.00 25.85
CA LEU Q 173 32.62 18.32 26.08
CA ALA Q 174 34.11 20.64 23.41
CA TYR Q 175 32.73 23.62 25.38
CA GLN Q 176 34.06 22.31 28.68
CA ARG Q 177 37.54 22.00 27.13
CA ALA Q 178 37.45 25.62 25.89
CA GLU Q 179 35.98 26.80 29.23
CA ASN Q 180 38.85 25.06 31.06
CA VAL Q 181 41.33 27.07 28.92
CA LEU Q 182 39.37 30.29 29.72
CA LYS Q 183 39.89 29.44 33.48
CA TYR Q 184 43.63 29.61 32.94
CA PHE Q 185 43.25 32.87 30.95
CA ILE Q 186 41.35 34.24 33.96
CA GLU Q 187 44.11 33.04 36.29
CA GLY Q 188 46.69 34.61 34.03
CA GLY Q 189 44.91 38.10 34.18
CA ALA Q 190 43.44 38.20 30.60
CA ASN Q 191 41.03 41.07 29.66
CA LEU Q 192 37.77 39.13 29.57
CA LYS Q 193 35.91 42.06 27.75
CA ASN Q 194 36.59 40.50 24.28
CA ILE Q 195 36.85 36.75 24.90
CA SER Q 196 34.27 34.30 23.58
CA ILE Q 197 33.98 30.44 23.72
CA LYS Q 198 33.06 28.56 20.63
CA SER Q 199 32.00 24.88 20.68
CA TYR Q 200 32.36 22.84 17.44
CA GLY Q 201 31.51 19.48 18.90
CA LEU Q 202 32.46 16.93 16.10
CA ASN Q 203 32.42 19.72 13.45
CA ASN Q 204 35.61 20.96 11.63
CA PRO Q 205 37.52 17.73 11.99
CA ILE Q 206 41.24 17.58 11.32
CA ASN Q 207 41.77 16.04 7.79
CA GLY Q 208 38.04 15.53 7.49
CA ASN Q 209 38.06 12.77 10.15
CA PRO Q 210 35.75 13.57 13.22
CA GLN Q 211 36.91 10.42 15.14
CA ALA Q 212 40.55 11.35 14.97
CA LEU Q 213 42.21 11.64 18.44
CA GLU Q 214 43.64 14.94 17.19
CA ASN Q 215 40.14 16.38 17.47
CA ASN Q 216 40.53 16.39 21.28
CA ARG Q 217 41.82 19.91 21.01
CA VAL Q 218 41.34 23.59 21.78
CA GLU Q 219 42.21 26.33 19.43
CA ILE Q 220 42.64 30.03 20.40
CA TYR Q 221 41.92 32.60 17.77
CA PHE Q 222 42.78 36.29 17.86
CA LYS Q 223 40.69 38.68 15.88
CA VAL Q 224 41.39 42.39 15.32
CA ASP Q 225 38.56 44.21 13.78
CA THR Q 226 40.70 47.19 12.51
CA ALA Q 227 41.57 48.54 9.04
CA ASP Q 228 44.79 49.88 10.63
CA THR Q 229 47.58 47.66 9.16
CA SER Q 230 50.10 48.93 11.82
CA THR Q 231 47.73 47.78 14.66
CA GLN Q 232 47.27 44.42 12.86
CA LYS Q 233 51.12 43.99 12.55
CA SER Q 234 51.70 44.98 16.20
CA VAL Q 235 49.04 42.46 17.37
CA LEU Q 236 50.65 39.89 15.04
CA GLU Q 237 54.12 40.55 16.47
CA LEU Q 238 52.84 40.31 20.03
CA ILE Q 239 50.97 37.07 19.29
CA ASN Q 240 54.08 35.54 17.44
CA LYS Q 241 56.06 36.27 20.57
CA ILE Q 242 53.41 34.35 22.62
CA GLY Q 243 53.50 31.34 20.06
CA THR Q 244 57.48 31.00 20.10
CA LYS Q 245 57.43 30.27 23.95
CA ALA Q 246 54.88 27.29 23.62
CA PRO Q 247 56.34 24.19 25.56
CA SER R 68 23.99 89.88 -31.89
CA LYS R 69 27.44 89.06 -30.25
CA THR R 70 26.28 89.65 -26.58
CA GLN R 71 23.08 87.47 -26.94
CA GLU R 72 25.18 84.69 -28.56
CA LYS R 73 27.71 84.93 -25.61
CA TYR R 74 24.85 84.75 -23.01
CA LYS R 75 23.19 81.83 -24.94
CA GLY R 76 26.60 80.02 -25.08
CA ALA R 77 27.22 80.54 -21.29
CA ALA R 78 23.62 79.44 -20.52
CA LYS R 79 24.03 76.35 -22.72
CA GLU R 80 27.38 75.51 -21.03
CA GLU R 81 25.83 75.87 -17.56
CA SER R 82 22.85 73.83 -18.58
CA ASP R 83 25.14 71.09 -20.02
CA GLU R 84 27.17 71.22 -16.81
CA LEU R 85 23.97 70.95 -14.73
CA LYS R 86 22.82 67.90 -16.79
CA SER R 87 26.22 66.31 -16.42
CA LEU R 88 26.34 66.95 -12.66
CA LYS R 89 22.77 65.61 -12.23
CA GLN R 90 23.79 62.45 -14.00
CA MET R 91 26.94 62.21 -11.89
CA THR R 92 24.90 62.73 -8.68
CA MET R 93 22.48 59.95 -9.72
CA THR R 94 25.37 57.63 -10.57
CA GLN R 95 27.08 58.42 -7.20
CA GLN R 96 23.81 57.87 -5.35
CA GLU R 97 23.45 54.50 -7.00
CA THR R 98 27.12 53.72 -6.20
CA ILE R 99 26.47 54.73 -2.48
CA LYS R 100 23.37 52.44 -2.42
CA ARG R 101 25.49 49.63 -3.95
CA LEU R 102 28.51 50.12 -1.58
CA GLN R 103 26.09 50.43 1.44
CA ALA R 104 24.46 47.11 0.33
CA ALA R 105 27.99 45.53 -0.18
CA LEU R 106 29.03 46.87 3.35
CA ASP R 107 25.72 45.44 4.63
CA GLN R 108 26.87 42.21 2.83
CA SER R 109 30.72 42.44 4.14
CA ASP R 110 29.50 41.54 7.71
CA ASN R 111 29.02 38.08 5.87
CA GLN R 112 26.70 37.14 8.75
CA VAL R 113 23.01 37.04 8.00
CA ALA R 114 22.03 37.23 11.71
CA LEU R 115 18.44 36.12 12.24
CA ASN R 116 17.82 37.92 15.49
CA LEU R 117 14.89 35.86 16.76
CA PRO R 118 12.36 38.91 16.47
CA SER R 119 10.81 37.89 19.85
CA LYS R 120 12.74 37.82 23.24
CA VAL R 121 13.50 33.99 23.39
CA GLU R 122 12.63 34.68 27.09
CA PHE R 123 14.54 32.32 29.26
CA GLU R 124 13.33 31.92 32.80
CA ARG R 125 15.59 34.24 34.92
CA GLY R 126 18.84 32.27 35.39
CA SER R 127 17.52 29.40 33.20
CA ALA R 128 18.38 28.03 29.76
CA GLN R 129 14.87 26.55 29.41
CA ILE R 130 12.58 27.77 26.55
CA VAL R 131 9.00 27.79 28.01
CA SER R 132 7.08 29.26 25.01
CA ALA R 133 5.57 26.41 22.91
CA ASP R 134 5.26 28.92 19.98
CA ILE R 135 8.94 29.70 20.19
CA GLN R 136 9.80 25.97 20.41
CA ASP R 137 7.71 25.29 17.23
CA TYR R 138 9.29 28.22 15.53
CA LEU R 139 12.86 26.90 16.23
CA LYS R 140 11.90 23.46 14.87
CA ARG R 141 10.48 25.01 11.67
CA MET R 142 13.59 27.16 11.32
CA ALA R 143 15.70 24.04 11.76
CA GLU R 144 13.85 22.33 8.93
CA LEU R 145 14.63 25.22 6.58
CA THR R 146 18.29 24.93 7.33
CA THR R 147 18.20 21.58 5.38
CA TYR R 148 17.92 23.66 2.21
CA LEU R 149 21.04 25.70 2.95
CA PRO R 150 24.08 25.07 0.69
CA PRO R 151 26.61 22.59 2.20
CA GLN R 152 29.12 25.50 2.76
CA ALA R 153 26.53 27.45 4.84
CA LYS R 154 27.55 27.75 8.49
CA ILE R 155 25.17 28.21 11.38
CA GLU R 156 26.39 29.87 14.62
CA ILE R 157 24.05 29.82 17.70
CA ARG R 158 25.23 32.54 20.08
CA GLY R 159 24.29 32.71 23.73
CA TYR R 160 24.25 35.78 26.02
CA THR R 161 23.45 36.40 29.67
CA ASP R 162 22.85 39.31 31.99
CA ASN R 163 24.12 37.02 34.86
CA SER R 164 27.17 38.67 36.47
CA ASP R 165 27.35 36.34 39.53
CA SER R 166 30.48 34.55 38.13
CA ILE R 167 32.30 35.10 34.86
CA ILE R 168 32.54 31.30 34.34
CA ARG R 169 28.87 30.82 35.26
CA SER R 170 27.96 33.55 32.85
CA TYR R 171 29.64 31.73 29.96
CA GLU R 172 28.08 28.46 31.10
CA LEU R 173 24.59 29.88 31.23
CA ALA R 174 25.02 31.61 27.86
CA TYR R 175 26.24 28.29 26.40
CA GLN R 176 23.36 26.34 27.95
CA ARG R 177 20.90 28.76 26.34
CA ALA R 178 22.46 28.30 22.90
CA GLU R 179 22.69 24.50 23.44
CA ASN R 180 18.98 24.43 24.28
CA VAL R 181 18.25 26.10 20.91
CA LEU R 182 20.49 23.48 19.21
CA LYS R 183 18.30 20.75 20.85
CA TYR R 184 15.30 22.15 19.03
CA PHE R 185 17.29 22.38 15.78
CA ILE R 186 18.09 18.67 16.24
CA GLU R 187 14.41 17.92 16.91
CA GLY R 188 13.46 19.91 13.83
CA GLY R 189 15.89 17.86 11.59
CA ALA R 190 18.64 20.53 11.01
CA ASN R 191 21.85 19.53 9.17
CA LEU R 192 24.12 19.51 12.16
CA LYS R 193 27.08 19.68 9.76
CA ASN R 194 28.57 23.31 10.10
CA ILE R 195 26.64 24.31 13.30
CA SER R 196 28.64 25.84 16.11
CA ILE R 197 27.72 27.22 19.57
CA LYS R 198 29.24 30.42 20.69
CA SER R 199 29.12 31.65 24.30
CA TYR R 200 29.59 35.40 24.96
CA GLY R 201 28.83 35.33 28.65
CA LEU R 202 28.44 39.06 29.65
CA ASN R 203 30.34 40.20 26.51
CA ASN R 204 28.69 42.12 23.54
CA PRO R 205 25.99 43.68 25.67
CA ILE R 206 23.00 45.37 24.06
CA ASN R 207 23.59 49.19 24.13
CA GLY R 208 26.81 48.61 26.04
CA ASN R 209 24.90 47.49 29.18
CA PRO R 210 25.85 43.85 30.32
CA GLN R 211 23.18 43.82 33.07
CA ALA R 212 20.37 44.62 30.70
CA LEU R 213 17.57 42.01 30.78
CA GLU R 214 17.77 42.07 27.00
CA ASN R 215 21.07 40.26 27.30
CA ASN R 216 19.20 37.10 28.23
CA ARG R 217 19.14 36.20 24.56
CA VAL R 218 20.20 33.79 21.82
CA GLU R 219 21.24 34.90 18.39
CA ILE R 220 21.36 32.54 15.37
CA TYR R 221 23.75 33.53 12.64
CA PHE R 222 23.94 32.10 9.15
CA LYS R 223 27.31 32.33 7.47
CA VAL R 224 28.07 31.55 3.85
CA ASP R 225 31.77 31.72 3.15
CA THR R 226 31.24 32.30 -0.61
CA ALA R 227 32.07 35.22 -2.88
CA ASP R 228 29.06 33.91 -4.93
CA THR R 229 26.39 36.62 -4.52
CA SER R 230 23.56 34.34 -5.91
CA THR R 231 24.20 31.71 -3.16
CA GLN R 232 24.21 34.47 -0.55
C GLN R 232 22.78 35.00 -0.55
CA LYS R 233 20.95 35.92 -1.89
CA SER R 234 19.35 32.46 -1.93
CA VAL R 235 20.41 31.89 1.72
CA LEU R 236 19.13 35.39 2.60
CA GLU R 237 15.83 34.76 0.77
CA LEU R 238 15.45 31.42 2.53
CA ILE R 239 16.27 33.05 5.86
CA ASN R 240 13.83 36.00 5.24
CA LYS R 241 11.15 33.42 4.53
CA ILE R 242 11.95 31.85 7.95
CA GLY R 243 11.96 35.36 9.79
CA THR R 244 8.43 36.49 8.33
CA LYS R 245 6.74 33.41 10.10
CA ALA R 246 8.34 34.18 13.59
CA PRO R 247 5.48 34.26 16.31
#